data_9JSB
#
_entry.id   9JSB
#
_cell.length_a   1.00
_cell.length_b   1.00
_cell.length_c   1.00
_cell.angle_alpha   90.00
_cell.angle_beta   90.00
_cell.angle_gamma   90.00
#
_symmetry.space_group_name_H-M   'P 1'
#
loop_
_entity.id
_entity.type
_entity.pdbx_description
1 polymer Ago
2 polymer DREN-APAZ
3 polymer "RNA (5'-R(P*AP*UP*AP*CP*U)-3')"
4 non-polymer 'MAGNESIUM ION'
#
loop_
_entity_poly.entity_id
_entity_poly.type
_entity_poly.pdbx_seq_one_letter_code
_entity_poly.pdbx_strand_id
1 'polypeptide(L)'
;MTFETRIFDEPELEFGDHHHHQDPRLGLSEAGPLQTFLGDVIKIGVVGNSKTIEDTRKFIETVSSGVEGKGEKHPNMHPP
FPGLGNQSPYRCRFEIEDGATAALTKSKLDKIGKEPDHYRAVEMAVDEIIGELQAMDDGGSRPDVAIIALPVKLLERVWN
AKVDARGTTEKSDSSGSDAPNFRGMLKAKAMGLSFPIQIVWEDVIDDKVTIPQKVKESSSRKIQDIAGRTWNLMTSLYYK
GSGRIPWRRMPLEGEFSACYVGISFYREADGQQLFTSAAQMFDERGRGFVLKGRRARTESRGRHPYMAREDAKKIIEDVL
AAYKLHHKTLPARVFILKTSRFKDEEADGIIAALDEAGTELRDLVWVQESYTARILRDGNYPVLRGTFVDLHGKGLLYTS
GSMPYYGTYPGKYDPNPLLLCPHHTSESTVAQLAEEIFSLTKVNWNSTQMNQRLPIPIRAARKVGEVLKYVGEGEVISAD
YRKYI
;
A,B
2 'polypeptide(L)'
;MTKKITANQIIGEIGENEVRGRFLTLGWQFDGRSRLEAGIDGIAEVMNEGQPMARMIAVQIKSTKEGKYTSESDTSFTYL
LRTQDLAYWRGSNLPVIVVFYRQSDHSFYWKEVSRDAGPGERRLNIDKVADLFNASTVNKLAALTVPKTGLGYYVPPLGG
GEDALINMLPLTLPNEMYIASTTYEPRKAIAVILNGDGPKRFDWVINGGTFWSFHDPRTSACSEIVDIDQVEAINTKELA
LHDDIDEQNRFSHLLRQTLRYQTDSDLGWDKDHKALYFRAIEREVSRNFAYTSSKKKTDANVVSVFKNSKDETRVSFVRH
HAFSPRFELMADQWYLIITPTYYYTTNGYAPHQFAAPLLAGKKRLDKSAALRGQVIMWHRFLTQSDHEDLFHSEETPEAY
LMFGEPPSIHLDVRVPEDGWVKEKVKRIDEAAQGEGLFSDDI
;
D,E
3 'polyribonucleotide' AUACU G,H
#
# COMPACT_ATOMS: atom_id res chain seq x y z
N PHE A 3 37.77 7.03 -2.14
CA PHE A 3 37.52 7.76 -0.90
C PHE A 3 38.32 7.14 0.24
N GLU A 4 37.88 7.41 1.47
CA GLU A 4 38.51 6.84 2.66
C GLU A 4 37.62 5.71 3.18
N THR A 5 38.21 4.52 3.33
CA THR A 5 37.51 3.34 3.81
C THR A 5 37.91 3.06 5.24
N ARG A 6 36.92 2.89 6.11
CA ARG A 6 37.16 2.64 7.53
C ARG A 6 36.56 1.30 7.92
N ILE A 7 37.36 0.45 8.55
CA ILE A 7 36.93 -0.85 9.06
C ILE A 7 37.29 -0.90 10.54
N PHE A 8 36.28 -0.91 11.40
CA PHE A 8 36.48 -0.89 12.84
C PHE A 8 36.57 -2.31 13.40
N ASP A 9 37.03 -2.40 14.65
CA ASP A 9 37.26 -3.67 15.30
C ASP A 9 36.09 -4.04 16.20
N GLU A 10 36.21 -5.19 16.85
CA GLU A 10 35.21 -5.68 17.78
C GLU A 10 35.31 -4.93 19.12
N PRO A 11 34.19 -4.58 19.72
CA PRO A 11 34.22 -3.90 21.02
C PRO A 11 34.45 -4.88 22.17
N GLU A 12 34.60 -4.32 23.36
CA GLU A 12 34.94 -5.09 24.55
C GLU A 12 33.69 -5.35 25.37
N LEU A 13 33.36 -6.62 25.55
CA LEU A 13 32.26 -7.04 26.40
C LEU A 13 32.82 -7.48 27.75
N GLU A 14 32.20 -7.00 28.82
CA GLU A 14 32.66 -7.33 30.17
C GLU A 14 31.94 -8.58 30.66
N PHE A 15 32.70 -9.53 31.20
CA PHE A 15 32.16 -10.79 31.67
C PHE A 15 32.65 -11.04 33.10
N GLY A 16 31.72 -11.34 33.99
CA GLY A 16 32.08 -11.74 35.34
C GLY A 16 32.72 -10.61 36.12
N ASP A 17 33.93 -10.85 36.60
CA ASP A 17 34.70 -9.87 37.37
C ASP A 17 36.00 -9.58 36.60
N HIS A 18 35.96 -8.50 35.80
CA HIS A 18 37.12 -7.94 35.11
C HIS A 18 37.77 -8.96 34.16
N HIS A 19 37.01 -9.33 33.14
CA HIS A 19 37.48 -10.21 32.08
C HIS A 19 37.25 -9.55 30.73
N HIS A 20 38.13 -9.84 29.78
CA HIS A 20 38.12 -9.16 28.48
C HIS A 20 37.04 -9.76 27.58
N HIS A 21 37.08 -9.40 26.30
CA HIS A 21 36.04 -9.76 25.35
C HIS A 21 36.41 -11.02 24.58
N GLN A 22 35.42 -11.89 24.41
CA GLN A 22 35.49 -13.04 23.53
C GLN A 22 34.14 -13.12 22.83
N ASP A 23 33.83 -14.27 22.24
CA ASP A 23 32.46 -14.52 21.82
C ASP A 23 31.57 -14.64 23.06
N PRO A 24 30.27 -14.37 22.92
CA PRO A 24 29.37 -14.44 24.10
C PRO A 24 29.29 -15.82 24.74
N ARG A 25 29.67 -16.89 24.04
CA ARG A 25 29.73 -18.21 24.65
C ARG A 25 31.01 -18.38 25.46
N LEU A 26 32.15 -18.01 24.88
CA LEU A 26 33.43 -18.21 25.57
C LEU A 26 33.63 -17.25 26.72
N GLY A 27 33.11 -16.03 26.61
CA GLY A 27 33.11 -15.12 27.74
C GLY A 27 32.23 -15.59 28.88
N LEU A 28 31.11 -16.24 28.55
CA LEU A 28 30.20 -16.79 29.54
C LEU A 28 30.54 -18.23 29.91
N SER A 29 31.80 -18.62 29.79
CA SER A 29 32.27 -19.93 30.23
C SER A 29 33.41 -19.86 31.22
N GLU A 30 34.17 -18.76 31.28
CA GLU A 30 35.29 -18.62 32.20
C GLU A 30 35.04 -17.62 33.30
N ALA A 31 34.10 -16.70 33.13
CA ALA A 31 33.83 -15.66 34.12
C ALA A 31 32.38 -15.65 34.59
N GLY A 32 31.43 -15.89 33.70
CA GLY A 32 30.03 -15.91 34.06
C GLY A 32 29.40 -14.53 34.03
N PRO A 33 28.18 -14.42 34.54
CA PRO A 33 27.48 -13.12 34.55
C PRO A 33 28.07 -12.10 35.51
N LEU A 34 27.49 -10.90 35.53
CA LEU A 34 28.07 -9.77 36.23
C LEU A 34 27.98 -9.94 37.74
N GLN A 35 28.75 -9.12 38.46
CA GLN A 35 28.92 -9.23 39.91
C GLN A 35 27.80 -8.49 40.61
N THR A 36 26.78 -9.23 41.04
CA THR A 36 25.69 -8.70 41.83
C THR A 36 25.05 -9.86 42.60
N PHE A 37 24.97 -9.72 43.92
CA PHE A 37 24.53 -10.83 44.78
C PHE A 37 22.99 -10.91 44.78
N LEU A 38 22.46 -11.51 43.72
CA LEU A 38 21.03 -11.76 43.61
C LEU A 38 20.72 -13.18 44.06
N GLY A 39 19.48 -13.62 43.83
CA GLY A 39 19.09 -14.97 44.20
C GLY A 39 19.69 -15.99 43.26
N ASP A 40 20.18 -17.09 43.82
CA ASP A 40 20.85 -18.13 43.06
C ASP A 40 19.92 -19.26 42.62
N VAL A 41 18.61 -19.13 42.88
CA VAL A 41 17.65 -20.17 42.55
C VAL A 41 16.65 -19.59 41.56
N ILE A 42 16.51 -20.26 40.41
CA ILE A 42 15.49 -19.94 39.42
C ILE A 42 14.61 -21.16 39.25
N LYS A 43 13.31 -20.99 39.49
CA LYS A 43 12.36 -22.09 39.32
C LYS A 43 11.84 -22.09 37.89
N ILE A 44 11.94 -23.24 37.23
CA ILE A 44 11.82 -23.33 35.78
C ILE A 44 10.59 -24.16 35.43
N GLY A 45 9.51 -23.99 36.19
CA GLY A 45 8.28 -24.76 36.03
C GLY A 45 7.74 -24.85 34.62
N VAL A 46 7.81 -26.06 34.04
CA VAL A 46 7.52 -26.31 32.64
C VAL A 46 6.03 -26.53 32.47
N VAL A 47 5.47 -26.01 31.37
CA VAL A 47 4.08 -26.21 31.01
C VAL A 47 4.03 -26.91 29.67
N GLY A 48 3.27 -28.00 29.59
CA GLY A 48 3.14 -28.80 28.38
C GLY A 48 2.31 -30.03 28.65
N ASN A 49 2.47 -31.08 27.86
CA ASN A 49 1.84 -32.35 28.20
C ASN A 49 2.82 -33.18 29.01
N SER A 50 2.51 -34.47 29.21
CA SER A 50 3.37 -35.34 30.01
C SER A 50 4.69 -35.61 29.31
N LYS A 51 4.66 -35.82 27.99
CA LYS A 51 5.88 -36.15 27.25
C LYS A 51 6.83 -34.97 27.19
N THR A 52 6.31 -33.76 26.92
CA THR A 52 7.17 -32.59 26.83
C THR A 52 7.75 -32.18 28.17
N ILE A 53 6.95 -32.29 29.25
CA ILE A 53 7.47 -32.02 30.58
C ILE A 53 8.53 -33.06 30.96
N GLU A 54 8.28 -34.33 30.61
CA GLU A 54 9.22 -35.40 30.93
C GLU A 54 10.54 -35.23 30.21
N ASP A 55 10.50 -34.95 28.89
CA ASP A 55 11.78 -34.79 28.22
C ASP A 55 12.41 -33.42 28.43
N THR A 56 11.65 -32.42 28.89
CA THR A 56 12.27 -31.19 29.36
C THR A 56 13.04 -31.42 30.65
N ARG A 57 12.47 -32.22 31.56
CA ARG A 57 13.21 -32.61 32.76
C ARG A 57 14.43 -33.46 32.40
N LYS A 58 14.29 -34.33 31.38
CA LYS A 58 15.43 -35.08 30.88
C LYS A 58 16.48 -34.17 30.24
N PHE A 59 16.05 -33.10 29.58
CA PHE A 59 16.98 -32.11 29.04
C PHE A 59 17.76 -31.43 30.16
N ILE A 60 17.07 -31.02 31.22
CA ILE A 60 17.74 -30.38 32.35
C ILE A 60 18.68 -31.35 33.05
N GLU A 61 18.29 -32.62 33.14
CA GLU A 61 19.15 -33.61 33.77
C GLU A 61 20.38 -33.92 32.92
N THR A 62 20.22 -33.99 31.60
CA THR A 62 21.29 -34.45 30.73
C THR A 62 22.35 -33.39 30.44
N VAL A 63 22.10 -32.13 30.74
CA VAL A 63 23.12 -31.09 30.58
C VAL A 63 23.67 -30.63 31.91
N SER A 64 23.22 -31.21 33.02
CA SER A 64 23.86 -30.95 34.30
C SER A 64 25.21 -31.65 34.42
N SER A 65 25.45 -32.67 33.60
CA SER A 65 26.75 -33.32 33.50
C SER A 65 27.60 -32.69 32.40
N GLY A 66 27.01 -32.48 31.23
CA GLY A 66 27.71 -31.80 30.16
C GLY A 66 27.74 -32.56 28.85
N VAL A 67 27.30 -31.91 27.76
CA VAL A 67 27.36 -32.50 26.43
C VAL A 67 28.61 -32.00 25.73
N GLU A 68 29.14 -32.81 24.83
CA GLU A 68 30.39 -32.52 24.12
C GLU A 68 30.17 -32.51 22.61
N GLY A 69 29.11 -31.86 22.16
CA GLY A 69 28.85 -31.77 20.74
C GLY A 69 29.80 -30.79 20.06
N LYS A 70 30.18 -31.12 18.84
CA LYS A 70 31.07 -30.29 18.04
C LYS A 70 30.85 -30.62 16.58
N GLY A 71 31.70 -30.07 15.71
CA GLY A 71 31.59 -30.35 14.29
C GLY A 71 32.44 -29.38 13.49
N GLU A 72 32.44 -29.60 12.18
CA GLU A 72 33.16 -28.82 11.16
C GLU A 72 34.66 -28.87 11.49
N LYS A 73 35.39 -27.77 11.33
CA LYS A 73 36.81 -27.73 11.60
C LYS A 73 37.25 -26.63 12.55
N HIS A 74 36.48 -25.56 12.71
CA HIS A 74 36.89 -24.44 13.53
C HIS A 74 36.48 -24.67 14.98
N PRO A 75 37.42 -24.73 15.92
CA PRO A 75 37.04 -24.90 17.33
C PRO A 75 36.54 -23.63 17.99
N ASN A 76 36.65 -22.47 17.33
CA ASN A 76 36.15 -21.23 17.89
C ASN A 76 34.64 -21.09 17.67
N MET A 77 34.12 -21.61 16.56
CA MET A 77 32.71 -21.44 16.25
C MET A 77 31.81 -22.35 17.09
N HIS A 78 32.29 -23.56 17.38
CA HIS A 78 31.43 -24.51 18.08
C HIS A 78 32.05 -25.12 19.34
N PRO A 79 32.25 -24.30 20.37
CA PRO A 79 32.73 -24.88 21.63
C PRO A 79 31.60 -25.69 22.26
N PRO A 80 31.93 -26.68 23.09
CA PRO A 80 30.88 -27.53 23.66
C PRO A 80 30.15 -26.89 24.82
N PHE A 81 29.01 -27.44 25.22
CA PHE A 81 28.27 -26.91 26.37
C PHE A 81 28.42 -27.87 27.54
N PRO A 82 29.31 -27.60 28.49
CA PRO A 82 29.51 -28.52 29.61
C PRO A 82 28.45 -28.35 30.69
N GLY A 83 28.68 -28.96 31.85
CA GLY A 83 27.61 -29.20 32.82
C GLY A 83 26.99 -27.92 33.36
N LEU A 84 25.74 -28.05 33.80
CA LEU A 84 24.93 -26.96 34.30
C LEU A 84 24.92 -26.87 35.83
N GLY A 85 25.55 -27.82 36.52
CA GLY A 85 25.42 -27.86 37.97
C GLY A 85 26.71 -27.96 38.75
N ASN A 86 27.84 -28.14 38.06
CA ASN A 86 29.12 -28.32 38.74
C ASN A 86 30.06 -27.13 38.57
N GLN A 87 30.39 -26.77 37.33
CA GLN A 87 31.28 -25.64 37.11
C GLN A 87 30.54 -24.33 36.91
N SER A 88 29.19 -24.40 36.83
CA SER A 88 28.25 -23.48 36.19
C SER A 88 28.62 -22.01 36.32
N PRO A 89 28.75 -21.29 35.20
CA PRO A 89 29.17 -19.89 35.26
C PRO A 89 28.18 -18.97 35.98
N TYR A 90 26.89 -19.29 35.93
CA TYR A 90 25.88 -18.48 36.59
C TYR A 90 25.92 -18.60 38.11
N ARG A 91 26.63 -19.61 38.65
CA ARG A 91 26.65 -19.95 40.08
C ARG A 91 25.23 -20.16 40.59
N CYS A 92 24.41 -20.81 39.78
CA CYS A 92 22.97 -20.88 39.97
C CYS A 92 22.50 -22.32 39.93
N ARG A 93 21.38 -22.58 40.60
CA ARG A 93 20.74 -23.88 40.59
C ARG A 93 19.56 -23.84 39.63
N PHE A 94 19.64 -24.64 38.56
CA PHE A 94 18.54 -24.76 37.61
C PHE A 94 17.59 -25.83 38.12
N GLU A 95 16.81 -25.45 39.14
CA GLU A 95 16.01 -26.39 39.91
C GLU A 95 14.59 -26.42 39.39
N ILE A 96 14.05 -27.62 39.21
CA ILE A 96 12.67 -27.84 38.80
C ILE A 96 11.93 -28.50 39.96
N GLU A 97 10.73 -28.00 40.26
CA GLU A 97 9.94 -28.46 41.39
C GLU A 97 8.64 -29.08 40.92
N ASP A 98 8.14 -30.02 41.70
CA ASP A 98 6.83 -30.62 41.45
C ASP A 98 5.73 -29.62 41.77
N GLY A 99 4.59 -29.80 41.12
CA GLY A 99 3.45 -28.90 41.23
C GLY A 99 3.45 -27.80 40.19
N ALA A 100 4.62 -27.22 39.92
CA ALA A 100 4.73 -26.26 38.84
C ALA A 100 4.63 -26.92 37.48
N THR A 101 5.05 -28.18 37.36
CA THR A 101 4.95 -28.93 36.12
C THR A 101 3.47 -29.29 35.93
N ALA A 102 2.77 -28.45 35.18
CA ALA A 102 1.33 -28.59 34.98
C ALA A 102 1.04 -29.15 33.59
N ALA A 103 0.25 -30.23 33.56
CA ALA A 103 0.01 -30.95 32.32
C ALA A 103 -1.14 -30.30 31.52
N LEU A 104 -1.14 -30.56 30.22
CA LEU A 104 -2.18 -30.07 29.31
C LEU A 104 -3.10 -31.17 28.82
N THR A 105 -2.99 -32.37 29.37
CA THR A 105 -3.75 -33.58 28.99
C THR A 105 -3.53 -33.87 27.50
N LYS A 106 -4.55 -34.40 26.83
CA LYS A 106 -4.43 -34.71 25.41
C LYS A 106 -5.64 -34.19 24.62
N SER A 107 -6.78 -34.07 25.31
CA SER A 107 -8.00 -33.61 24.64
C SER A 107 -7.91 -32.14 24.25
N LYS A 108 -7.31 -31.32 25.12
CA LYS A 108 -7.20 -29.89 24.85
C LYS A 108 -6.22 -29.62 23.72
N LEU A 109 -5.14 -30.41 23.63
CA LEU A 109 -4.21 -30.27 22.52
C LEU A 109 -4.88 -30.58 21.19
N ASP A 110 -5.71 -31.63 21.15
CA ASP A 110 -6.46 -31.94 19.94
C ASP A 110 -7.48 -30.86 19.62
N LYS A 111 -8.16 -30.33 20.65
CA LYS A 111 -9.19 -29.31 20.40
C LYS A 111 -8.60 -27.97 19.99
N ILE A 112 -7.32 -27.70 20.30
CA ILE A 112 -6.68 -26.50 19.79
C ILE A 112 -5.90 -26.76 18.50
N GLY A 113 -5.63 -28.02 18.17
CA GLY A 113 -4.97 -28.35 16.93
C GLY A 113 -5.87 -28.83 15.81
N LYS A 114 -7.18 -28.91 16.04
CA LYS A 114 -8.11 -29.40 15.03
C LYS A 114 -8.91 -28.30 14.34
N GLU A 115 -9.03 -27.12 14.93
CA GLU A 115 -9.80 -26.05 14.28
C GLU A 115 -8.99 -25.43 13.14
N PRO A 116 -9.56 -25.31 11.95
CA PRO A 116 -8.78 -24.81 10.80
C PRO A 116 -8.55 -23.31 10.81
N ASP A 117 -9.10 -22.56 11.75
CA ASP A 117 -8.88 -21.13 11.81
C ASP A 117 -7.48 -20.83 12.32
N HIS A 118 -6.75 -19.96 11.60
CA HIS A 118 -5.39 -19.63 11.99
C HIS A 118 -5.36 -18.75 13.23
N TYR A 119 -6.23 -17.75 13.30
CA TYR A 119 -6.28 -16.84 14.44
C TYR A 119 -6.82 -17.55 15.68
N ARG A 120 -7.92 -18.30 15.52
CA ARG A 120 -8.62 -18.85 16.68
C ARG A 120 -7.80 -19.92 17.39
N ALA A 121 -7.06 -20.73 16.63
CA ALA A 121 -6.31 -21.84 17.21
C ALA A 121 -5.18 -21.33 18.10
N VAL A 122 -4.39 -20.39 17.59
CA VAL A 122 -3.33 -19.79 18.40
C VAL A 122 -3.94 -18.94 19.53
N GLU A 123 -5.16 -18.41 19.34
CA GLU A 123 -5.82 -17.70 20.42
C GLU A 123 -6.15 -18.61 21.59
N MET A 124 -6.71 -19.80 21.33
CA MET A 124 -7.01 -20.69 22.46
C MET A 124 -5.74 -21.31 23.02
N ALA A 125 -4.73 -21.54 22.17
CA ALA A 125 -3.46 -22.07 22.65
C ALA A 125 -2.76 -21.08 23.56
N VAL A 126 -2.90 -19.78 23.28
CA VAL A 126 -2.39 -18.75 24.18
C VAL A 126 -3.21 -18.70 25.45
N ASP A 127 -4.54 -18.71 25.31
CA ASP A 127 -5.42 -18.43 26.45
C ASP A 127 -5.41 -19.57 27.48
N GLU A 128 -5.36 -20.82 27.02
CA GLU A 128 -5.36 -21.95 27.94
C GLU A 128 -4.09 -21.97 28.80
N ILE A 129 -2.94 -21.75 28.17
CA ILE A 129 -1.70 -21.72 28.93
C ILE A 129 -1.55 -20.43 29.73
N ILE A 130 -2.21 -19.34 29.32
CA ILE A 130 -2.22 -18.14 30.15
C ILE A 130 -3.04 -18.37 31.42
N GLY A 131 -4.19 -19.05 31.30
CA GLY A 131 -4.92 -19.47 32.48
C GLY A 131 -4.15 -20.44 33.34
N GLU A 132 -3.36 -21.32 32.72
CA GLU A 132 -2.50 -22.23 33.47
C GLU A 132 -1.43 -21.48 34.26
N LEU A 133 -0.82 -20.46 33.66
CA LEU A 133 0.18 -19.66 34.37
C LEU A 133 -0.48 -18.79 35.45
N GLN A 134 -1.71 -18.33 35.22
CA GLN A 134 -2.45 -17.61 36.25
C GLN A 134 -2.77 -18.51 37.43
N ALA A 135 -3.13 -19.76 37.17
CA ALA A 135 -3.30 -20.75 38.23
C ALA A 135 -1.98 -21.13 38.89
N MET A 136 -0.86 -20.93 38.20
CA MET A 136 0.44 -21.08 38.83
C MET A 136 0.79 -19.89 39.71
N ASP A 137 0.29 -18.70 39.39
CA ASP A 137 0.71 -17.48 40.09
C ASP A 137 0.08 -17.32 41.47
N ASP A 138 -0.96 -18.09 41.81
CA ASP A 138 -1.66 -17.84 43.07
C ASP A 138 -0.83 -18.25 44.27
N GLY A 139 -0.05 -19.32 44.18
CA GLY A 139 0.80 -19.72 45.28
C GLY A 139 1.33 -21.11 45.10
N GLY A 140 2.13 -21.53 46.09
CA GLY A 140 2.73 -22.84 46.09
C GLY A 140 4.25 -22.81 45.99
N SER A 141 4.77 -21.92 45.14
CA SER A 141 6.19 -21.76 44.94
C SER A 141 6.44 -20.38 44.34
N ARG A 142 7.64 -20.16 43.80
CA ARG A 142 7.99 -18.93 43.12
C ARG A 142 8.56 -19.29 41.75
N PRO A 143 7.69 -19.56 40.77
CA PRO A 143 8.19 -19.94 39.43
C PRO A 143 8.72 -18.76 38.65
N ASP A 144 10.01 -18.45 38.83
CA ASP A 144 10.61 -17.26 38.26
C ASP A 144 10.53 -17.25 36.72
N VAL A 145 10.77 -18.38 36.09
CA VAL A 145 10.55 -18.51 34.65
C VAL A 145 9.54 -19.61 34.40
N ALA A 146 9.24 -19.85 33.12
CA ALA A 146 8.32 -20.92 32.74
C ALA A 146 8.68 -21.33 31.32
N ILE A 147 9.29 -22.51 31.18
CA ILE A 147 9.59 -23.03 29.85
C ILE A 147 8.30 -23.51 29.20
N ILE A 148 8.00 -22.97 28.03
CA ILE A 148 6.79 -23.32 27.28
C ILE A 148 7.22 -24.34 26.23
N ALA A 149 6.94 -25.62 26.50
CA ALA A 149 7.29 -26.71 25.60
C ALA A 149 6.09 -27.05 24.74
N LEU A 150 6.30 -27.15 23.42
CA LEU A 150 5.22 -27.32 22.47
C LEU A 150 5.28 -28.70 21.84
N PRO A 151 4.22 -29.52 21.93
CA PRO A 151 4.21 -30.80 21.19
C PRO A 151 4.13 -30.57 19.69
N VAL A 152 4.31 -31.68 18.95
CA VAL A 152 4.46 -31.63 17.49
C VAL A 152 3.17 -31.11 16.84
N LYS A 153 2.02 -31.57 17.32
CA LYS A 153 0.75 -31.08 16.78
C LYS A 153 0.54 -29.61 17.08
N LEU A 154 0.85 -29.18 18.31
CA LEU A 154 0.77 -27.76 18.66
C LEU A 154 1.79 -26.94 17.87
N LEU A 155 2.99 -27.48 17.69
CA LEU A 155 4.03 -26.81 16.90
C LEU A 155 3.59 -26.59 15.47
N GLU A 156 3.06 -27.64 14.83
CA GLU A 156 2.59 -27.55 13.46
C GLU A 156 1.42 -26.59 13.34
N ARG A 157 0.51 -26.62 14.34
CA ARG A 157 -0.65 -25.74 14.30
C ARG A 157 -0.24 -24.27 14.41
N VAL A 158 0.59 -23.93 15.41
CA VAL A 158 0.95 -22.53 15.59
C VAL A 158 1.98 -22.05 14.57
N TRP A 159 2.65 -22.95 13.85
CA TRP A 159 3.51 -22.50 12.77
C TRP A 159 2.76 -22.33 11.45
N ASN A 160 1.83 -23.24 11.14
CA ASN A 160 1.04 -23.11 9.94
C ASN A 160 -0.05 -22.06 10.06
N ALA A 161 -0.39 -21.63 11.28
CA ALA A 161 -1.22 -20.45 11.43
C ALA A 161 -0.47 -19.19 11.05
N LYS A 162 0.86 -19.22 11.06
CA LYS A 162 1.68 -18.06 10.73
C LYS A 162 2.11 -18.07 9.27
N VAL A 163 2.63 -19.20 8.77
CA VAL A 163 3.19 -19.21 7.42
C VAL A 163 2.13 -19.36 6.33
N ASP A 164 0.93 -19.83 6.68
CA ASP A 164 -0.12 -20.03 5.68
C ASP A 164 -1.25 -19.00 5.82
N ALA A 165 -1.07 -17.98 6.66
CA ALA A 165 -2.05 -16.92 6.77
C ALA A 165 -1.88 -15.85 5.70
N ARG A 166 -0.81 -15.93 4.91
CA ARG A 166 -0.51 -15.02 3.80
C ARG A 166 -0.44 -13.56 4.26
N GLY A 167 0.26 -13.35 5.38
CA GLY A 167 0.45 -12.00 5.87
C GLY A 167 1.46 -11.24 5.04
N THR A 168 1.32 -9.92 5.03
CA THR A 168 2.19 -9.04 4.28
C THR A 168 3.16 -8.33 5.20
N THR A 169 4.22 -7.79 4.60
CA THR A 169 5.24 -7.02 5.31
C THR A 169 5.21 -5.56 4.86
N GLU A 170 5.84 -4.71 5.66
CA GLU A 170 5.93 -3.29 5.37
C GLU A 170 7.32 -2.80 5.75
N LYS A 171 7.74 -1.73 5.08
CA LYS A 171 9.10 -1.22 5.28
C LYS A 171 9.27 -0.60 6.67
N SER A 172 8.35 0.27 7.07
CA SER A 172 8.47 0.99 8.32
C SER A 172 7.76 0.31 9.48
N ASP A 173 7.03 -0.76 9.23
CA ASP A 173 6.37 -1.52 10.29
C ASP A 173 7.40 -2.39 10.99
N SER A 174 7.69 -2.05 12.24
CA SER A 174 8.70 -2.75 13.04
C SER A 174 8.09 -3.87 13.89
N SER A 175 7.30 -4.72 13.29
CA SER A 175 6.64 -5.76 14.07
C SER A 175 6.75 -7.14 13.45
N GLY A 176 6.86 -7.22 12.12
CA GLY A 176 6.95 -8.51 11.49
C GLY A 176 6.18 -8.61 10.19
N SER A 177 5.33 -9.62 10.07
CA SER A 177 4.71 -9.94 8.79
C SER A 177 3.22 -10.22 8.91
N ASP A 178 2.53 -9.55 9.84
CA ASP A 178 1.07 -9.45 9.96
C ASP A 178 0.40 -10.77 10.35
N ALA A 179 1.11 -11.88 10.42
CA ALA A 179 0.53 -13.16 10.73
C ALA A 179 0.31 -13.29 12.24
N PRO A 180 -0.63 -14.14 12.67
CA PRO A 180 -0.79 -14.39 14.11
C PRO A 180 0.45 -15.04 14.72
N ASN A 181 1.11 -14.32 15.62
CA ASN A 181 2.36 -14.77 16.22
C ASN A 181 2.06 -15.36 17.60
N PHE A 182 2.41 -16.64 17.78
CA PHE A 182 2.26 -17.28 19.07
C PHE A 182 3.17 -16.64 20.12
N ARG A 183 4.40 -16.32 19.72
CA ARG A 183 5.38 -15.77 20.66
C ARG A 183 4.96 -14.39 21.16
N GLY A 184 4.59 -13.50 20.22
CA GLY A 184 4.18 -12.17 20.61
C GLY A 184 2.89 -12.16 21.42
N MET A 185 1.93 -13.01 21.06
CA MET A 185 0.68 -13.09 21.81
C MET A 185 0.90 -13.60 23.22
N LEU A 186 1.76 -14.61 23.37
CA LEU A 186 2.06 -15.13 24.71
C LEU A 186 2.77 -14.10 25.57
N LYS A 187 3.74 -13.38 24.99
CA LYS A 187 4.44 -12.35 25.75
C LYS A 187 3.54 -11.16 26.06
N ALA A 188 2.58 -10.85 25.19
CA ALA A 188 1.66 -9.74 25.46
C ALA A 188 0.67 -10.10 26.56
N LYS A 189 0.08 -11.30 26.50
CA LYS A 189 -0.88 -11.71 27.50
C LYS A 189 -0.22 -12.12 28.81
N ALA A 190 1.09 -12.34 28.82
CA ALA A 190 1.83 -12.57 30.05
C ALA A 190 2.50 -11.30 30.58
N MET A 191 2.15 -10.13 30.04
CA MET A 191 2.73 -8.89 30.51
C MET A 191 2.22 -8.54 31.90
N GLY A 192 0.92 -8.73 32.14
CA GLY A 192 0.38 -8.57 33.49
C GLY A 192 0.80 -9.66 34.43
N LEU A 193 1.23 -10.80 33.90
CA LEU A 193 1.77 -11.89 34.71
C LEU A 193 3.12 -11.48 35.28
N SER A 194 3.60 -12.25 36.26
CA SER A 194 4.91 -12.04 36.84
C SER A 194 5.96 -12.98 36.25
N PHE A 195 5.63 -13.66 35.15
CA PHE A 195 6.48 -14.72 34.62
C PHE A 195 7.16 -14.28 33.33
N PRO A 196 8.47 -14.07 33.33
CA PRO A 196 9.19 -14.04 32.05
C PRO A 196 9.29 -15.44 31.48
N ILE A 197 8.53 -15.72 30.42
CA ILE A 197 8.36 -17.07 29.90
C ILE A 197 9.30 -17.32 28.74
N GLN A 198 9.64 -18.58 28.53
CA GLN A 198 10.51 -19.01 27.45
C GLN A 198 9.80 -20.07 26.61
N ILE A 199 9.78 -19.86 25.29
CA ILE A 199 9.08 -20.75 24.36
C ILE A 199 10.11 -21.59 23.61
N VAL A 200 9.98 -22.90 23.72
CA VAL A 200 10.92 -23.85 23.10
C VAL A 200 10.14 -24.81 22.22
N TRP A 201 10.88 -25.62 21.47
CA TRP A 201 10.35 -26.73 20.67
C TRP A 201 10.97 -28.03 21.19
N GLU A 202 10.45 -29.17 20.72
CA GLU A 202 11.06 -30.43 21.10
C GLU A 202 12.28 -30.78 20.26
N ASP A 203 12.49 -30.09 19.13
CA ASP A 203 13.74 -30.28 18.39
C ASP A 203 14.92 -29.79 19.20
N VAL A 204 14.71 -28.77 20.02
CA VAL A 204 15.73 -28.33 20.96
C VAL A 204 15.98 -29.41 22.01
N ILE A 205 14.92 -30.11 22.42
CA ILE A 205 15.05 -31.12 23.47
C ILE A 205 15.66 -32.41 22.92
N ASP A 206 15.00 -33.03 21.94
CA ASP A 206 15.48 -34.29 21.38
C ASP A 206 15.18 -34.32 19.89
N ASP A 207 16.22 -34.52 19.08
CA ASP A 207 16.05 -34.59 17.63
C ASP A 207 15.82 -36.03 17.15
N LYS A 208 14.85 -36.69 17.77
CA LYS A 208 14.47 -38.04 17.39
C LYS A 208 13.10 -38.10 16.72
N VAL A 209 12.26 -37.09 16.91
CA VAL A 209 10.97 -37.00 16.25
C VAL A 209 11.11 -36.07 15.04
N THR A 210 10.64 -36.52 13.89
CA THR A 210 10.82 -35.74 12.67
C THR A 210 9.82 -34.60 12.60
N ILE A 211 10.32 -33.44 12.15
CA ILE A 211 9.50 -32.29 11.84
C ILE A 211 8.88 -32.55 10.46
N PRO A 212 7.59 -32.29 10.27
CA PRO A 212 6.95 -32.57 8.98
C PRO A 212 7.53 -31.74 7.84
N GLN A 213 7.35 -32.26 6.61
CA GLN A 213 8.00 -31.69 5.44
C GLN A 213 7.48 -30.30 5.11
N LYS A 214 6.20 -30.05 5.36
CA LYS A 214 5.65 -28.70 5.15
C LYS A 214 6.29 -27.69 6.10
N VAL A 215 6.46 -28.07 7.36
CA VAL A 215 7.08 -27.20 8.34
C VAL A 215 8.57 -27.03 8.03
N LYS A 216 9.22 -28.08 7.56
CA LYS A 216 10.63 -28.00 7.20
C LYS A 216 10.86 -27.07 6.01
N GLU A 217 10.03 -27.21 4.97
CA GLU A 217 10.22 -26.42 3.76
C GLU A 217 9.75 -24.98 3.94
N SER A 218 8.68 -24.76 4.72
CA SER A 218 8.14 -23.43 4.88
C SER A 218 8.90 -22.59 5.90
N SER A 219 9.83 -23.18 6.65
CA SER A 219 10.62 -22.45 7.62
C SER A 219 12.12 -22.54 7.36
N SER A 220 12.56 -23.41 6.44
CA SER A 220 13.97 -23.69 6.17
C SER A 220 14.70 -24.09 7.45
N ARG A 221 14.09 -25.01 8.20
CA ARG A 221 14.59 -25.38 9.52
C ARG A 221 15.80 -26.30 9.39
N LYS A 222 16.92 -25.88 9.98
CA LYS A 222 18.13 -26.72 10.07
C LYS A 222 18.81 -26.34 11.39
N ILE A 223 18.48 -27.09 12.44
CA ILE A 223 18.93 -26.78 13.80
C ILE A 223 20.40 -27.15 13.95
N GLN A 224 21.02 -26.67 15.02
CA GLN A 224 22.43 -26.93 15.28
C GLN A 224 22.59 -28.27 15.99
N ASP A 225 23.79 -28.53 16.51
CA ASP A 225 24.07 -29.75 17.24
C ASP A 225 23.48 -29.65 18.66
N ILE A 226 23.75 -30.66 19.49
CA ILE A 226 23.21 -30.69 20.84
C ILE A 226 23.85 -29.60 21.70
N ALA A 227 25.18 -29.47 21.61
CA ALA A 227 25.88 -28.43 22.37
C ALA A 227 25.60 -27.04 21.83
N GLY A 228 25.23 -26.91 20.56
CA GLY A 228 24.94 -25.61 19.97
C GLY A 228 23.53 -25.12 20.17
N ARG A 229 22.62 -25.98 20.65
CA ARG A 229 21.23 -25.60 20.88
C ARG A 229 20.96 -25.17 22.32
N THR A 230 21.71 -25.70 23.28
CA THR A 230 21.55 -25.29 24.67
C THR A 230 22.39 -24.07 25.02
N TRP A 231 23.21 -23.58 24.10
CA TRP A 231 24.00 -22.38 24.38
C TRP A 231 23.14 -21.13 24.35
N ASN A 232 22.22 -21.06 23.40
CA ASN A 232 21.34 -19.91 23.27
C ASN A 232 20.04 -20.05 24.05
N LEU A 233 19.88 -21.13 24.82
CA LEU A 233 18.66 -21.35 25.58
C LEU A 233 18.85 -21.17 27.09
N MET A 234 19.93 -21.70 27.66
CA MET A 234 20.17 -21.52 29.08
C MET A 234 20.58 -20.09 29.39
N THR A 235 21.24 -19.41 28.46
CA THR A 235 21.56 -18.00 28.62
C THR A 235 20.29 -17.16 28.64
N SER A 236 19.34 -17.45 27.74
CA SER A 236 18.05 -16.78 27.77
C SER A 236 17.27 -17.14 29.02
N LEU A 237 17.50 -18.33 29.58
CA LEU A 237 16.83 -18.72 30.81
C LEU A 237 17.37 -17.95 32.01
N TYR A 238 18.69 -17.75 32.07
CA TYR A 238 19.25 -16.97 33.16
C TYR A 238 18.95 -15.49 33.01
N TYR A 239 18.83 -15.01 31.77
CA TYR A 239 18.50 -13.60 31.55
C TYR A 239 17.12 -13.26 32.08
N LYS A 240 16.15 -14.15 31.86
CA LYS A 240 14.76 -13.85 32.18
C LYS A 240 14.45 -13.97 33.68
N GLY A 241 15.04 -14.95 34.35
CA GLY A 241 14.63 -15.26 35.71
C GLY A 241 15.48 -14.66 36.81
N SER A 242 16.32 -13.69 36.48
CA SER A 242 17.18 -13.06 37.46
C SER A 242 17.10 -11.55 37.48
N GLY A 243 16.72 -10.90 36.39
CA GLY A 243 16.73 -9.46 36.33
C GLY A 243 18.11 -8.85 36.15
N ARG A 244 19.12 -9.66 35.87
CA ARG A 244 20.49 -9.19 35.66
C ARG A 244 20.88 -9.51 34.22
N ILE A 245 21.52 -8.55 33.56
CA ILE A 245 22.07 -8.78 32.23
C ILE A 245 23.35 -9.60 32.36
N PRO A 246 23.57 -10.59 31.50
CA PRO A 246 24.75 -11.47 31.68
C PRO A 246 26.08 -10.81 31.34
N TRP A 247 26.15 -10.07 30.25
CA TRP A 247 27.38 -9.40 29.84
C TRP A 247 27.15 -7.90 29.74
N ARG A 248 28.25 -7.15 29.81
CA ARG A 248 28.19 -5.70 29.78
C ARG A 248 29.09 -5.16 28.68
N ARG A 249 28.52 -4.34 27.81
CA ARG A 249 29.26 -3.64 26.78
C ARG A 249 29.99 -2.44 27.37
N MET A 250 31.05 -2.02 26.70
CA MET A 250 31.88 -0.92 27.19
C MET A 250 31.98 0.17 26.14
N PRO A 251 31.45 1.37 26.40
CA PRO A 251 31.57 2.47 25.44
C PRO A 251 32.99 2.99 25.35
N LEU A 252 33.25 3.72 24.27
CA LEU A 252 34.60 4.21 23.95
C LEU A 252 34.72 5.72 24.04
N GLU A 253 33.87 6.47 23.32
CA GLU A 253 34.03 7.92 23.20
C GLU A 253 33.37 8.63 24.38
N GLY A 254 33.92 8.38 25.56
CA GLY A 254 33.41 8.99 26.77
C GLY A 254 32.22 8.23 27.33
N GLU A 255 32.28 7.87 28.61
CA GLU A 255 31.20 7.05 29.18
C GLU A 255 30.02 7.93 29.57
N PHE A 256 30.21 8.79 30.59
CA PHE A 256 29.24 9.72 31.15
C PHE A 256 27.84 9.13 31.29
N SER A 257 26.92 9.60 30.47
CA SER A 257 25.60 9.02 30.31
C SER A 257 25.33 8.87 28.82
N ALA A 258 24.45 7.93 28.49
CA ALA A 258 24.16 7.66 27.09
C ALA A 258 22.72 7.18 26.95
N CYS A 259 22.14 7.46 25.79
CA CYS A 259 20.76 7.06 25.51
C CYS A 259 20.67 6.79 24.02
N TYR A 260 20.89 5.52 23.63
CA TYR A 260 20.81 5.12 22.23
C TYR A 260 19.37 4.70 21.92
N VAL A 261 18.48 5.68 22.01
CA VAL A 261 17.05 5.42 21.90
C VAL A 261 16.70 5.11 20.45
N GLY A 262 16.23 3.89 20.21
CA GLY A 262 15.88 3.42 18.90
C GLY A 262 14.48 3.79 18.47
N ILE A 263 14.28 5.02 17.99
CA ILE A 263 12.98 5.42 17.48
C ILE A 263 12.55 4.49 16.36
N SER A 264 11.47 3.75 16.62
CA SER A 264 10.87 2.86 15.65
C SER A 264 9.37 2.98 15.79
N PHE A 265 8.65 2.49 14.79
CA PHE A 265 7.21 2.67 14.71
C PHE A 265 6.60 1.31 14.38
N TYR A 266 6.09 0.62 15.39
CA TYR A 266 5.42 -0.65 15.17
C TYR A 266 3.95 -0.42 14.86
N ARG A 267 3.23 -1.53 14.69
CA ARG A 267 1.78 -1.49 14.58
C ARG A 267 1.19 -2.44 15.61
N GLU A 268 0.13 -2.00 16.28
CA GLU A 268 -0.58 -2.81 17.24
C GLU A 268 -1.89 -3.30 16.62
N ALA A 269 -2.10 -4.61 16.66
CA ALA A 269 -3.29 -5.21 16.05
C ALA A 269 -4.44 -5.28 17.04
N ASP A 270 -4.84 -4.10 17.51
CA ASP A 270 -6.02 -3.96 18.36
C ASP A 270 -7.10 -3.15 17.68
N GLY A 271 -6.82 -1.92 17.27
CA GLY A 271 -7.80 -1.08 16.62
C GLY A 271 -7.46 -0.78 15.17
N GLN A 272 -6.96 0.43 14.92
CA GLN A 272 -6.71 0.91 13.57
C GLN A 272 -5.39 0.46 12.99
N GLN A 273 -4.69 -0.47 13.65
CA GLN A 273 -3.30 -0.79 13.37
C GLN A 273 -2.45 0.48 13.37
N LEU A 274 -2.39 1.07 14.56
CA LEU A 274 -1.81 2.38 14.80
C LEU A 274 -0.31 2.36 14.53
N PHE A 275 0.29 3.54 14.47
CA PHE A 275 1.74 3.62 14.37
C PHE A 275 2.24 4.25 15.66
N THR A 276 1.74 3.75 16.79
CA THR A 276 1.90 4.38 18.10
C THR A 276 3.33 4.43 18.61
N SER A 277 4.29 3.82 17.90
CA SER A 277 5.73 3.98 18.10
C SER A 277 6.24 3.44 19.43
N ALA A 278 7.56 3.35 19.57
CA ALA A 278 8.16 2.89 20.80
C ALA A 278 9.56 3.45 20.91
N ALA A 279 9.96 3.75 22.15
CA ALA A 279 11.30 4.27 22.38
C ALA A 279 12.36 3.21 22.13
N GLN A 280 12.17 2.03 22.72
CA GLN A 280 13.16 0.93 22.72
C GLN A 280 14.52 1.45 23.15
N MET A 281 14.54 2.15 24.27
CA MET A 281 15.74 2.83 24.73
C MET A 281 16.73 1.81 25.30
N PHE A 282 17.98 1.92 24.86
CA PHE A 282 19.06 1.11 25.40
C PHE A 282 20.18 2.04 25.84
N ASP A 283 20.47 2.04 27.13
CA ASP A 283 21.46 2.94 27.69
C ASP A 283 22.86 2.36 27.45
N GLU A 284 23.86 2.92 28.14
CA GLU A 284 25.25 2.53 27.90
C GLU A 284 25.59 1.13 28.39
N ARG A 285 24.70 0.48 29.14
CA ARG A 285 24.94 -0.85 29.65
C ARG A 285 24.03 -1.92 29.08
N GLY A 286 22.87 -1.55 28.53
CA GLY A 286 22.09 -2.50 27.74
C GLY A 286 20.66 -2.74 28.16
N ARG A 287 20.16 -1.99 29.14
CA ARG A 287 18.78 -2.16 29.60
C ARG A 287 17.81 -1.68 28.53
N GLY A 288 16.82 -2.51 28.22
CA GLY A 288 15.87 -2.20 27.17
C GLY A 288 14.66 -1.44 27.66
N PHE A 289 14.82 -0.14 27.91
CA PHE A 289 13.71 0.68 28.40
C PHE A 289 12.70 0.86 27.27
N VAL A 290 11.64 0.08 27.31
CA VAL A 290 10.60 0.14 26.29
C VAL A 290 9.54 1.13 26.75
N LEU A 291 9.33 2.18 25.95
CA LEU A 291 8.37 3.23 26.27
C LEU A 291 7.55 3.51 25.03
N LYS A 292 6.36 2.92 24.95
CA LYS A 292 5.45 3.25 23.86
C LYS A 292 4.90 4.67 24.03
N GLY A 293 4.55 5.29 22.91
CA GLY A 293 4.01 6.63 22.95
C GLY A 293 2.68 6.73 22.25
N ARG A 294 2.31 7.95 21.86
CA ARG A 294 1.03 8.18 21.22
C ARG A 294 1.15 7.99 19.71
N ARG A 295 0.09 8.37 18.99
CA ARG A 295 -0.01 8.13 17.56
C ARG A 295 0.95 9.07 16.82
N ALA A 296 2.04 8.50 16.29
CA ALA A 296 2.95 9.26 15.47
C ALA A 296 2.29 9.62 14.13
N ARG A 297 2.54 10.83 13.66
CA ARG A 297 1.93 11.31 12.43
C ARG A 297 2.48 10.55 11.23
N THR A 298 1.67 10.44 10.19
CA THR A 298 2.08 9.77 8.96
C THR A 298 2.01 10.75 7.78
N GLU A 299 2.88 10.53 6.81
CA GLU A 299 2.96 11.43 5.66
C GLU A 299 1.74 11.29 4.75
N SER A 300 1.38 10.05 4.42
CA SER A 300 0.29 9.84 3.47
C SER A 300 -0.31 8.46 3.68
N ARG A 301 -1.64 8.41 3.85
CA ARG A 301 -2.43 7.17 3.91
C ARG A 301 -1.97 6.24 5.02
N GLY A 302 -1.52 6.79 6.14
CA GLY A 302 -1.09 5.98 7.25
C GLY A 302 0.26 5.32 7.08
N ARG A 303 1.02 5.68 6.06
CA ARG A 303 2.36 5.16 5.84
C ARG A 303 3.37 6.28 6.02
N HIS A 304 4.65 5.88 6.08
CA HIS A 304 5.81 6.72 6.34
C HIS A 304 5.62 7.52 7.64
N PRO A 305 5.72 6.88 8.80
CA PRO A 305 5.44 7.56 10.06
C PRO A 305 6.58 8.46 10.51
N TYR A 306 6.21 9.41 11.37
CA TYR A 306 7.15 10.29 12.05
C TYR A 306 6.43 10.91 13.23
N MET A 307 7.15 11.13 14.33
CA MET A 307 6.52 11.82 15.44
C MET A 307 6.36 13.29 15.10
N ALA A 308 5.22 13.86 15.50
CA ALA A 308 5.05 15.30 15.40
C ALA A 308 5.97 15.99 16.41
N ARG A 309 6.03 17.32 16.32
CA ARG A 309 6.92 18.09 17.18
C ARG A 309 6.57 17.90 18.66
N GLU A 310 5.29 18.07 18.99
CA GLU A 310 4.82 17.81 20.34
C GLU A 310 4.97 16.34 20.71
N ASP A 311 4.69 15.45 19.76
CA ASP A 311 4.87 14.01 19.99
C ASP A 311 6.33 13.67 20.22
N ALA A 312 7.24 14.27 19.45
CA ALA A 312 8.66 14.00 19.63
C ALA A 312 9.17 14.49 20.97
N LYS A 313 8.74 15.69 21.41
CA LYS A 313 9.24 16.15 22.71
C LYS A 313 8.59 15.35 23.85
N LYS A 314 7.36 14.88 23.68
CA LYS A 314 6.75 14.02 24.69
C LYS A 314 7.46 12.68 24.79
N ILE A 315 7.81 12.09 23.63
CA ILE A 315 8.55 10.83 23.61
C ILE A 315 9.91 10.99 24.29
N ILE A 316 10.65 12.04 23.91
CA ILE A 316 11.97 12.25 24.52
C ILE A 316 11.82 12.58 26.01
N GLU A 317 10.75 13.28 26.39
CA GLU A 317 10.53 13.60 27.79
C GLU A 317 10.26 12.35 28.62
N ASP A 318 9.49 11.39 28.09
CA ASP A 318 9.28 10.17 28.87
C ASP A 318 10.52 9.27 28.86
N VAL A 319 11.34 9.33 27.81
CA VAL A 319 12.63 8.62 27.84
C VAL A 319 13.55 9.20 28.91
N LEU A 320 13.64 10.53 28.98
CA LEU A 320 14.43 11.18 30.02
C LEU A 320 13.85 10.93 31.40
N ALA A 321 12.52 10.83 31.51
CA ALA A 321 11.89 10.50 32.79
C ALA A 321 12.24 9.07 33.23
N ALA A 322 12.25 8.13 32.28
CA ALA A 322 12.64 6.76 32.61
C ALA A 322 14.11 6.68 33.01
N TYR A 323 14.98 7.41 32.30
CA TYR A 323 16.39 7.43 32.64
C TYR A 323 16.63 8.05 34.01
N LYS A 324 15.94 9.15 34.32
CA LYS A 324 16.10 9.80 35.61
C LYS A 324 15.41 9.04 36.73
N LEU A 325 14.45 8.17 36.40
CA LEU A 325 13.86 7.28 37.39
C LEU A 325 14.83 6.14 37.72
N HIS A 326 15.50 5.58 36.71
CA HIS A 326 16.41 4.47 36.98
C HIS A 326 17.71 4.94 37.63
N HIS A 327 18.26 6.06 37.16
CA HIS A 327 19.52 6.58 37.68
C HIS A 327 19.40 8.06 37.99
N LYS A 328 20.21 8.53 38.93
CA LYS A 328 20.16 9.92 39.38
C LYS A 328 21.09 10.81 38.56
N THR A 329 20.97 10.74 37.23
CA THR A 329 21.79 11.52 36.33
C THR A 329 21.06 11.64 35.00
N LEU A 330 20.95 12.87 34.48
CA LEU A 330 20.33 13.11 33.18
C LEU A 330 21.22 12.58 32.05
N PRO A 331 20.62 12.15 30.94
CA PRO A 331 21.41 11.68 29.79
C PRO A 331 22.19 12.81 29.15
N ALA A 332 23.51 12.67 29.12
CA ALA A 332 24.37 13.64 28.47
C ALA A 332 24.38 13.50 26.95
N ARG A 333 23.89 12.37 26.43
CA ARG A 333 23.88 12.14 25.00
C ARG A 333 22.67 11.30 24.64
N VAL A 334 21.88 11.77 23.67
CA VAL A 334 20.73 11.05 23.16
C VAL A 334 21.00 10.72 21.70
N PHE A 335 20.94 9.44 21.36
CA PHE A 335 21.25 8.94 20.02
C PHE A 335 19.95 8.43 19.40
N ILE A 336 19.35 9.24 18.54
CA ILE A 336 18.21 8.80 17.77
C ILE A 336 18.70 7.91 16.64
N LEU A 337 18.07 6.74 16.49
CA LEU A 337 18.43 5.77 15.45
C LEU A 337 17.17 5.37 14.70
N LYS A 338 16.87 6.11 13.65
CA LYS A 338 15.72 5.79 12.85
C LYS A 338 16.13 4.99 11.64
N THR A 339 15.41 3.91 11.34
CA THR A 339 15.69 3.15 10.13
C THR A 339 14.76 3.73 9.08
N SER A 340 14.84 5.03 8.86
CA SER A 340 14.02 5.71 7.86
C SER A 340 14.50 7.14 7.81
N ARG A 341 13.93 7.97 6.95
CA ARG A 341 14.46 9.32 6.83
C ARG A 341 13.92 10.23 7.93
N PHE A 342 14.68 11.26 8.26
CA PHE A 342 14.34 12.19 9.32
C PHE A 342 13.53 13.35 8.75
N LYS A 343 12.27 13.46 9.17
CA LYS A 343 11.49 14.63 8.83
C LYS A 343 11.97 15.85 9.63
N ASP A 344 11.68 17.03 9.10
CA ASP A 344 12.14 18.26 9.74
C ASP A 344 11.38 18.55 11.02
N GLU A 345 10.07 18.27 11.04
CA GLU A 345 9.25 18.49 12.22
C GLU A 345 9.67 17.59 13.38
N GLU A 346 9.91 16.31 13.08
CA GLU A 346 10.34 15.35 14.10
C GLU A 346 11.72 15.70 14.66
N ALA A 347 12.64 16.08 13.77
CA ALA A 347 13.98 16.47 14.20
C ALA A 347 13.94 17.74 15.03
N ASP A 348 13.09 18.71 14.65
CA ASP A 348 12.96 19.93 15.42
C ASP A 348 12.37 19.66 16.80
N GLY A 349 11.39 18.75 16.88
CA GLY A 349 10.84 18.37 18.17
C GLY A 349 11.85 17.70 19.07
N ILE A 350 12.66 16.80 18.50
CA ILE A 350 13.70 16.12 19.27
C ILE A 350 14.77 17.12 19.74
N ILE A 351 15.12 18.07 18.88
CA ILE A 351 16.10 19.10 19.24
C ILE A 351 15.56 19.99 20.37
N ALA A 352 14.29 20.41 20.26
CA ALA A 352 13.68 21.24 21.29
C ALA A 352 13.54 20.49 22.61
N ALA A 353 13.34 19.18 22.56
CA ALA A 353 13.31 18.38 23.79
C ALA A 353 14.70 18.23 24.39
N LEU A 354 15.72 18.04 23.56
CA LEU A 354 17.09 17.93 24.04
C LEU A 354 17.69 19.26 24.50
N ASP A 355 17.08 20.39 24.13
CA ASP A 355 17.65 21.69 24.46
C ASP A 355 17.63 21.96 25.96
N GLU A 356 16.69 21.34 26.69
CA GLU A 356 16.65 21.47 28.14
C GLU A 356 17.42 20.32 28.80
N ALA A 357 18.72 20.26 28.49
CA ALA A 357 19.60 19.25 29.05
C ALA A 357 21.03 19.78 29.03
N GLY A 358 21.70 19.71 30.19
CA GLY A 358 23.06 20.19 30.26
C GLY A 358 24.03 19.25 29.58
N THR A 359 25.02 19.83 28.90
CA THR A 359 26.05 19.11 28.13
C THR A 359 25.43 18.14 27.13
N GLU A 360 24.37 18.59 26.46
CA GLU A 360 23.61 17.72 25.58
C GLU A 360 24.40 17.39 24.32
N LEU A 361 24.01 16.27 23.69
CA LEU A 361 24.69 15.77 22.50
C LEU A 361 23.65 15.07 21.64
N ARG A 362 23.09 15.80 20.69
CA ARG A 362 22.17 15.22 19.73
C ARG A 362 22.95 14.42 18.70
N ASP A 363 22.48 13.20 18.42
CA ASP A 363 23.17 12.28 17.50
C ASP A 363 22.08 11.61 16.68
N LEU A 364 21.82 12.16 15.50
CA LEU A 364 20.75 11.68 14.63
C LEU A 364 21.35 10.94 13.44
N VAL A 365 20.80 9.76 13.14
CA VAL A 365 21.31 8.90 12.08
C VAL A 365 20.15 8.34 11.27
N TRP A 366 20.24 8.47 9.94
CA TRP A 366 19.30 7.87 9.01
C TRP A 366 19.78 6.47 8.64
N VAL A 367 18.87 5.49 8.75
CA VAL A 367 19.11 4.13 8.27
C VAL A 367 17.99 3.78 7.31
N GLN A 368 18.35 3.17 6.19
CA GLN A 368 17.38 2.68 5.21
C GLN A 368 17.76 1.29 4.76
N GLU A 369 16.77 0.41 4.71
CA GLU A 369 16.97 -0.98 4.32
C GLU A 369 16.68 -1.16 2.83
N SER A 370 17.27 -2.23 2.27
CA SER A 370 17.13 -2.62 0.86
C SER A 370 17.60 -1.49 -0.08
N TYR A 371 18.89 -1.19 0.02
CA TYR A 371 19.53 -0.20 -0.84
C TYR A 371 20.73 -0.86 -1.49
N THR A 372 20.85 -0.72 -2.81
CA THR A 372 21.78 -1.51 -3.63
C THR A 372 23.00 -0.69 -4.00
N ALA A 373 24.10 -0.88 -3.25
CA ALA A 373 25.39 -0.34 -3.63
C ALA A 373 26.46 -1.20 -2.95
N ARG A 374 27.03 -2.14 -3.70
CA ARG A 374 28.04 -3.03 -3.13
C ARG A 374 29.41 -2.35 -3.16
N ILE A 375 30.12 -2.44 -2.05
CA ILE A 375 31.43 -1.81 -1.96
C ILE A 375 32.53 -2.75 -1.56
N LEU A 376 33.75 -2.23 -1.41
CA LEU A 376 34.88 -3.08 -1.08
C LEU A 376 34.78 -4.40 -1.81
N ARG A 377 34.88 -4.37 -3.13
CA ARG A 377 34.76 -5.59 -3.92
C ARG A 377 36.00 -6.45 -3.78
N ASP A 378 36.15 -7.10 -2.63
CA ASP A 378 37.32 -7.93 -2.37
C ASP A 378 36.91 -9.29 -1.83
N GLY A 379 37.34 -9.62 -0.62
CA GLY A 379 37.03 -10.93 -0.06
C GLY A 379 37.14 -11.12 1.43
N ASN A 380 37.25 -12.38 1.86
CA ASN A 380 37.35 -12.69 3.27
C ASN A 380 38.65 -12.16 3.88
N TYR A 381 39.76 -12.37 3.19
CA TYR A 381 41.05 -11.94 3.73
C TYR A 381 40.99 -10.50 4.20
N PRO A 382 40.52 -9.60 3.34
CA PRO A 382 40.37 -8.23 3.86
C PRO A 382 39.12 -8.22 4.73
N VAL A 383 39.28 -8.00 6.03
CA VAL A 383 38.13 -8.02 6.94
C VAL A 383 36.92 -7.47 6.25
N LEU A 384 35.82 -8.21 6.29
CA LEU A 384 34.60 -7.80 5.61
C LEU A 384 33.40 -7.59 6.52
N ARG A 385 33.54 -7.90 7.81
CA ARG A 385 32.43 -7.65 8.73
C ARG A 385 32.20 -6.15 8.89
N GLY A 386 33.18 -5.42 9.39
CA GLY A 386 33.01 -3.99 9.61
C GLY A 386 33.23 -3.15 8.37
N THR A 387 32.42 -3.39 7.33
CA THR A 387 32.58 -2.67 6.07
C THR A 387 31.82 -1.35 6.09
N PHE A 388 32.52 -0.27 5.79
CA PHE A 388 31.95 1.07 5.83
C PHE A 388 32.82 1.99 5.00
N VAL A 389 32.21 2.77 4.11
CA VAL A 389 32.92 3.70 3.25
C VAL A 389 32.24 5.06 3.33
N ASP A 390 33.03 6.11 3.55
CA ASP A 390 32.55 7.48 3.57
C ASP A 390 32.19 7.90 2.15
N LEU A 391 30.89 7.86 1.82
CA LEU A 391 30.42 8.22 0.49
C LEU A 391 30.08 9.69 0.38
N HIS A 392 31.00 10.56 0.81
CA HIS A 392 30.90 12.02 0.70
C HIS A 392 29.63 12.55 1.37
N GLY A 393 29.61 12.42 2.70
CA GLY A 393 28.37 12.60 3.42
C GLY A 393 27.84 11.30 4.00
N LYS A 394 26.88 10.69 3.30
CA LYS A 394 26.28 9.43 3.73
C LYS A 394 27.34 8.34 3.89
N GLY A 395 27.10 7.47 4.86
CA GLY A 395 28.11 6.55 5.37
C GLY A 395 27.72 5.09 5.32
N LEU A 396 27.20 4.64 4.18
CA LEU A 396 26.73 3.26 3.94
C LEU A 396 27.61 2.19 4.58
N LEU A 397 26.95 1.31 5.34
CA LEU A 397 27.63 0.32 6.17
C LEU A 397 26.82 -0.97 6.17
N TYR A 398 27.50 -2.09 5.91
CA TYR A 398 27.00 -3.39 6.29
C TYR A 398 27.97 -3.99 7.29
N THR A 399 27.42 -4.44 8.42
CA THR A 399 28.20 -4.90 9.56
C THR A 399 28.24 -6.42 9.66
N SER A 400 27.86 -7.13 8.60
CA SER A 400 27.91 -8.59 8.56
C SER A 400 28.75 -9.03 7.36
N GLY A 401 29.54 -10.08 7.56
CA GLY A 401 30.41 -10.59 6.52
C GLY A 401 31.38 -11.62 7.02
N SER A 402 32.60 -11.59 6.48
CA SER A 402 33.63 -12.52 6.91
C SER A 402 34.11 -12.17 8.33
N MET A 403 34.39 -13.21 9.11
CA MET A 403 34.82 -13.02 10.49
C MET A 403 36.29 -13.39 10.67
N PRO A 404 37.09 -12.52 11.27
CA PRO A 404 38.32 -12.97 11.90
C PRO A 404 38.02 -13.82 13.12
N TYR A 405 39.02 -14.61 13.52
CA TYR A 405 38.99 -15.55 14.65
C TYR A 405 37.99 -16.69 14.43
N TYR A 406 37.41 -16.81 13.24
CA TYR A 406 36.52 -17.90 12.86
C TYR A 406 37.17 -18.85 11.88
N GLY A 407 37.65 -18.34 10.75
CA GLY A 407 38.21 -19.16 9.69
C GLY A 407 37.32 -19.35 8.50
N THR A 408 36.05 -18.96 8.58
CA THR A 408 35.12 -19.13 7.47
C THR A 408 34.06 -18.05 7.52
N TYR A 409 33.37 -17.88 6.40
CA TYR A 409 32.23 -16.97 6.31
C TYR A 409 30.97 -17.71 6.72
N PRO A 410 30.31 -17.33 7.83
CA PRO A 410 29.16 -18.11 8.30
C PRO A 410 27.90 -17.93 7.49
N GLY A 411 27.81 -16.89 6.68
CA GLY A 411 26.62 -16.68 5.88
C GLY A 411 26.54 -17.60 4.68
N LYS A 412 25.31 -17.84 4.23
CA LYS A 412 25.06 -18.62 3.02
C LYS A 412 24.72 -17.74 1.83
N TYR A 413 24.67 -16.42 2.01
CA TYR A 413 24.33 -15.49 0.94
C TYR A 413 25.29 -14.30 1.03
N ASP A 414 25.16 -13.40 0.06
CA ASP A 414 25.97 -12.20 0.04
C ASP A 414 25.47 -11.20 1.08
N PRO A 415 26.38 -10.41 1.67
CA PRO A 415 25.95 -9.38 2.63
C PRO A 415 25.18 -8.25 1.95
N ASN A 416 24.31 -7.61 2.73
CA ASN A 416 23.48 -6.52 2.25
C ASN A 416 23.67 -5.28 3.11
N PRO A 417 23.75 -4.10 2.49
CA PRO A 417 24.05 -2.88 3.24
C PRO A 417 22.79 -2.12 3.67
N LEU A 418 23.02 -1.15 4.55
CA LEU A 418 21.99 -0.21 4.99
C LEU A 418 22.50 1.21 4.79
N LEU A 419 21.76 2.19 5.28
CA LEU A 419 22.16 3.58 5.13
C LEU A 419 22.66 4.18 6.44
N LEU A 420 23.63 5.08 6.35
CA LEU A 420 24.13 5.75 7.54
C LEU A 420 24.34 7.22 7.22
N CYS A 421 23.27 8.01 7.31
CA CYS A 421 23.37 9.42 6.96
C CYS A 421 23.01 10.33 8.13
N PRO A 422 24.02 10.99 8.71
CA PRO A 422 23.75 11.92 9.81
C PRO A 422 22.95 13.14 9.35
N HIS A 423 22.10 13.63 10.25
CA HIS A 423 21.36 14.85 10.02
C HIS A 423 22.30 16.04 10.07
N HIS A 424 21.88 17.15 9.44
CA HIS A 424 22.72 18.34 9.40
C HIS A 424 22.84 19.01 10.76
N THR A 425 21.89 18.76 11.66
CA THR A 425 21.98 19.28 13.03
C THR A 425 22.93 18.48 13.91
N SER A 426 23.34 17.30 13.48
CA SER A 426 24.22 16.47 14.30
C SER A 426 25.63 17.05 14.29
N GLU A 427 26.21 17.19 15.48
CA GLU A 427 27.54 17.78 15.64
C GLU A 427 28.65 16.74 15.61
N SER A 428 28.41 15.59 14.99
CA SER A 428 29.37 14.52 14.95
C SER A 428 29.61 14.08 13.51
N THR A 429 30.82 13.61 13.24
CA THR A 429 31.16 13.08 11.93
C THR A 429 30.51 11.70 11.74
N VAL A 430 30.52 11.21 10.51
CA VAL A 430 29.94 9.90 10.24
C VAL A 430 30.82 8.78 10.77
N ALA A 431 32.09 9.05 11.06
CA ALA A 431 32.99 8.04 11.59
C ALA A 431 32.63 7.67 13.02
N GLN A 432 32.38 8.66 13.87
CA GLN A 432 32.08 8.37 15.26
C GLN A 432 30.67 7.80 15.43
N LEU A 433 29.72 8.23 14.60
CA LEU A 433 28.41 7.58 14.60
C LEU A 433 28.49 6.15 14.07
N ALA A 434 29.37 5.91 13.09
CA ALA A 434 29.61 4.54 12.65
C ALA A 434 30.23 3.70 13.75
N GLU A 435 31.14 4.30 14.53
CA GLU A 435 31.74 3.60 15.67
C GLU A 435 30.70 3.26 16.72
N GLU A 436 29.75 4.17 16.96
CA GLU A 436 28.70 3.88 17.94
C GLU A 436 27.72 2.82 17.42
N ILE A 437 27.47 2.79 16.11
CA ILE A 437 26.69 1.70 15.53
C ILE A 437 27.43 0.37 15.68
N PHE A 438 28.74 0.37 15.43
CA PHE A 438 29.60 -0.78 15.64
C PHE A 438 30.15 -0.85 17.06
N SER A 439 29.46 -0.26 18.03
CA SER A 439 29.65 -0.56 19.43
C SER A 439 28.38 -1.09 20.07
N LEU A 440 27.26 -1.07 19.34
CA LEU A 440 26.00 -1.66 19.78
C LEU A 440 25.95 -3.15 19.41
N THR A 441 27.02 -3.86 19.76
CA THR A 441 27.32 -5.17 19.18
C THR A 441 27.27 -6.24 20.26
N LYS A 442 26.86 -7.45 19.83
CA LYS A 442 26.95 -8.67 20.63
C LYS A 442 26.23 -8.53 21.97
N VAL A 443 25.19 -7.69 22.00
CA VAL A 443 24.46 -7.37 23.22
C VAL A 443 23.01 -7.84 23.14
N ASN A 444 22.63 -8.49 22.04
CA ASN A 444 21.34 -9.16 21.94
C ASN A 444 21.25 -10.28 22.97
N TRP A 445 20.21 -10.24 23.80
CA TRP A 445 19.98 -11.27 24.80
C TRP A 445 19.15 -12.43 24.25
N ASN A 446 18.77 -12.37 22.99
CA ASN A 446 18.09 -13.47 22.31
C ASN A 446 19.07 -14.49 21.75
N SER A 447 20.37 -14.24 21.85
CA SER A 447 21.36 -15.13 21.24
C SER A 447 22.73 -14.92 21.88
N THR A 448 23.65 -15.84 21.57
CA THR A 448 25.05 -15.75 21.97
C THR A 448 25.98 -15.65 20.77
N GLN A 449 25.46 -15.20 19.63
CA GLN A 449 26.23 -15.05 18.41
C GLN A 449 27.10 -13.80 18.47
N MET A 450 28.15 -13.77 17.64
CA MET A 450 28.91 -12.53 17.43
C MET A 450 28.75 -11.99 16.01
N ASN A 451 27.77 -12.49 15.27
CA ASN A 451 27.29 -11.87 14.04
C ASN A 451 26.33 -10.73 14.37
N GLN A 452 26.13 -9.86 13.38
CA GLN A 452 25.26 -8.69 13.56
C GLN A 452 24.97 -8.09 12.19
N ARG A 453 23.70 -7.82 11.92
CA ARG A 453 23.33 -6.92 10.85
C ARG A 453 22.42 -5.78 11.30
N LEU A 454 21.89 -5.84 12.52
CA LEU A 454 21.09 -4.78 13.07
C LEU A 454 21.55 -4.56 14.52
N PRO A 455 21.88 -3.34 14.91
CA PRO A 455 22.19 -3.07 16.32
C PRO A 455 20.93 -3.14 17.16
N ILE A 456 21.12 -3.36 18.47
CA ILE A 456 20.00 -3.69 19.35
C ILE A 456 18.91 -2.61 19.50
N PRO A 457 19.14 -1.29 19.31
CA PRO A 457 17.96 -0.43 19.17
C PRO A 457 17.23 -0.60 17.85
N ILE A 458 17.90 -1.09 16.81
CA ILE A 458 17.24 -1.45 15.56
C ILE A 458 16.79 -2.90 15.56
N ARG A 459 17.62 -3.79 16.12
CA ARG A 459 17.27 -5.20 16.17
C ARG A 459 16.13 -5.47 17.13
N ALA A 460 16.16 -4.83 18.31
CA ALA A 460 15.14 -4.98 19.34
C ALA A 460 13.81 -4.34 18.96
N ALA A 461 13.79 -3.52 17.91
CA ALA A 461 12.55 -2.94 17.42
C ALA A 461 11.60 -4.01 16.96
N ARG A 462 12.12 -5.05 16.28
CA ARG A 462 11.31 -6.15 15.81
C ARG A 462 10.68 -6.90 16.98
N LYS A 463 11.45 -7.11 18.05
CA LYS A 463 10.94 -7.84 19.21
C LYS A 463 9.91 -7.02 19.98
N VAL A 464 10.15 -5.72 20.15
CA VAL A 464 9.22 -4.86 20.86
C VAL A 464 7.90 -4.74 20.08
N GLY A 465 7.99 -4.58 18.76
CA GLY A 465 6.79 -4.57 17.95
C GLY A 465 6.11 -5.92 17.86
N GLU A 466 6.86 -7.00 18.05
CA GLU A 466 6.27 -8.32 18.14
C GLU A 466 5.42 -8.45 19.41
N VAL A 467 5.91 -7.92 20.52
CA VAL A 467 5.19 -8.09 21.79
C VAL A 467 4.08 -7.06 21.91
N LEU A 468 4.38 -5.78 21.67
CA LEU A 468 3.39 -4.70 21.81
C LEU A 468 2.38 -4.63 20.68
N LYS A 469 2.32 -5.62 19.79
CA LYS A 469 1.25 -5.66 18.81
C LYS A 469 -0.07 -6.05 19.44
N TYR A 470 -0.04 -6.83 20.52
CA TYR A 470 -1.23 -7.42 21.10
C TYR A 470 -1.50 -6.90 22.52
N VAL A 471 -1.05 -5.69 22.83
CA VAL A 471 -1.34 -5.04 24.10
C VAL A 471 -2.37 -3.95 23.84
N GLY A 472 -3.55 -4.09 24.44
CA GLY A 472 -4.65 -3.20 24.15
C GLY A 472 -4.49 -1.82 24.77
N GLU A 473 -5.39 -0.92 24.37
CA GLU A 473 -5.36 0.45 24.85
C GLU A 473 -5.79 0.52 26.31
N GLY A 474 -5.18 1.44 27.04
CA GLY A 474 -5.49 1.63 28.44
C GLY A 474 -4.83 0.66 29.38
N GLU A 475 -3.92 -0.18 28.89
CA GLU A 475 -3.23 -1.15 29.72
C GLU A 475 -1.80 -0.70 29.98
N VAL A 476 -1.37 -0.84 31.23
CA VAL A 476 -0.01 -0.47 31.60
C VAL A 476 0.96 -1.51 31.05
N ILE A 477 1.99 -1.06 30.34
CA ILE A 477 3.00 -1.93 29.80
C ILE A 477 4.22 -1.91 30.70
N SER A 478 5.12 -2.87 30.50
CA SER A 478 6.32 -3.01 31.30
C SER A 478 7.53 -2.50 30.53
N ALA A 479 8.36 -1.71 31.21
CA ALA A 479 9.61 -1.23 30.63
C ALA A 479 10.75 -2.21 30.82
N ASP A 480 10.53 -3.30 31.56
CA ASP A 480 11.57 -4.31 31.73
C ASP A 480 11.70 -5.14 30.46
N TYR A 481 12.92 -5.31 29.98
CA TYR A 481 13.16 -5.96 28.70
C TYR A 481 13.00 -7.48 28.76
N ARG A 482 12.81 -8.06 29.95
CA ARG A 482 12.63 -9.50 30.08
C ARG A 482 11.31 -9.99 29.50
N LYS A 483 10.36 -9.10 29.25
CA LYS A 483 9.05 -9.48 28.72
C LYS A 483 9.00 -9.49 27.21
N TYR A 484 10.14 -9.31 26.55
CA TYR A 484 10.18 -9.19 25.10
C TYR A 484 11.00 -10.30 24.44
N ILE A 485 12.24 -10.49 24.87
CA ILE A 485 13.06 -11.60 24.41
C ILE A 485 13.71 -12.31 25.59
N GLY B 161 46.84 -0.36 -1.74
CA GLY B 161 47.34 -1.72 -1.80
C GLY B 161 46.22 -2.75 -1.76
N GLU B 162 45.33 -2.63 -0.78
CA GLU B 162 44.19 -3.53 -0.62
C GLU B 162 42.91 -2.90 -1.16
N ASP B 163 43.00 -2.14 -2.24
CA ASP B 163 41.84 -1.45 -2.78
C ASP B 163 40.89 -2.43 -3.47
N ALA B 164 39.66 -1.97 -3.69
CA ALA B 164 38.63 -2.82 -4.26
C ALA B 164 37.64 -1.96 -5.04
N LEU B 165 36.89 -2.62 -5.92
CA LEU B 165 36.05 -1.92 -6.87
C LEU B 165 34.82 -1.32 -6.20
N ILE B 166 34.13 -0.46 -6.95
CA ILE B 166 32.97 0.28 -6.49
C ILE B 166 31.90 0.20 -7.57
N ASN B 167 30.66 -0.12 -7.18
CA ASN B 167 29.59 -0.47 -8.12
C ASN B 167 28.87 0.74 -8.73
N MET B 168 29.44 1.94 -8.74
CA MET B 168 28.82 3.09 -9.35
C MET B 168 29.81 3.84 -10.23
N LEU B 169 29.26 4.53 -11.24
CA LEU B 169 30.04 5.11 -12.34
C LEU B 169 30.20 6.60 -12.17
N PRO B 170 31.43 7.13 -12.13
CA PRO B 170 31.64 8.58 -12.00
C PRO B 170 31.36 9.33 -13.29
N LEU B 171 30.10 9.72 -13.51
CA LEU B 171 29.71 10.38 -14.75
C LEU B 171 30.41 11.72 -14.93
N THR B 172 30.83 11.99 -16.16
CA THR B 172 31.40 13.28 -16.55
C THR B 172 30.45 13.96 -17.52
N LEU B 173 30.04 15.18 -17.20
CA LEU B 173 29.05 15.88 -17.98
C LEU B 173 29.62 17.22 -18.48
N PRO B 174 29.23 17.65 -19.67
CA PRO B 174 29.75 18.91 -20.21
C PRO B 174 29.02 20.11 -19.62
N ASN B 175 29.38 21.29 -20.12
CA ASN B 175 28.75 22.54 -19.68
C ASN B 175 27.58 22.93 -20.58
N GLU B 176 26.65 22.00 -20.78
CA GLU B 176 25.48 22.24 -21.61
C GLU B 176 24.38 21.30 -21.16
N MET B 177 23.21 21.86 -20.84
CA MET B 177 22.11 21.06 -20.33
C MET B 177 20.82 21.19 -21.12
N TYR B 178 20.58 22.33 -21.77
CA TYR B 178 19.42 22.58 -22.63
C TYR B 178 18.10 22.41 -21.86
N ILE B 179 17.93 23.25 -20.85
CA ILE B 179 16.68 23.28 -20.10
C ILE B 179 15.57 23.86 -20.98
N ALA B 180 14.39 23.27 -20.90
CA ALA B 180 13.27 23.72 -21.71
C ALA B 180 11.97 23.38 -20.97
N SER B 181 10.85 23.57 -21.65
CA SER B 181 9.54 23.29 -21.07
C SER B 181 8.66 22.61 -22.12
N THR B 182 7.88 21.62 -21.69
CA THR B 182 7.00 20.87 -22.57
C THR B 182 5.70 20.58 -21.84
N THR B 183 4.82 19.84 -22.52
CA THR B 183 3.59 19.32 -21.91
C THR B 183 3.37 17.88 -22.41
N TYR B 184 3.93 16.94 -21.66
CA TYR B 184 3.87 15.52 -22.04
C TYR B 184 3.94 14.66 -20.79
N GLU B 185 3.46 13.42 -20.92
CA GLU B 185 3.47 12.44 -19.85
C GLU B 185 4.13 11.16 -20.37
N PRO B 186 5.46 11.04 -20.20
CA PRO B 186 6.17 9.86 -20.70
C PRO B 186 5.93 8.62 -19.85
N ILE B 193 6.25 8.53 -26.13
CA ILE B 193 7.12 8.69 -27.29
C ILE B 193 6.30 8.58 -28.57
N LEU B 194 6.37 9.62 -29.40
CA LEU B 194 5.68 9.62 -30.69
C LEU B 194 6.60 9.11 -31.81
N ASN B 195 7.22 7.95 -31.56
CA ASN B 195 8.20 7.30 -32.45
C ASN B 195 9.31 8.24 -32.88
N GLY B 196 9.26 8.67 -34.13
CA GLY B 196 10.28 9.54 -34.68
C GLY B 196 10.47 9.25 -36.16
N ASP B 197 11.39 10.01 -36.76
CA ASP B 197 11.69 9.84 -38.18
C ASP B 197 13.19 9.91 -38.47
N GLY B 198 14.04 9.91 -37.46
CA GLY B 198 15.47 9.97 -37.67
C GLY B 198 16.24 9.06 -36.73
N PRO B 199 17.27 9.61 -36.08
CA PRO B 199 18.00 8.87 -35.04
C PRO B 199 17.12 8.39 -33.91
N LYS B 200 17.70 7.51 -33.09
CA LYS B 200 17.01 6.90 -31.95
C LYS B 200 17.02 7.78 -30.71
N ARG B 201 17.43 9.04 -30.82
CA ARG B 201 17.41 9.98 -29.71
C ARG B 201 16.19 10.89 -29.77
N PHE B 202 15.05 10.36 -30.21
CA PHE B 202 13.80 11.11 -30.31
C PHE B 202 12.79 10.63 -29.28
N ASP B 203 13.26 10.31 -28.07
CA ASP B 203 12.40 9.84 -26.99
C ASP B 203 12.01 11.00 -26.08
N TRP B 204 10.97 10.76 -25.27
CA TRP B 204 10.46 11.76 -24.34
C TRP B 204 11.31 11.78 -23.08
N VAL B 205 12.53 12.28 -23.22
CA VAL B 205 13.45 12.42 -22.09
C VAL B 205 13.16 13.78 -21.46
N ILE B 206 12.10 13.81 -20.64
CA ILE B 206 11.56 15.06 -20.11
C ILE B 206 11.54 14.98 -18.59
N ASN B 207 11.37 16.13 -17.96
CA ASN B 207 11.28 16.26 -16.51
C ASN B 207 9.81 16.25 -16.07
N GLY B 208 9.60 16.45 -14.77
CA GLY B 208 8.26 16.50 -14.23
C GLY B 208 7.61 17.87 -14.38
N GLY B 209 7.22 18.21 -15.59
CA GLY B 209 6.61 19.51 -15.85
C GLY B 209 7.37 20.32 -16.88
N THR B 210 8.70 20.26 -16.82
CA THR B 210 9.58 20.94 -17.75
C THR B 210 10.23 19.91 -18.68
N PHE B 211 11.01 20.41 -19.63
CA PHE B 211 11.77 19.58 -20.55
C PHE B 211 13.24 19.69 -20.21
N TRP B 212 13.86 18.57 -19.86
CA TRP B 212 15.28 18.51 -19.54
C TRP B 212 15.94 17.64 -20.61
N SER B 213 16.51 18.27 -21.63
CA SER B 213 17.14 17.54 -22.71
C SER B 213 18.62 17.34 -22.40
N PHE B 214 19.40 16.95 -23.41
CA PHE B 214 20.84 16.76 -23.27
C PHE B 214 21.48 17.26 -24.55
N HIS B 215 22.72 16.84 -24.79
CA HIS B 215 23.49 17.27 -25.95
C HIS B 215 22.79 16.89 -27.25
N ASP B 216 22.92 17.75 -28.26
CA ASP B 216 22.24 17.58 -29.52
C ASP B 216 23.03 18.25 -30.62
N PRO B 217 23.13 17.63 -31.80
CA PRO B 217 23.81 18.27 -32.93
C PRO B 217 22.94 19.20 -33.76
N ARG B 218 21.69 19.40 -33.37
CA ARG B 218 20.76 20.28 -34.07
C ARG B 218 20.48 21.52 -33.22
N THR B 219 19.93 22.54 -33.89
CA THR B 219 19.56 23.77 -33.18
C THR B 219 18.43 23.52 -32.20
N SER B 220 17.44 22.71 -32.59
CA SER B 220 16.38 22.33 -31.68
C SER B 220 16.86 21.21 -30.76
N ALA B 221 16.09 20.95 -29.71
CA ALA B 221 16.42 19.92 -28.74
C ALA B 221 15.96 18.56 -29.27
N CYS B 222 15.97 17.55 -28.40
CA CYS B 222 15.63 16.19 -28.80
C CYS B 222 14.15 16.06 -29.14
N SER B 223 13.86 15.19 -30.11
CA SER B 223 12.55 14.80 -30.63
C SER B 223 11.84 15.89 -31.42
N GLU B 224 12.40 17.11 -31.48
CA GLU B 224 11.87 18.24 -32.26
C GLU B 224 10.42 18.57 -31.93
N ILE B 225 10.04 18.37 -30.66
CA ILE B 225 8.68 18.62 -30.22
C ILE B 225 8.59 19.78 -29.23
N VAL B 226 9.71 20.22 -28.67
CA VAL B 226 9.72 21.35 -27.77
C VAL B 226 9.69 22.64 -28.59
N ASP B 227 9.08 23.68 -28.03
CA ASP B 227 8.93 24.95 -28.73
C ASP B 227 10.27 25.63 -28.95
N ILE B 228 10.36 26.41 -30.02
CA ILE B 228 11.60 27.08 -30.41
C ILE B 228 11.81 28.28 -29.49
N ASP B 229 13.09 28.63 -29.29
CA ASP B 229 13.53 29.77 -28.48
C ASP B 229 13.05 29.64 -27.03
N GLN B 230 13.17 28.44 -26.48
CA GLN B 230 12.87 28.18 -25.08
C GLN B 230 13.95 27.27 -24.49
N VAL B 231 15.21 27.58 -24.78
CA VAL B 231 16.34 26.78 -24.32
C VAL B 231 17.20 27.67 -23.41
N GLU B 232 17.38 27.23 -22.17
CA GLU B 232 18.21 28.00 -21.24
C GLU B 232 19.69 27.86 -21.58
N ALA B 233 20.13 26.62 -21.85
CA ALA B 233 21.52 26.28 -22.19
C ALA B 233 22.50 26.74 -21.11
N ILE B 234 22.33 26.18 -19.92
CA ILE B 234 23.17 26.50 -18.77
C ILE B 234 24.10 25.31 -18.48
N ASN B 235 25.15 25.58 -17.71
CA ASN B 235 26.13 24.56 -17.39
C ASN B 235 25.56 23.53 -16.40
N THR B 236 26.28 22.42 -16.27
CA THR B 236 25.83 21.33 -15.41
C THR B 236 25.89 21.72 -13.93
N LYS B 237 26.92 22.45 -13.53
CA LYS B 237 27.12 22.80 -12.13
C LYS B 237 26.06 23.74 -11.59
N GLU B 238 25.36 24.47 -12.45
CA GLU B 238 24.37 25.43 -11.98
C GLU B 238 23.08 24.76 -11.52
N LEU B 239 22.67 23.68 -12.18
CA LEU B 239 21.37 23.08 -11.96
C LEU B 239 21.45 21.68 -11.35
N ALA B 240 22.34 20.83 -11.86
CA ALA B 240 22.39 19.43 -11.42
C ALA B 240 22.84 19.27 -9.97
N LEU B 241 23.51 20.26 -9.40
CA LEU B 241 23.99 20.20 -8.02
C LEU B 241 23.02 20.99 -7.15
N HIS B 242 22.02 20.31 -6.62
CA HIS B 242 21.06 20.89 -5.70
C HIS B 242 21.03 20.09 -4.41
N ASP B 243 20.36 20.66 -3.40
CA ASP B 243 20.32 20.05 -2.07
C ASP B 243 19.05 19.26 -1.80
N ASP B 244 17.92 19.64 -2.40
CA ASP B 244 16.69 18.90 -2.20
C ASP B 244 16.75 17.58 -2.96
N ILE B 245 16.17 16.53 -2.34
CA ILE B 245 16.24 15.19 -2.91
C ILE B 245 15.36 15.05 -4.15
N ASP B 246 14.38 15.94 -4.34
CA ASP B 246 13.50 15.86 -5.50
C ASP B 246 14.26 16.16 -6.79
N GLU B 247 15.16 17.15 -6.76
CA GLU B 247 15.97 17.45 -7.92
C GLU B 247 16.91 16.29 -8.25
N GLN B 248 17.50 15.66 -7.23
CA GLN B 248 18.36 14.51 -7.47
C GLN B 248 17.58 13.35 -8.08
N ASN B 249 16.37 13.10 -7.58
CA ASN B 249 15.55 12.03 -8.14
C ASN B 249 15.17 12.31 -9.59
N ARG B 250 14.80 13.57 -9.89
CA ARG B 250 14.44 13.94 -11.26
C ARG B 250 15.63 13.82 -12.21
N PHE B 251 16.81 14.30 -11.78
CA PHE B 251 17.99 14.23 -12.62
C PHE B 251 18.45 12.80 -12.83
N SER B 252 18.34 11.95 -11.81
CA SER B 252 18.76 10.56 -11.98
C SER B 252 17.78 9.77 -12.83
N HIS B 253 16.47 10.08 -12.74
CA HIS B 253 15.52 9.47 -13.65
C HIS B 253 15.79 9.89 -15.09
N LEU B 254 16.16 11.16 -15.28
CA LEU B 254 16.55 11.64 -16.62
C LEU B 254 17.80 10.92 -17.12
N LEU B 255 18.77 10.70 -16.23
CA LEU B 255 20.00 10.02 -16.63
C LEU B 255 19.74 8.56 -16.98
N ARG B 256 18.85 7.90 -16.24
CA ARG B 256 18.46 6.54 -16.58
C ARG B 256 17.72 6.49 -17.92
N GLN B 257 16.86 7.48 -18.17
CA GLN B 257 16.14 7.53 -19.44
C GLN B 257 17.08 7.76 -20.62
N THR B 258 18.06 8.64 -20.47
CA THR B 258 19.02 8.88 -21.54
C THR B 258 20.11 7.83 -21.60
N LEU B 259 20.21 6.95 -20.60
CA LEU B 259 21.11 5.81 -20.67
C LEU B 259 20.47 4.59 -21.33
N ARG B 260 19.18 4.35 -21.04
CA ARG B 260 18.48 3.21 -21.63
C ARG B 260 18.37 3.37 -23.15
N TYR B 261 17.99 4.55 -23.62
CA TYR B 261 17.92 4.83 -25.05
C TYR B 261 19.20 5.47 -25.57
N GLN B 262 20.33 4.82 -25.29
CA GLN B 262 21.63 5.28 -25.76
C GLN B 262 22.34 4.12 -26.45
N THR B 263 22.06 2.91 -25.98
CA THR B 263 22.55 1.67 -26.57
C THR B 263 21.36 0.84 -27.07
N ASP B 264 20.39 1.51 -27.69
CA ASP B 264 19.15 0.86 -28.08
C ASP B 264 19.34 -0.11 -29.24
N SER B 265 20.36 0.13 -30.08
CA SER B 265 20.65 -0.77 -31.19
C SER B 265 21.32 -2.06 -30.76
N ASP B 266 21.79 -2.15 -29.52
CA ASP B 266 22.51 -3.32 -29.03
C ASP B 266 21.90 -3.91 -27.77
N LEU B 267 21.42 -3.08 -26.86
CA LEU B 267 20.94 -3.53 -25.56
C LEU B 267 19.46 -3.21 -25.40
N GLY B 268 18.74 -4.12 -24.76
CA GLY B 268 17.33 -3.92 -24.52
C GLY B 268 17.02 -3.74 -23.05
N TRP B 269 15.83 -3.24 -22.73
CA TRP B 269 15.43 -2.97 -21.36
C TRP B 269 14.14 -3.73 -21.07
N ASP B 270 14.10 -4.42 -19.92
CA ASP B 270 12.88 -5.10 -19.53
C ASP B 270 12.29 -4.47 -18.26
N LYS B 271 10.96 -4.44 -18.18
CA LYS B 271 10.29 -3.73 -17.11
C LYS B 271 10.43 -4.45 -15.78
N ASP B 272 10.30 -5.77 -15.76
CA ASP B 272 10.57 -6.53 -14.56
C ASP B 272 12.08 -6.60 -14.34
N HIS B 273 12.49 -6.51 -13.06
CA HIS B 273 13.86 -6.66 -12.57
C HIS B 273 14.77 -5.48 -12.95
N LYS B 274 14.27 -4.57 -13.81
CA LYS B 274 14.93 -3.32 -14.18
C LYS B 274 16.32 -3.56 -14.78
N ALA B 275 16.36 -4.27 -15.91
CA ALA B 275 17.62 -4.71 -16.48
C ALA B 275 17.80 -4.27 -17.93
N LEU B 276 19.03 -3.86 -18.24
CA LEU B 276 19.52 -3.68 -19.61
C LEU B 276 20.32 -4.91 -19.99
N TYR B 277 19.74 -5.75 -20.84
CA TYR B 277 20.32 -7.00 -21.27
C TYR B 277 20.81 -6.90 -22.70
N PHE B 278 21.59 -7.92 -23.11
CA PHE B 278 22.01 -8.01 -24.49
C PHE B 278 20.86 -8.50 -25.37
N ARG B 279 20.70 -7.87 -26.52
CA ARG B 279 19.63 -8.21 -27.44
C ARG B 279 20.06 -9.36 -28.35
N ALA B 280 19.15 -10.30 -28.56
CA ALA B 280 19.43 -11.45 -29.41
C ALA B 280 19.26 -11.09 -30.87
N ILE B 281 20.25 -11.42 -31.69
CA ILE B 281 20.18 -11.11 -33.11
C ILE B 281 19.40 -12.17 -33.88
N GLU B 282 19.48 -13.43 -33.46
CA GLU B 282 18.84 -14.53 -34.17
C GLU B 282 18.42 -15.57 -33.13
N ARG B 283 18.13 -16.79 -33.58
CA ARG B 283 17.90 -17.91 -32.69
C ARG B 283 19.15 -18.78 -32.63
N GLU B 284 19.40 -19.34 -31.45
CA GLU B 284 20.60 -20.13 -31.14
C GLU B 284 21.87 -19.33 -31.43
N VAL B 285 22.03 -18.25 -30.68
CA VAL B 285 23.12 -17.31 -30.91
C VAL B 285 24.42 -17.86 -30.33
N SER B 286 25.53 -17.61 -31.02
CA SER B 286 26.86 -18.06 -30.61
C SER B 286 27.86 -16.91 -30.72
N ARG B 287 27.44 -15.73 -30.31
CA ARG B 287 28.30 -14.55 -30.32
C ARG B 287 29.15 -14.48 -29.06
N ASN B 288 30.26 -13.75 -29.16
CA ASN B 288 31.14 -13.53 -28.04
C ASN B 288 31.48 -12.05 -27.95
N PHE B 289 31.68 -11.56 -26.74
CA PHE B 289 32.05 -10.17 -26.50
C PHE B 289 33.47 -10.13 -25.97
N ALA B 290 34.33 -9.38 -26.67
CA ALA B 290 35.74 -9.29 -26.32
C ALA B 290 36.12 -7.84 -26.13
N TYR B 291 36.82 -7.55 -25.03
CA TYR B 291 37.35 -6.22 -24.74
C TYR B 291 38.80 -6.36 -24.30
N THR B 292 39.58 -5.33 -24.57
CA THR B 292 41.01 -5.39 -24.32
C THR B 292 41.33 -5.11 -22.85
N SER B 293 42.54 -5.49 -22.45
CA SER B 293 43.02 -5.26 -21.10
C SER B 293 44.55 -5.14 -21.15
N SER B 294 45.12 -4.66 -20.04
CA SER B 294 46.55 -4.38 -20.01
C SER B 294 47.38 -5.68 -20.01
N LYS B 295 46.95 -6.66 -19.22
CA LYS B 295 47.74 -7.89 -19.09
C LYS B 295 47.50 -8.84 -20.26
N LYS B 296 46.26 -9.31 -20.42
CA LYS B 296 45.91 -10.26 -21.47
C LYS B 296 44.59 -9.82 -22.08
N LYS B 297 44.00 -10.69 -22.89
CA LYS B 297 42.70 -10.46 -23.50
C LYS B 297 41.71 -11.48 -22.92
N THR B 298 40.62 -10.99 -22.34
CA THR B 298 39.61 -11.83 -21.73
C THR B 298 38.30 -11.70 -22.54
N ASP B 299 37.71 -12.84 -22.88
CA ASP B 299 36.48 -12.90 -23.63
C ASP B 299 35.30 -13.17 -22.68
N ALA B 300 34.10 -13.10 -23.24
CA ALA B 300 32.89 -13.45 -22.50
C ALA B 300 31.85 -14.00 -23.45
N ASN B 301 31.21 -15.09 -23.07
CA ASN B 301 30.09 -15.66 -23.81
C ASN B 301 28.81 -15.25 -23.12
N VAL B 302 27.98 -14.47 -23.81
CA VAL B 302 26.78 -13.89 -23.24
C VAL B 302 25.52 -14.37 -23.95
N VAL B 303 25.61 -15.48 -24.68
CA VAL B 303 24.44 -16.02 -25.38
C VAL B 303 24.27 -17.51 -25.08
N SER B 304 24.67 -17.94 -23.88
CA SER B 304 24.71 -19.36 -23.56
C SER B 304 23.31 -19.98 -23.56
N VAL B 305 23.18 -21.11 -24.25
CA VAL B 305 21.92 -21.83 -24.38
C VAL B 305 22.10 -23.22 -23.78
N PHE B 306 21.15 -23.63 -22.95
CA PHE B 306 21.21 -24.93 -22.29
C PHE B 306 20.11 -25.86 -22.81
N VAL B 318 17.63 -19.99 -23.03
CA VAL B 318 18.61 -18.96 -23.35
C VAL B 318 18.67 -17.91 -22.25
N ARG B 319 19.87 -17.50 -21.89
CA ARG B 319 20.07 -16.40 -20.95
C ARG B 319 21.24 -15.55 -21.43
N HIS B 320 21.18 -14.25 -21.14
CA HIS B 320 22.25 -13.33 -21.47
C HIS B 320 22.69 -12.60 -20.21
N HIS B 321 23.49 -11.55 -20.35
CA HIS B 321 23.97 -10.78 -19.22
C HIS B 321 23.27 -9.42 -19.16
N ALA B 322 23.20 -8.86 -17.96
CA ALA B 322 22.45 -7.63 -17.74
C ALA B 322 23.03 -6.90 -16.53
N PHE B 323 22.44 -5.74 -16.23
CA PHE B 323 22.74 -4.96 -15.03
C PHE B 323 21.54 -4.08 -14.73
N SER B 324 21.49 -3.57 -13.50
CA SER B 324 20.41 -2.68 -13.09
C SER B 324 20.99 -1.33 -12.68
N PRO B 325 20.44 -0.22 -13.17
CA PRO B 325 20.92 1.11 -12.78
C PRO B 325 20.15 1.70 -11.61
N ARG B 326 20.88 2.45 -10.78
CA ARG B 326 20.33 3.07 -9.58
C ARG B 326 20.90 4.47 -9.41
N PHE B 327 20.29 5.22 -8.49
CA PHE B 327 20.48 6.66 -8.34
C PHE B 327 21.48 6.97 -7.22
N GLU B 328 22.41 7.88 -7.49
CA GLU B 328 23.41 8.31 -6.52
C GLU B 328 24.06 9.61 -6.96
N LEU B 329 24.20 10.56 -6.02
CA LEU B 329 24.83 11.85 -6.31
C LEU B 329 26.13 12.04 -5.54
N MET B 330 26.09 11.95 -4.21
CA MET B 330 27.23 12.20 -3.31
C MET B 330 27.86 13.58 -3.55
N ALA B 331 27.00 14.61 -3.54
CA ALA B 331 27.38 16.02 -3.50
C ALA B 331 28.21 16.50 -4.69
N ASP B 332 29.44 16.01 -4.80
CA ASP B 332 30.41 16.56 -5.74
C ASP B 332 30.15 16.14 -7.19
N GLN B 333 29.63 14.92 -7.41
CA GLN B 333 29.55 14.37 -8.76
C GLN B 333 28.19 13.77 -9.03
N TRP B 334 28.06 12.98 -10.10
CA TRP B 334 26.84 12.26 -10.41
C TRP B 334 27.16 10.83 -10.77
N TYR B 335 26.31 9.90 -10.32
CA TYR B 335 26.62 8.48 -10.40
C TYR B 335 25.41 7.67 -10.84
N LEU B 336 25.67 6.67 -11.68
CA LEU B 336 24.72 5.60 -11.97
C LEU B 336 25.28 4.31 -11.38
N ILE B 337 24.53 3.71 -10.45
CA ILE B 337 24.96 2.49 -9.78
C ILE B 337 24.60 1.30 -10.65
N ILE B 338 25.57 0.43 -10.92
CA ILE B 338 25.37 -0.74 -11.77
C ILE B 338 25.35 -1.97 -10.86
N THR B 339 24.26 -2.74 -10.91
CA THR B 339 24.22 -4.01 -10.21
C THR B 339 24.25 -5.12 -11.23
N PRO B 340 25.35 -5.87 -11.35
CA PRO B 340 25.45 -6.92 -12.39
C PRO B 340 24.65 -8.18 -12.10
N THR B 341 23.37 -8.14 -12.43
CA THR B 341 22.55 -9.34 -12.38
C THR B 341 22.95 -10.29 -13.51
N TYR B 342 23.09 -11.58 -13.18
CA TYR B 342 23.54 -12.55 -14.18
C TYR B 342 22.48 -12.86 -15.23
N TYR B 343 21.20 -12.53 -14.94
CA TYR B 343 20.08 -12.70 -15.86
C TYR B 343 19.94 -14.15 -16.34
N TYR B 344 20.15 -15.09 -15.42
CA TYR B 344 20.10 -16.52 -15.74
C TYR B 344 18.69 -17.03 -16.00
N THR B 345 17.66 -16.25 -15.65
CA THR B 345 16.29 -16.77 -15.64
C THR B 345 15.73 -16.93 -17.05
N THR B 346 15.65 -15.84 -17.80
CA THR B 346 14.86 -15.86 -19.03
C THR B 346 15.45 -14.89 -20.04
N ASN B 347 15.60 -15.35 -21.28
CA ASN B 347 15.92 -14.46 -22.39
C ASN B 347 15.27 -15.00 -23.65
N GLY B 348 15.12 -14.12 -24.64
CA GLY B 348 14.58 -14.45 -25.94
C GLY B 348 13.44 -13.54 -26.31
N TYR B 349 12.70 -13.93 -27.35
CA TYR B 349 11.54 -13.15 -27.77
C TYR B 349 10.39 -13.31 -26.80
N ALA B 350 10.31 -14.45 -26.10
CA ALA B 350 9.25 -14.70 -25.13
C ALA B 350 9.52 -13.91 -23.85
N PRO B 351 8.49 -13.31 -23.26
CA PRO B 351 8.68 -12.58 -21.99
C PRO B 351 9.13 -13.47 -20.84
N HIS B 352 8.64 -14.70 -20.77
CA HIS B 352 9.04 -15.63 -19.72
C HIS B 352 8.77 -17.04 -20.21
N GLN B 353 9.69 -17.96 -19.91
CA GLN B 353 9.59 -19.35 -20.38
C GLN B 353 8.64 -20.16 -19.49
N PHE B 354 7.38 -19.72 -19.48
CA PHE B 354 6.31 -20.29 -18.65
C PHE B 354 6.68 -20.32 -17.17
N ALA B 355 7.31 -19.25 -16.71
CA ALA B 355 7.73 -19.04 -15.32
C ALA B 355 8.65 -20.17 -14.83
N ALA B 356 9.80 -20.28 -15.48
CA ALA B 356 10.77 -21.32 -15.19
C ALA B 356 12.14 -20.70 -14.95
N PRO B 357 12.45 -20.30 -13.72
CA PRO B 357 13.78 -19.78 -13.41
C PRO B 357 14.74 -20.89 -12.99
N LEU B 358 16.03 -20.58 -13.10
CA LEU B 358 17.09 -21.50 -12.66
C LEU B 358 18.31 -20.63 -12.34
N LEU B 359 18.57 -20.43 -11.06
CA LEU B 359 19.72 -19.63 -10.64
C LEU B 359 20.16 -20.08 -9.26
N ALA B 360 21.40 -19.74 -8.92
CA ALA B 360 21.97 -20.08 -7.62
C ALA B 360 23.10 -19.10 -7.32
N GLY B 361 23.72 -19.29 -6.16
CA GLY B 361 24.83 -18.44 -5.76
C GLY B 361 26.15 -18.86 -6.38
N LYS B 362 26.68 -18.04 -7.28
CA LYS B 362 27.97 -18.30 -7.92
C LYS B 362 29.11 -17.48 -7.31
N LYS B 363 28.85 -16.22 -6.97
CA LYS B 363 29.86 -15.34 -6.40
C LYS B 363 30.25 -15.81 -5.00
N ARG B 364 31.52 -15.60 -4.65
CA ARG B 364 32.04 -15.96 -3.35
C ARG B 364 32.93 -14.84 -2.84
N LEU B 365 33.04 -14.74 -1.52
CA LEU B 365 33.87 -13.72 -0.87
C LEU B 365 35.31 -14.20 -0.70
N ASP B 366 35.91 -14.65 -1.79
CA ASP B 366 37.32 -15.00 -1.81
C ASP B 366 38.13 -13.77 -2.21
N LYS B 367 39.42 -13.95 -2.52
CA LYS B 367 40.26 -12.81 -2.90
C LYS B 367 39.81 -12.19 -4.22
N SER B 368 39.26 -13.00 -5.12
CA SER B 368 38.63 -12.51 -6.34
C SER B 368 37.12 -12.66 -6.22
N ALA B 369 36.41 -12.09 -7.20
CA ALA B 369 34.96 -12.10 -7.20
C ALA B 369 34.46 -12.22 -8.64
N ALA B 370 33.15 -12.40 -8.79
CA ALA B 370 32.50 -12.51 -10.09
C ALA B 370 31.69 -11.28 -10.47
N LEU B 371 31.07 -10.65 -9.48
CA LEU B 371 30.23 -9.48 -9.76
C LEU B 371 31.07 -8.32 -10.26
N ARG B 372 32.18 -8.04 -9.57
CA ARG B 372 33.10 -6.97 -9.97
C ARG B 372 33.62 -7.29 -11.34
N GLY B 373 33.88 -8.57 -11.57
CA GLY B 373 34.33 -9.00 -12.88
C GLY B 373 33.27 -8.62 -13.89
N GLN B 374 32.03 -9.00 -13.62
CA GLN B 374 30.94 -8.63 -14.51
C GLN B 374 30.79 -7.12 -14.65
N VAL B 375 31.20 -6.36 -13.62
CA VAL B 375 31.26 -4.91 -13.76
C VAL B 375 32.39 -4.50 -14.70
N ILE B 376 33.56 -5.13 -14.56
CA ILE B 376 34.73 -4.72 -15.35
C ILE B 376 34.55 -5.08 -16.82
N MET B 377 34.14 -6.32 -17.12
CA MET B 377 33.95 -6.70 -18.52
C MET B 377 32.70 -6.10 -19.15
N TRP B 378 31.84 -5.44 -18.40
CA TRP B 378 30.77 -4.68 -19.02
C TRP B 378 31.35 -3.39 -19.59
N HIS B 379 31.34 -3.27 -20.92
CA HIS B 379 31.81 -2.07 -21.59
C HIS B 379 30.83 -1.56 -22.63
N ARG B 380 29.66 -2.18 -22.78
CA ARG B 380 28.67 -1.74 -23.74
C ARG B 380 27.99 -0.44 -23.35
N PHE B 381 28.00 -0.10 -22.06
CA PHE B 381 27.47 1.19 -21.63
C PHE B 381 28.36 2.35 -22.06
N LEU B 382 29.66 2.10 -22.20
CA LEU B 382 30.62 3.12 -22.59
C LEU B 382 30.45 3.51 -24.06
N TYR B 400 25.91 13.21 -23.89
CA TYR B 400 27.35 13.27 -23.68
C TYR B 400 27.72 12.51 -22.42
N LEU B 401 27.04 11.38 -22.20
CA LEU B 401 27.24 10.57 -21.00
C LEU B 401 28.55 9.81 -21.13
N MET B 402 29.64 10.53 -20.85
CA MET B 402 30.98 9.95 -20.90
C MET B 402 31.31 9.42 -19.52
N PHE B 403 31.06 8.12 -19.33
CA PHE B 403 31.26 7.49 -18.03
C PHE B 403 32.74 7.36 -17.74
N GLY B 404 33.16 7.83 -16.56
CA GLY B 404 34.50 7.57 -16.10
C GLY B 404 34.62 6.16 -15.56
N GLU B 405 35.87 5.75 -15.36
CA GLU B 405 36.11 4.44 -14.75
C GLU B 405 35.66 4.46 -13.30
N PRO B 406 35.13 3.33 -12.80
CA PRO B 406 34.77 3.26 -11.39
C PRO B 406 35.97 3.48 -10.50
N PRO B 407 35.77 4.06 -9.29
CA PRO B 407 36.89 4.63 -8.50
C PRO B 407 38.00 3.66 -8.13
N SER B 408 37.65 2.58 -7.41
CA SER B 408 38.57 1.50 -7.05
C SER B 408 39.79 2.00 -6.28
N ILE B 409 39.59 2.99 -5.42
CA ILE B 409 40.63 3.50 -4.54
C ILE B 409 40.16 3.27 -3.12
N HIS B 410 40.84 2.38 -2.40
CA HIS B 410 40.47 2.04 -1.04
C HIS B 410 41.71 1.67 -0.25
N LEU B 411 41.60 1.78 1.07
CA LEU B 411 42.64 1.33 1.99
C LEU B 411 41.98 0.51 3.09
N ASP B 412 42.56 -0.65 3.38
CA ASP B 412 41.94 -1.65 4.25
C ASP B 412 42.89 -2.04 5.38
N VAL B 413 43.47 -1.05 6.03
CA VAL B 413 44.37 -1.29 7.16
C VAL B 413 43.61 -1.85 8.35
N PHE E 3 -30.23 -15.86 -16.28
CA PHE E 3 -30.48 -14.73 -15.40
C PHE E 3 -31.66 -13.90 -15.88
N GLU E 4 -32.23 -13.11 -14.96
CA GLU E 4 -33.32 -12.19 -15.28
C GLU E 4 -32.83 -10.75 -15.12
N THR E 5 -33.28 -9.89 -16.03
CA THR E 5 -32.81 -8.51 -16.11
C THR E 5 -33.98 -7.56 -15.90
N ARG E 6 -33.82 -6.62 -14.97
CA ARG E 6 -34.80 -5.57 -14.73
C ARG E 6 -34.17 -4.21 -15.03
N ILE E 7 -34.89 -3.37 -15.76
CA ILE E 7 -34.47 -2.02 -16.08
C ILE E 7 -35.53 -1.08 -15.51
N PHE E 8 -35.22 -0.47 -14.36
CA PHE E 8 -36.18 0.36 -13.67
C PHE E 8 -36.28 1.75 -14.31
N ASP E 9 -37.40 2.42 -14.06
CA ASP E 9 -37.66 3.72 -14.63
C ASP E 9 -36.94 4.81 -13.84
N GLU E 10 -37.00 6.03 -14.38
CA GLU E 10 -36.35 7.15 -13.74
C GLU E 10 -37.12 7.58 -12.48
N PRO E 11 -36.42 7.88 -11.39
CA PRO E 11 -37.10 8.38 -10.20
C PRO E 11 -37.61 9.80 -10.41
N GLU E 12 -38.76 10.10 -9.82
CA GLU E 12 -39.36 11.42 -9.93
C GLU E 12 -39.00 12.28 -8.73
N LEU E 13 -39.22 13.58 -8.87
CA LEU E 13 -38.96 14.54 -7.80
C LEU E 13 -40.18 15.42 -7.61
N GLU E 14 -40.27 16.01 -6.41
CA GLU E 14 -41.30 16.97 -6.07
C GLU E 14 -40.72 18.37 -6.24
N PHE E 15 -41.42 19.22 -7.00
CA PHE E 15 -40.98 20.58 -7.26
C PHE E 15 -42.12 21.54 -6.96
N GLY E 16 -41.81 22.58 -6.18
CA GLY E 16 -42.80 23.61 -5.90
C GLY E 16 -43.93 23.12 -5.01
N ASP E 17 -45.12 23.66 -5.28
CA ASP E 17 -46.33 23.28 -4.56
C ASP E 17 -47.15 22.36 -5.46
N HIS E 18 -47.03 21.06 -5.22
CA HIS E 18 -47.83 20.01 -5.86
C HIS E 18 -47.67 20.02 -7.39
N HIS E 19 -46.44 19.79 -7.82
CA HIS E 19 -46.11 19.68 -9.24
C HIS E 19 -45.24 18.45 -9.44
N HIS E 20 -45.42 17.77 -10.57
CA HIS E 20 -44.73 16.52 -10.84
C HIS E 20 -43.30 16.80 -11.31
N HIS E 21 -42.64 15.77 -11.85
CA HIS E 21 -41.23 15.83 -12.17
C HIS E 21 -41.02 16.05 -13.66
N GLN E 22 -40.24 17.05 -13.99
CA GLN E 22 -39.65 17.27 -15.29
C GLN E 22 -38.14 17.21 -15.10
N ASP E 23 -37.38 17.65 -16.10
CA ASP E 23 -35.93 17.74 -15.97
C ASP E 23 -35.57 18.63 -14.77
N PRO E 24 -34.47 18.32 -14.07
CA PRO E 24 -34.15 19.08 -12.84
C PRO E 24 -33.96 20.56 -13.04
N ARG E 25 -33.55 21.00 -14.24
CA ARG E 25 -33.64 22.42 -14.58
C ARG E 25 -35.08 22.81 -14.92
N LEU E 26 -35.82 21.93 -15.60
CA LEU E 26 -37.19 22.25 -15.98
C LEU E 26 -38.13 22.25 -14.78
N GLY E 27 -37.92 21.33 -13.84
CA GLY E 27 -38.66 21.38 -12.59
C GLY E 27 -38.31 22.60 -11.75
N LEU E 28 -37.05 23.05 -11.84
CA LEU E 28 -36.61 24.28 -11.21
C LEU E 28 -36.73 25.49 -12.13
N SER E 29 -37.69 25.47 -13.05
CA SER E 29 -38.02 26.62 -13.87
C SER E 29 -39.50 26.95 -13.93
N GLU E 30 -40.38 25.98 -13.67
CA GLU E 30 -41.82 26.22 -13.66
C GLU E 30 -42.42 26.20 -12.27
N ALA E 31 -41.75 25.62 -11.29
CA ALA E 31 -42.27 25.52 -9.93
C ALA E 31 -41.36 26.17 -8.90
N GLY E 32 -40.04 26.00 -9.02
CA GLY E 32 -39.12 26.61 -8.09
C GLY E 32 -38.75 25.71 -6.94
N PRO E 33 -38.39 26.30 -5.80
CA PRO E 33 -38.01 25.52 -4.62
C PRO E 33 -39.25 24.90 -3.95
N LEU E 34 -38.99 24.15 -2.88
CA LEU E 34 -40.01 23.29 -2.27
C LEU E 34 -41.20 24.03 -1.68
N GLN E 35 -40.98 24.81 -0.62
CA GLN E 35 -42.06 25.42 0.13
C GLN E 35 -41.59 26.73 0.73
N THR E 36 -42.51 27.41 1.41
CA THR E 36 -42.26 28.59 2.26
C THR E 36 -41.56 29.71 1.47
N PHE E 37 -42.31 30.26 0.51
CA PHE E 37 -41.81 31.35 -0.32
C PHE E 37 -42.00 32.70 0.39
N LEU E 38 -41.37 32.81 1.56
CA LEU E 38 -41.42 34.03 2.37
C LEU E 38 -40.04 34.29 2.94
N GLY E 39 -39.79 35.55 3.28
CA GLY E 39 -38.49 35.96 3.79
C GLY E 39 -37.37 35.82 2.78
N ASP E 40 -37.62 36.23 1.53
CA ASP E 40 -36.69 36.00 0.43
C ASP E 40 -35.59 37.07 0.44
N VAL E 41 -34.61 36.83 1.30
CA VAL E 41 -33.41 37.67 1.39
C VAL E 41 -32.17 36.77 1.41
N ILE E 42 -31.27 36.99 0.46
CA ILE E 42 -29.96 36.32 0.42
C ILE E 42 -28.93 37.38 0.11
N LYS E 43 -27.92 37.51 0.98
CA LYS E 43 -26.81 38.42 0.76
C LYS E 43 -25.61 37.62 0.28
N ILE E 44 -25.03 38.04 -0.84
CA ILE E 44 -24.08 37.23 -1.61
C ILE E 44 -22.72 37.93 -1.65
N GLY E 45 -22.33 38.55 -0.53
CA GLY E 45 -21.05 39.25 -0.41
C GLY E 45 -19.83 38.49 -0.89
N VAL E 46 -19.19 39.00 -1.95
CA VAL E 46 -18.13 38.30 -2.68
C VAL E 46 -16.77 38.67 -2.08
N VAL E 47 -15.86 37.71 -2.12
CA VAL E 47 -14.47 37.90 -1.72
C VAL E 47 -13.59 37.71 -2.94
N GLY E 48 -12.70 38.68 -3.19
CA GLY E 48 -11.82 38.62 -4.34
C GLY E 48 -11.12 39.95 -4.52
N ASN E 49 -10.50 40.11 -5.68
CA ASN E 49 -9.87 41.38 -6.01
C ASN E 49 -10.92 42.33 -6.60
N SER E 50 -10.47 43.51 -7.00
CA SER E 50 -11.41 44.53 -7.49
C SER E 50 -12.00 44.15 -8.84
N LYS E 51 -11.16 43.67 -9.75
CA LYS E 51 -11.66 43.25 -11.07
C LYS E 51 -12.57 42.04 -10.95
N THR E 52 -12.23 41.08 -10.08
CA THR E 52 -13.03 39.87 -9.96
C THR E 52 -14.37 40.15 -9.29
N ILE E 53 -14.40 40.99 -8.25
CA ILE E 53 -15.67 41.37 -7.65
C ILE E 53 -16.50 42.20 -8.62
N GLU E 54 -15.85 43.10 -9.37
CA GLU E 54 -16.55 43.96 -10.31
C GLU E 54 -17.21 43.17 -11.43
N ASP E 55 -16.46 42.28 -12.08
CA ASP E 55 -17.09 41.51 -13.14
C ASP E 55 -17.96 40.38 -12.63
N THR E 56 -17.78 39.95 -11.37
CA THR E 56 -18.75 39.04 -10.75
C THR E 56 -20.11 39.72 -10.61
N ARG E 57 -20.12 40.96 -10.12
CA ARG E 57 -21.36 41.72 -10.04
C ARG E 57 -21.93 42.00 -11.43
N LYS E 58 -21.05 42.29 -12.40
CA LYS E 58 -21.50 42.51 -13.76
C LYS E 58 -22.15 41.27 -14.35
N PHE E 59 -21.53 40.10 -14.15
CA PHE E 59 -22.06 38.85 -14.68
C PHE E 59 -23.36 38.45 -13.98
N ILE E 60 -23.49 38.75 -12.69
CA ILE E 60 -24.77 38.57 -12.01
C ILE E 60 -25.82 39.49 -12.62
N GLU E 61 -25.40 40.70 -13.02
CA GLU E 61 -26.33 41.61 -13.68
C GLU E 61 -26.78 41.11 -15.06
N THR E 62 -25.90 40.45 -15.81
CA THR E 62 -26.34 39.89 -17.10
C THR E 62 -27.38 38.78 -16.93
N VAL E 63 -27.17 37.88 -15.97
CA VAL E 63 -28.12 36.78 -15.79
C VAL E 63 -29.35 37.20 -14.99
N SER E 64 -29.39 38.45 -14.51
CA SER E 64 -30.59 38.93 -13.83
C SER E 64 -31.75 39.17 -14.79
N SER E 65 -31.46 39.36 -16.08
CA SER E 65 -32.50 39.50 -17.09
C SER E 65 -32.85 38.17 -17.75
N GLY E 66 -31.87 37.31 -17.95
CA GLY E 66 -32.10 36.02 -18.57
C GLY E 66 -31.30 35.82 -19.84
N VAL E 67 -30.49 34.76 -19.87
CA VAL E 67 -29.67 34.45 -21.03
C VAL E 67 -30.40 33.40 -21.87
N GLU E 68 -30.04 33.33 -23.14
CA GLU E 68 -30.70 32.46 -24.12
C GLU E 68 -29.67 31.59 -24.84
N GLY E 69 -28.73 31.02 -24.07
CA GLY E 69 -27.72 30.16 -24.65
C GLY E 69 -28.29 28.79 -25.00
N LYS E 70 -27.83 28.25 -26.12
CA LYS E 70 -28.26 26.94 -26.58
C LYS E 70 -27.21 26.37 -27.52
N GLY E 71 -27.33 25.07 -27.77
CA GLY E 71 -26.38 24.41 -28.66
C GLY E 71 -26.85 23.00 -28.96
N GLU E 72 -26.10 22.35 -29.86
CA GLU E 72 -26.31 20.97 -30.33
C GLU E 72 -27.69 20.90 -31.00
N LYS E 73 -28.42 19.81 -30.83
CA LYS E 73 -29.73 19.64 -31.46
C LYS E 73 -30.84 19.35 -30.48
N HIS E 74 -30.57 18.68 -29.37
CA HIS E 74 -31.61 18.32 -28.42
C HIS E 74 -31.99 19.52 -27.57
N PRO E 75 -33.25 19.95 -27.57
CA PRO E 75 -33.65 21.08 -26.71
C PRO E 75 -33.89 20.68 -25.26
N ASN E 76 -33.96 19.39 -24.96
CA ASN E 76 -34.15 18.95 -23.58
C ASN E 76 -32.87 19.07 -22.76
N MET E 77 -31.70 18.90 -23.39
CA MET E 77 -30.45 18.92 -22.65
C MET E 77 -30.00 20.34 -22.32
N HIS E 78 -30.30 21.30 -23.19
CA HIS E 78 -29.81 22.66 -22.98
C HIS E 78 -30.91 23.71 -22.98
N PRO E 79 -31.76 23.72 -21.95
CA PRO E 79 -32.75 24.80 -21.87
C PRO E 79 -32.05 26.07 -21.43
N PRO E 80 -32.66 27.24 -21.72
CA PRO E 80 -32.02 28.51 -21.38
C PRO E 80 -32.18 28.85 -19.90
N PHE E 81 -31.39 29.80 -19.40
CA PHE E 81 -31.48 30.21 -18.01
C PHE E 81 -32.36 31.45 -17.88
N PRO E 82 -33.41 31.42 -17.07
CA PRO E 82 -34.33 32.56 -16.98
C PRO E 82 -33.73 33.71 -16.18
N GLY E 83 -34.54 34.75 -15.99
CA GLY E 83 -34.11 35.94 -15.30
C GLY E 83 -34.18 35.81 -13.79
N LEU E 84 -33.94 36.93 -13.12
CA LEU E 84 -33.96 37.00 -11.66
C LEU E 84 -35.07 37.91 -11.14
N GLY E 85 -36.06 38.21 -11.96
CA GLY E 85 -37.14 39.08 -11.57
C GLY E 85 -38.48 38.38 -11.44
N ASN E 86 -39.42 38.72 -12.32
CA ASN E 86 -40.73 38.07 -12.29
C ASN E 86 -40.66 36.63 -12.75
N GLN E 87 -39.71 36.30 -13.63
CA GLN E 87 -39.53 34.94 -14.11
C GLN E 87 -38.51 34.16 -13.30
N SER E 88 -38.11 34.66 -12.15
CA SER E 88 -37.15 33.96 -11.30
C SER E 88 -37.80 32.74 -10.68
N PRO E 89 -37.20 31.55 -10.81
CA PRO E 89 -37.82 30.36 -10.21
C PRO E 89 -37.72 30.32 -8.70
N TYR E 90 -36.64 30.85 -8.14
CA TYR E 90 -36.45 30.83 -6.69
C TYR E 90 -37.32 31.85 -5.97
N ARG E 91 -37.75 32.91 -6.68
CA ARG E 91 -38.50 34.04 -6.12
C ARG E 91 -37.76 34.65 -4.93
N CYS E 92 -36.45 34.77 -5.07
CA CYS E 92 -35.58 35.19 -3.99
C CYS E 92 -34.74 36.38 -4.42
N ARG E 93 -34.37 37.20 -3.44
CA ARG E 93 -33.52 38.37 -3.69
C ARG E 93 -32.09 37.90 -3.80
N PHE E 94 -31.58 37.86 -5.03
CA PHE E 94 -30.18 37.52 -5.27
C PHE E 94 -29.37 38.82 -5.41
N GLU E 95 -29.26 39.51 -4.28
CA GLU E 95 -28.62 40.83 -4.23
C GLU E 95 -27.28 40.70 -3.51
N ILE E 96 -26.33 41.55 -3.90
CA ILE E 96 -25.05 41.60 -3.20
C ILE E 96 -25.15 42.58 -2.04
N GLU E 97 -24.60 42.19 -0.89
CA GLU E 97 -24.59 43.08 0.26
C GLU E 97 -23.60 44.22 0.06
N ASP E 98 -24.06 45.45 0.25
CA ASP E 98 -23.20 46.60 0.06
C ASP E 98 -22.21 46.73 1.21
N GLY E 99 -20.94 46.93 0.87
CA GLY E 99 -19.88 46.93 1.86
C GLY E 99 -19.34 45.58 2.22
N ALA E 100 -19.88 44.50 1.65
CA ALA E 100 -19.39 43.15 1.88
C ALA E 100 -18.46 42.69 0.77
N THR E 101 -18.02 43.59 -0.10
CA THR E 101 -17.07 43.25 -1.16
C THR E 101 -15.66 43.28 -0.58
N ALA E 102 -15.30 42.18 0.07
CA ALA E 102 -14.00 42.07 0.72
C ALA E 102 -12.89 41.97 -0.32
N ALA E 103 -11.96 42.91 -0.26
CA ALA E 103 -10.89 43.00 -1.24
C ALA E 103 -9.70 42.14 -0.83
N LEU E 104 -8.88 41.78 -1.83
CA LEU E 104 -7.66 41.04 -1.61
C LEU E 104 -6.42 41.78 -2.11
N THR E 105 -6.59 43.00 -2.61
CA THR E 105 -5.55 43.88 -3.17
C THR E 105 -4.83 43.14 -4.30
N LYS E 106 -3.55 43.40 -4.48
CA LYS E 106 -2.76 42.77 -5.53
C LYS E 106 -1.47 42.15 -5.01
N SER E 107 -0.85 42.74 -3.99
CA SER E 107 0.41 42.23 -3.48
C SER E 107 0.24 40.88 -2.78
N LYS E 108 -0.89 40.69 -2.10
CA LYS E 108 -1.14 39.41 -1.43
C LYS E 108 -1.37 38.29 -2.44
N LEU E 109 -2.05 38.60 -3.56
CA LEU E 109 -2.25 37.60 -4.60
C LEU E 109 -0.93 37.15 -5.21
N ASP E 110 -0.02 38.09 -5.47
CA ASP E 110 1.29 37.74 -5.98
C ASP E 110 2.12 36.98 -4.95
N LYS E 111 1.98 37.36 -3.67
CA LYS E 111 2.74 36.67 -2.63
C LYS E 111 2.22 35.25 -2.38
N ILE E 112 0.95 34.99 -2.68
CA ILE E 112 0.47 33.60 -2.67
C ILE E 112 0.92 32.86 -3.93
N GLY E 113 0.82 33.50 -5.09
CA GLY E 113 1.15 32.84 -6.34
C GLY E 113 2.62 32.73 -6.66
N LYS E 114 3.50 33.29 -5.84
CA LYS E 114 4.93 33.27 -6.13
C LYS E 114 5.70 32.16 -5.42
N GLU E 115 5.19 31.65 -4.29
CA GLU E 115 5.93 30.66 -3.53
C GLU E 115 5.85 29.30 -4.22
N PRO E 116 6.91 28.49 -4.11
CA PRO E 116 6.92 27.17 -4.77
C PRO E 116 6.42 26.01 -3.92
N ASP E 117 5.76 26.27 -2.79
CA ASP E 117 5.23 25.22 -1.94
C ASP E 117 3.75 24.98 -2.27
N HIS E 118 3.40 23.72 -2.53
CA HIS E 118 2.02 23.40 -2.87
C HIS E 118 1.11 23.51 -1.65
N TYR E 119 1.56 23.02 -0.49
CA TYR E 119 0.75 23.09 0.72
C TYR E 119 0.62 24.52 1.22
N ARG E 120 1.74 25.24 1.31
CA ARG E 120 1.77 26.52 2.01
C ARG E 120 1.00 27.59 1.26
N ALA E 121 1.04 27.55 -0.08
CA ALA E 121 0.34 28.56 -0.88
C ALA E 121 -1.16 28.49 -0.68
N VAL E 122 -1.72 27.28 -0.79
CA VAL E 122 -3.14 27.10 -0.53
C VAL E 122 -3.47 27.29 0.95
N GLU E 123 -2.49 27.07 1.84
CA GLU E 123 -2.72 27.28 3.26
C GLU E 123 -2.92 28.77 3.56
N MET E 124 -2.03 29.63 3.08
CA MET E 124 -2.24 31.05 3.35
C MET E 124 -3.32 31.67 2.46
N ALA E 125 -3.65 31.04 1.32
CA ALA E 125 -4.83 31.48 0.58
C ALA E 125 -6.10 31.20 1.38
N VAL E 126 -6.20 30.01 1.98
CA VAL E 126 -7.34 29.68 2.85
C VAL E 126 -7.36 30.59 4.06
N ASP E 127 -6.20 30.87 4.64
CA ASP E 127 -6.12 31.75 5.80
C ASP E 127 -6.52 33.17 5.47
N GLU E 128 -6.15 33.67 4.29
CA GLU E 128 -6.54 35.01 3.86
C GLU E 128 -8.05 35.10 3.63
N ILE E 129 -8.62 34.10 2.94
CA ILE E 129 -10.07 34.10 2.72
C ILE E 129 -10.81 34.00 4.04
N ILE E 130 -10.32 33.17 4.96
CA ILE E 130 -10.94 33.02 6.27
C ILE E 130 -10.83 34.31 7.08
N GLY E 131 -9.70 35.02 6.96
CA GLY E 131 -9.56 36.29 7.64
C GLY E 131 -10.51 37.35 7.14
N GLU E 132 -10.69 37.45 5.82
CA GLU E 132 -11.70 38.37 5.29
C GLU E 132 -13.12 37.95 5.67
N LEU E 133 -13.41 36.65 5.71
CA LEU E 133 -14.75 36.21 6.12
C LEU E 133 -15.00 36.51 7.61
N GLN E 134 -13.97 36.36 8.45
CA GLN E 134 -14.09 36.68 9.86
C GLN E 134 -14.23 38.18 10.08
N ALA E 135 -13.54 38.99 9.28
CA ALA E 135 -13.73 40.44 9.34
C ALA E 135 -15.06 40.87 8.74
N MET E 136 -15.69 40.00 7.94
CA MET E 136 -17.00 40.29 7.38
C MET E 136 -18.16 39.93 8.29
N ASP E 137 -18.07 38.81 9.01
CA ASP E 137 -19.21 38.33 9.77
C ASP E 137 -19.30 38.92 11.18
N ASP E 138 -18.40 39.84 11.54
CA ASP E 138 -18.45 40.43 12.88
C ASP E 138 -19.68 41.30 13.07
N GLY E 139 -20.07 42.05 12.05
CA GLY E 139 -21.26 42.87 12.14
C GLY E 139 -21.46 43.70 10.89
N GLY E 140 -22.61 44.37 10.84
CA GLY E 140 -22.94 45.25 9.74
C GLY E 140 -24.17 44.81 8.96
N SER E 141 -24.25 43.51 8.68
CA SER E 141 -25.36 42.95 7.92
C SER E 141 -25.43 41.45 8.23
N ARG E 142 -26.19 40.71 7.42
CA ARG E 142 -26.29 39.26 7.54
C ARG E 142 -25.95 38.66 6.18
N PRO E 143 -24.68 38.33 5.94
CA PRO E 143 -24.31 37.62 4.70
C PRO E 143 -24.61 36.13 4.77
N ASP E 144 -25.83 35.74 4.37
CA ASP E 144 -26.25 34.34 4.45
C ASP E 144 -25.33 33.40 3.67
N VAL E 145 -24.87 33.85 2.50
CA VAL E 145 -24.00 33.05 1.65
C VAL E 145 -22.83 33.92 1.22
N ALA E 146 -21.77 33.28 0.73
CA ALA E 146 -20.62 34.01 0.24
C ALA E 146 -20.10 33.33 -1.02
N ILE E 147 -19.69 34.14 -2.00
CA ILE E 147 -19.02 33.64 -3.20
C ILE E 147 -17.53 33.91 -3.04
N ILE E 148 -16.73 32.86 -3.10
CA ILE E 148 -15.28 32.99 -3.06
C ILE E 148 -14.82 32.90 -4.51
N ALA E 149 -14.73 34.06 -5.15
CA ALA E 149 -14.39 34.14 -6.57
C ALA E 149 -12.88 34.29 -6.74
N LEU E 150 -12.30 33.41 -7.56
CA LEU E 150 -10.85 33.27 -7.64
C LEU E 150 -10.33 33.89 -8.94
N PRO E 151 -9.33 34.76 -8.87
CA PRO E 151 -8.66 35.21 -10.09
C PRO E 151 -7.81 34.10 -10.70
N VAL E 152 -7.42 34.32 -11.96
CA VAL E 152 -6.70 33.30 -12.73
C VAL E 152 -5.32 33.04 -12.13
N LYS E 153 -4.67 34.07 -11.60
CA LYS E 153 -3.37 33.90 -10.96
C LYS E 153 -3.48 33.04 -9.70
N LEU E 154 -4.56 33.21 -8.94
CA LEU E 154 -4.82 32.32 -7.81
C LEU E 154 -5.32 30.96 -8.27
N LEU E 155 -6.06 30.93 -9.38
CA LEU E 155 -6.62 29.69 -9.93
C LEU E 155 -5.51 28.72 -10.32
N GLU E 156 -4.53 29.20 -11.08
CA GLU E 156 -3.43 28.35 -11.53
C GLU E 156 -2.62 27.85 -10.35
N ARG E 157 -2.41 28.69 -9.35
CA ARG E 157 -1.65 28.30 -8.17
C ARG E 157 -2.35 27.21 -7.38
N VAL E 158 -3.64 27.40 -7.07
CA VAL E 158 -4.34 26.42 -6.26
C VAL E 158 -4.70 25.17 -7.05
N TRP E 159 -4.67 25.22 -8.37
CA TRP E 159 -4.87 23.99 -9.14
C TRP E 159 -3.58 23.20 -9.34
N ASN E 160 -2.46 23.89 -9.58
CA ASN E 160 -1.19 23.20 -9.72
C ASN E 160 -0.62 22.77 -8.39
N ALA E 161 -1.11 23.31 -7.27
CA ALA E 161 -0.78 22.72 -5.98
C ALA E 161 -1.45 21.36 -5.81
N LYS E 162 -2.54 21.11 -6.52
CA LYS E 162 -3.27 19.85 -6.44
C LYS E 162 -2.78 18.82 -7.46
N VAL E 163 -2.68 19.22 -8.74
CA VAL E 163 -2.38 18.23 -9.76
C VAL E 163 -0.90 17.89 -9.87
N ASP E 164 -0.01 18.74 -9.34
CA ASP E 164 1.42 18.49 -9.41
C ASP E 164 2.00 18.05 -8.08
N ALA E 165 1.16 17.76 -7.09
CA ALA E 165 1.65 17.25 -5.81
C ALA E 165 1.87 15.75 -5.82
N ARG E 166 1.48 15.07 -6.91
CA ARG E 166 1.69 13.63 -7.13
C ARG E 166 1.07 12.79 -6.02
N GLY E 167 -0.17 13.12 -5.67
CA GLY E 167 -0.88 12.35 -4.67
C GLY E 167 -1.40 11.02 -5.20
N THR E 168 -1.58 10.08 -4.29
CA THR E 168 -2.04 8.74 -4.62
C THR E 168 -3.50 8.57 -4.19
N THR E 169 -4.11 7.50 -4.68
CA THR E 169 -5.51 7.18 -4.40
C THR E 169 -5.61 5.77 -3.83
N GLU E 170 -6.70 5.53 -3.10
CA GLU E 170 -7.04 4.19 -2.66
C GLU E 170 -8.56 4.07 -2.64
N LYS E 171 -9.04 2.83 -2.74
CA LYS E 171 -10.46 2.61 -3.03
C LYS E 171 -11.34 2.88 -1.80
N SER E 172 -10.92 2.44 -0.62
CA SER E 172 -11.76 2.56 0.57
C SER E 172 -11.79 3.97 1.13
N ASP E 173 -10.88 4.85 0.70
CA ASP E 173 -10.88 6.24 1.13
C ASP E 173 -11.78 7.08 0.24
N SER E 174 -12.51 7.99 0.86
CA SER E 174 -13.40 8.90 0.16
C SER E 174 -12.87 10.32 0.12
N SER E 175 -11.74 10.59 0.76
CA SER E 175 -11.25 11.97 0.89
C SER E 175 -10.76 12.52 -0.45
N GLY E 176 -10.28 11.65 -1.33
CA GLY E 176 -9.78 12.11 -2.60
C GLY E 176 -8.42 11.53 -2.95
N SER E 177 -7.41 12.39 -3.11
CA SER E 177 -6.13 11.95 -3.63
C SER E 177 -4.94 12.62 -2.93
N ASP E 178 -5.08 12.94 -1.65
CA ASP E 178 -4.03 13.49 -0.78
C ASP E 178 -3.45 14.83 -1.22
N ALA E 179 -3.94 15.39 -2.29
CA ALA E 179 -3.46 16.69 -2.74
C ALA E 179 -4.06 17.78 -1.85
N PRO E 180 -3.35 18.90 -1.68
CA PRO E 180 -3.95 20.01 -0.93
C PRO E 180 -5.14 20.60 -1.66
N ASN E 181 -6.33 20.39 -1.11
CA ASN E 181 -7.57 20.79 -1.73
C ASN E 181 -7.97 22.16 -1.20
N PHE E 182 -8.08 23.14 -2.11
CA PHE E 182 -8.57 24.45 -1.73
C PHE E 182 -10.01 24.40 -1.25
N ARG E 183 -10.84 23.61 -1.93
CA ARG E 183 -12.25 23.50 -1.59
C ARG E 183 -12.46 22.89 -0.21
N GLY E 184 -11.81 21.75 0.03
CA GLY E 184 -11.97 21.08 1.31
C GLY E 184 -11.39 21.88 2.48
N MET E 185 -10.23 22.50 2.27
CA MET E 185 -9.64 23.31 3.34
C MET E 185 -10.48 24.54 3.66
N LEU E 186 -11.01 25.20 2.63
CA LEU E 186 -11.86 26.36 2.85
C LEU E 186 -13.15 25.98 3.57
N LYS E 187 -13.77 24.85 3.18
CA LYS E 187 -14.98 24.41 3.86
C LYS E 187 -14.71 23.92 5.28
N ALA E 188 -13.54 23.35 5.52
CA ALA E 188 -13.20 22.91 6.88
C ALA E 188 -12.92 24.07 7.80
N LYS E 189 -12.15 25.06 7.34
CA LYS E 189 -11.84 26.22 8.16
C LYS E 189 -12.99 27.21 8.24
N ALA E 190 -14.00 27.09 7.38
CA ALA E 190 -15.21 27.88 7.48
C ALA E 190 -16.33 27.16 8.20
N MET E 191 -16.03 26.00 8.81
CA MET E 191 -17.07 25.24 9.51
C MET E 191 -17.51 25.95 10.79
N GLY E 192 -16.56 26.54 11.52
CA GLY E 192 -16.90 27.31 12.69
C GLY E 192 -17.63 28.60 12.39
N LEU E 193 -17.49 29.11 11.16
CA LEU E 193 -18.22 30.28 10.73
C LEU E 193 -19.70 29.94 10.52
N SER E 194 -20.51 30.99 10.34
CA SER E 194 -21.87 30.84 9.88
C SER E 194 -21.99 30.98 8.37
N PHE E 195 -20.92 30.64 7.64
CA PHE E 195 -20.78 30.96 6.23
C PHE E 195 -20.80 29.70 5.37
N PRO E 196 -21.90 29.40 4.69
CA PRO E 196 -21.81 28.51 3.54
C PRO E 196 -21.24 29.28 2.36
N ILE E 197 -20.17 28.75 1.76
CA ILE E 197 -19.36 29.51 0.83
C ILE E 197 -19.32 28.79 -0.52
N GLN E 198 -19.42 29.58 -1.59
CA GLN E 198 -19.37 29.06 -2.96
C GLN E 198 -18.05 29.45 -3.60
N ILE E 199 -17.38 28.48 -4.22
CA ILE E 199 -16.08 28.69 -4.86
C ILE E 199 -16.28 28.58 -6.36
N VAL E 200 -15.90 29.62 -7.10
CA VAL E 200 -16.04 29.67 -8.55
C VAL E 200 -14.67 29.96 -9.17
N TRP E 201 -14.62 29.85 -10.49
CA TRP E 201 -13.44 30.18 -11.29
C TRP E 201 -13.75 31.35 -12.20
N GLU E 202 -12.70 32.02 -12.69
CA GLU E 202 -12.91 33.16 -13.58
C GLU E 202 -13.52 32.77 -14.93
N ASP E 203 -13.47 31.50 -15.30
CA ASP E 203 -14.14 31.07 -16.52
C ASP E 203 -15.65 31.12 -16.35
N VAL E 204 -16.15 30.87 -15.14
CA VAL E 204 -17.58 30.89 -14.88
C VAL E 204 -18.12 32.32 -14.96
N ILE E 205 -17.34 33.31 -14.54
CA ILE E 205 -17.80 34.70 -14.60
C ILE E 205 -17.73 35.25 -16.02
N ASP E 206 -16.53 35.35 -16.58
CA ASP E 206 -16.35 35.93 -17.90
C ASP E 206 -15.62 34.96 -18.81
N ASP E 207 -16.17 34.76 -20.02
CA ASP E 207 -15.56 33.89 -21.02
C ASP E 207 -14.68 34.69 -21.98
N LYS E 208 -13.73 35.46 -21.42
CA LYS E 208 -12.82 36.26 -22.21
C LYS E 208 -11.36 36.03 -21.87
N VAL E 209 -11.03 35.55 -20.68
CA VAL E 209 -9.65 35.29 -20.28
C VAL E 209 -9.33 33.83 -20.54
N THR E 210 -8.19 33.58 -21.17
CA THR E 210 -7.79 32.22 -21.51
C THR E 210 -7.20 31.50 -20.30
N ILE E 211 -7.38 30.19 -20.27
CA ILE E 211 -6.81 29.32 -19.25
C ILE E 211 -5.48 28.79 -19.80
N PRO E 212 -4.41 28.75 -19.01
CA PRO E 212 -3.13 28.27 -19.52
C PRO E 212 -3.19 26.80 -19.93
N GLN E 213 -2.26 26.44 -20.83
CA GLN E 213 -2.28 25.11 -21.46
C GLN E 213 -2.02 23.99 -20.46
N LYS E 214 -1.20 24.26 -19.43
CA LYS E 214 -0.96 23.26 -18.39
C LYS E 214 -2.23 22.96 -17.62
N VAL E 215 -3.00 23.99 -17.26
CA VAL E 215 -4.25 23.80 -16.55
C VAL E 215 -5.30 23.14 -17.46
N LYS E 216 -5.29 23.46 -18.76
CA LYS E 216 -6.23 22.83 -19.69
C LYS E 216 -5.93 21.35 -19.85
N GLU E 217 -4.66 20.99 -20.03
CA GLU E 217 -4.30 19.61 -20.28
C GLU E 217 -4.35 18.76 -19.00
N SER E 218 -4.03 19.35 -17.85
CA SER E 218 -4.00 18.59 -16.61
C SER E 218 -5.36 18.46 -15.94
N SER E 219 -6.39 19.10 -16.49
CA SER E 219 -7.73 19.03 -15.91
C SER E 219 -8.81 18.69 -16.93
N SER E 220 -8.50 18.70 -18.22
CA SER E 220 -9.47 18.47 -19.32
C SER E 220 -10.66 19.42 -19.21
N ARG E 221 -10.35 20.70 -19.05
CA ARG E 221 -11.37 21.71 -18.76
C ARG E 221 -12.07 22.10 -20.05
N LYS E 222 -13.40 21.93 -20.06
CA LYS E 222 -14.22 22.34 -21.20
C LYS E 222 -15.56 22.80 -20.64
N ILE E 223 -15.76 24.12 -20.59
CA ILE E 223 -17.01 24.67 -20.08
C ILE E 223 -18.15 24.43 -21.07
N GLN E 224 -19.38 24.57 -20.59
CA GLN E 224 -20.53 24.63 -21.46
C GLN E 224 -20.86 26.09 -21.76
N ASP E 225 -22.05 26.34 -22.31
CA ASP E 225 -22.46 27.69 -22.67
C ASP E 225 -22.81 28.50 -21.41
N ILE E 226 -23.17 29.76 -21.64
CA ILE E 226 -23.51 30.65 -20.53
C ILE E 226 -24.80 30.20 -19.85
N ALA E 227 -25.76 29.70 -20.62
CA ALA E 227 -26.99 29.18 -20.04
C ALA E 227 -26.73 27.92 -19.23
N GLY E 228 -25.79 27.08 -19.67
CA GLY E 228 -25.44 25.86 -18.98
C GLY E 228 -24.44 26.00 -17.87
N ARG E 229 -23.88 27.19 -17.65
CA ARG E 229 -22.91 27.43 -16.59
C ARG E 229 -23.54 28.00 -15.33
N THR E 230 -24.56 28.83 -15.45
CA THR E 230 -25.22 29.41 -14.30
C THR E 230 -26.37 28.56 -13.80
N TRP E 231 -26.70 27.47 -14.49
CA TRP E 231 -27.71 26.56 -13.97
C TRP E 231 -27.17 25.79 -12.76
N ASN E 232 -25.90 25.41 -12.81
CA ASN E 232 -25.27 24.68 -11.72
C ASN E 232 -24.75 25.59 -10.62
N LEU E 233 -24.85 26.90 -10.77
CA LEU E 233 -24.27 27.84 -9.80
C LEU E 233 -25.32 28.53 -8.94
N MET E 234 -26.38 29.07 -9.54
CA MET E 234 -27.40 29.74 -8.74
C MET E 234 -28.25 28.75 -7.95
N THR E 235 -28.37 27.51 -8.44
CA THR E 235 -29.02 26.47 -7.67
C THR E 235 -28.22 26.12 -6.42
N SER E 236 -26.90 25.98 -6.56
CA SER E 236 -26.04 25.78 -5.41
C SER E 236 -26.02 27.00 -4.51
N LEU E 237 -26.21 28.19 -5.08
CA LEU E 237 -26.27 29.41 -4.28
C LEU E 237 -27.53 29.45 -3.43
N TYR E 238 -28.68 29.06 -4.00
CA TYR E 238 -29.90 29.04 -3.21
C TYR E 238 -29.93 27.86 -2.24
N TYR E 239 -29.23 26.78 -2.55
CA TYR E 239 -29.16 25.65 -1.62
C TYR E 239 -28.43 26.03 -0.34
N LYS E 240 -27.38 26.84 -0.47
CA LYS E 240 -26.55 27.23 0.67
C LYS E 240 -27.07 28.46 1.41
N GLY E 241 -28.20 29.02 0.97
CA GLY E 241 -28.82 30.15 1.65
C GLY E 241 -30.18 29.74 2.19
N SER E 242 -30.47 30.17 3.41
CA SER E 242 -31.70 29.94 4.18
C SER E 242 -31.93 28.47 4.57
N GLY E 243 -31.05 27.56 4.17
CA GLY E 243 -31.12 26.17 4.61
C GLY E 243 -32.34 25.42 4.16
N ARG E 244 -32.77 25.61 2.91
CA ARG E 244 -33.95 24.97 2.37
C ARG E 244 -33.60 24.27 1.06
N ILE E 245 -33.89 22.97 0.98
CA ILE E 245 -33.63 22.20 -0.23
C ILE E 245 -34.67 22.57 -1.28
N PRO E 246 -34.34 22.56 -2.57
CA PRO E 246 -35.30 22.95 -3.60
C PRO E 246 -36.15 21.83 -4.18
N TRP E 247 -35.83 20.57 -3.92
CA TRP E 247 -36.62 19.46 -4.43
C TRP E 247 -36.48 18.27 -3.50
N ARG E 248 -37.41 17.32 -3.63
CA ARG E 248 -37.35 16.08 -2.87
C ARG E 248 -37.93 14.96 -3.71
N ARG E 249 -37.54 13.73 -3.39
CA ARG E 249 -38.09 12.55 -4.03
C ARG E 249 -39.47 12.24 -3.45
N MET E 250 -40.24 11.46 -4.20
CA MET E 250 -41.57 11.02 -3.76
C MET E 250 -41.75 9.52 -4.00
N PRO E 251 -41.17 8.67 -3.16
CA PRO E 251 -41.39 7.22 -3.29
C PRO E 251 -42.55 6.74 -2.43
N LEU E 252 -43.00 5.52 -2.73
CA LEU E 252 -43.94 4.81 -1.85
C LEU E 252 -43.41 3.40 -1.62
N GLU E 253 -42.45 3.28 -0.71
CA GLU E 253 -42.07 2.03 -0.06
C GLU E 253 -41.89 2.18 1.44
N GLY E 254 -41.33 3.31 1.88
CA GLY E 254 -40.96 3.53 3.27
C GLY E 254 -41.39 4.88 3.79
N GLU E 255 -42.60 5.32 3.43
CA GLU E 255 -43.06 6.68 3.75
C GLU E 255 -43.22 6.92 5.25
N PHE E 256 -43.25 5.87 6.07
CA PHE E 256 -43.27 6.07 7.52
C PHE E 256 -41.93 6.62 8.01
N SER E 257 -40.85 5.89 7.75
CA SER E 257 -39.52 6.34 8.12
C SER E 257 -38.51 5.72 7.15
N ALA E 258 -37.35 6.37 7.03
CA ALA E 258 -36.28 5.88 6.18
C ALA E 258 -34.96 6.48 6.62
N CYS E 259 -33.90 5.70 6.53
CA CYS E 259 -32.57 6.17 6.91
C CYS E 259 -31.55 5.46 6.00
N TYR E 260 -31.22 6.11 4.89
CA TYR E 260 -30.25 5.56 3.94
C TYR E 260 -28.84 5.97 4.33
N VAL E 261 -28.41 5.47 5.48
CA VAL E 261 -27.13 5.89 6.05
C VAL E 261 -26.01 5.25 5.23
N GLY E 262 -25.28 6.09 4.50
CA GLY E 262 -24.20 5.65 3.65
C GLY E 262 -22.89 5.52 4.38
N ILE E 263 -22.69 4.41 5.09
CA ILE E 263 -21.42 4.15 5.75
C ILE E 263 -20.28 4.19 4.74
N SER E 264 -19.38 5.15 4.92
CA SER E 264 -18.15 5.22 4.17
C SER E 264 -17.04 5.55 5.15
N PHE E 265 -15.83 5.51 4.65
CA PHE E 265 -14.67 5.74 5.49
C PHE E 265 -13.78 6.76 4.80
N TYR E 266 -13.25 7.70 5.58
CA TYR E 266 -12.33 8.70 5.08
C TYR E 266 -11.16 8.82 6.03
N ARG E 267 -10.05 9.30 5.50
CA ARG E 267 -8.88 9.63 6.30
C ARG E 267 -8.85 11.13 6.50
N GLU E 268 -8.60 11.57 7.73
CA GLU E 268 -8.46 12.97 8.06
C GLU E 268 -6.99 13.33 8.17
N ALA E 269 -6.56 14.33 7.40
CA ALA E 269 -5.15 14.70 7.34
C ALA E 269 -4.76 15.61 8.50
N ASP E 270 -4.87 15.05 9.70
CA ASP E 270 -4.40 15.71 10.92
C ASP E 270 -3.33 14.90 11.63
N GLY E 271 -3.59 13.61 11.86
CA GLY E 271 -2.64 12.75 12.52
C GLY E 271 -2.18 11.61 11.62
N GLN E 272 -2.63 10.39 11.94
CA GLN E 272 -2.23 9.21 11.19
C GLN E 272 -3.05 8.97 9.94
N GLN E 273 -3.87 9.95 9.53
CA GLN E 273 -4.88 9.79 8.49
C GLN E 273 -5.76 8.58 8.79
N LEU E 274 -6.34 8.60 9.98
CA LEU E 274 -7.10 7.47 10.48
C LEU E 274 -8.44 7.37 9.78
N PHE E 275 -8.87 6.13 9.53
CA PHE E 275 -10.17 5.85 8.94
C PHE E 275 -11.26 6.08 9.99
N THR E 276 -11.50 7.35 10.29
CA THR E 276 -12.39 7.69 11.39
C THR E 276 -13.87 7.61 11.01
N SER E 277 -14.18 7.33 9.73
CA SER E 277 -15.52 7.00 9.23
C SER E 277 -16.52 8.14 9.33
N ALA E 278 -17.65 8.00 8.62
CA ALA E 278 -18.70 8.99 8.70
C ALA E 278 -20.02 8.33 8.37
N ALA E 279 -21.10 8.91 8.87
CA ALA E 279 -22.42 8.36 8.63
C ALA E 279 -22.93 8.75 7.25
N GLN E 280 -22.91 10.05 6.94
CA GLN E 280 -23.48 10.62 5.72
C GLN E 280 -24.91 10.15 5.52
N MET E 281 -25.72 10.32 6.57
CA MET E 281 -27.08 9.81 6.55
C MET E 281 -27.94 10.71 5.67
N PHE E 282 -28.74 10.09 4.80
CA PHE E 282 -29.71 10.81 3.98
C PHE E 282 -31.06 10.17 4.19
N ASP E 283 -32.00 10.93 4.74
CA ASP E 283 -33.32 10.42 5.05
C ASP E 283 -34.17 10.39 3.78
N GLU E 284 -35.49 10.21 3.95
CA GLU E 284 -36.40 10.08 2.82
C GLU E 284 -36.58 11.37 2.04
N ARG E 285 -36.11 12.50 2.56
CA ARG E 285 -36.20 13.78 1.87
C ARG E 285 -34.88 14.24 1.27
N GLY E 286 -33.75 13.86 1.86
CA GLY E 286 -32.47 14.15 1.25
C GLY E 286 -31.53 14.98 2.10
N ARG E 287 -31.87 15.18 3.37
CA ARG E 287 -31.02 15.96 4.26
C ARG E 287 -29.75 15.19 4.58
N GLY E 288 -28.61 15.85 4.44
CA GLY E 288 -27.33 15.20 4.63
C GLY E 288 -26.80 15.25 6.05
N PHE E 289 -27.38 14.46 6.94
CA PHE E 289 -26.91 14.40 8.32
C PHE E 289 -25.54 13.74 8.34
N VAL E 290 -24.51 14.55 8.52
CA VAL E 290 -23.13 14.08 8.54
C VAL E 290 -22.74 13.89 10.00
N LEU E 291 -22.38 12.66 10.35
CA LEU E 291 -21.97 12.31 11.70
C LEU E 291 -20.69 11.49 11.60
N LYS E 292 -19.56 12.12 11.88
CA LYS E 292 -18.30 11.38 11.91
C LYS E 292 -18.29 10.41 13.08
N GLY E 293 -17.75 9.22 12.84
CA GLY E 293 -17.73 8.19 13.86
C GLY E 293 -16.44 8.17 14.64
N ARG E 294 -15.90 6.97 14.84
CA ARG E 294 -14.70 6.79 15.66
C ARG E 294 -13.65 6.04 14.86
N ARG E 295 -12.54 5.70 15.51
CA ARG E 295 -11.43 5.05 14.83
C ARG E 295 -11.79 3.61 14.51
N ALA E 296 -12.40 3.40 13.35
CA ALA E 296 -12.89 2.10 12.96
C ALA E 296 -11.75 1.13 12.69
N ARG E 297 -11.97 -0.13 13.04
CA ARG E 297 -10.94 -1.16 12.92
C ARG E 297 -10.61 -1.44 11.45
N THR E 298 -9.36 -1.80 11.19
CA THR E 298 -8.93 -2.16 9.85
C THR E 298 -8.45 -3.60 9.83
N GLU E 299 -8.53 -4.22 8.65
CA GLU E 299 -8.16 -5.62 8.52
C GLU E 299 -6.66 -5.81 8.64
N SER E 300 -5.88 -5.00 7.93
CA SER E 300 -4.43 -5.18 7.89
C SER E 300 -3.77 -3.87 7.51
N ARG E 301 -2.87 -3.38 8.38
CA ARG E 301 -1.98 -2.24 8.12
C ARG E 301 -2.74 -0.96 7.79
N GLY E 302 -3.89 -0.78 8.42
CA GLY E 302 -4.67 0.43 8.20
C GLY E 302 -5.50 0.42 6.94
N ARG E 303 -5.48 -0.65 6.15
CA ARG E 303 -6.30 -0.78 4.97
C ARG E 303 -7.50 -1.68 5.27
N HIS E 304 -8.50 -1.59 4.38
CA HIS E 304 -9.79 -2.29 4.46
C HIS E 304 -10.48 -2.04 5.80
N PRO E 305 -11.03 -0.84 6.01
CA PRO E 305 -11.66 -0.54 7.29
C PRO E 305 -13.02 -1.22 7.46
N TYR E 306 -13.40 -1.39 8.72
CA TYR E 306 -14.72 -1.87 9.08
C TYR E 306 -15.02 -1.38 10.49
N MET E 307 -16.30 -1.20 10.79
CA MET E 307 -16.66 -0.76 12.12
C MET E 307 -16.54 -1.94 13.08
N ALA E 308 -15.96 -1.69 14.25
CA ALA E 308 -16.03 -2.68 15.31
C ALA E 308 -17.46 -2.75 15.84
N ARG E 309 -17.76 -3.85 16.55
CA ARG E 309 -19.12 -4.10 17.02
C ARG E 309 -19.60 -2.99 17.96
N GLU E 310 -18.76 -2.61 18.91
CA GLU E 310 -19.05 -1.45 19.76
C GLU E 310 -19.08 -0.17 18.93
N ASP E 311 -18.15 -0.04 17.98
CA ASP E 311 -18.13 1.13 17.10
C ASP E 311 -19.35 1.17 16.21
N ALA E 312 -19.76 0.02 15.65
CA ALA E 312 -20.94 -0.02 14.80
C ALA E 312 -22.21 0.30 15.58
N LYS E 313 -22.34 -0.24 16.80
CA LYS E 313 -23.54 0.06 17.57
C LYS E 313 -23.55 1.51 18.05
N LYS E 314 -22.37 2.09 18.37
CA LYS E 314 -22.32 3.49 18.75
C LYS E 314 -22.64 4.41 17.57
N ILE E 315 -22.13 4.08 16.38
CA ILE E 315 -22.37 4.90 15.20
C ILE E 315 -23.84 4.86 14.81
N ILE E 316 -24.43 3.66 14.78
CA ILE E 316 -25.85 3.55 14.47
C ILE E 316 -26.68 4.23 15.56
N GLU E 317 -26.24 4.17 16.82
CA GLU E 317 -26.95 4.85 17.90
C GLU E 317 -26.94 6.36 17.73
N ASP E 318 -25.81 6.94 17.29
CA ASP E 318 -25.83 8.39 17.09
C ASP E 318 -26.56 8.80 15.82
N VAL E 319 -26.61 7.93 14.79
CA VAL E 319 -27.48 8.20 13.65
C VAL E 319 -28.95 8.21 14.07
N LEU E 320 -29.35 7.24 14.90
CA LEU E 320 -30.71 7.22 15.43
C LEU E 320 -30.98 8.41 16.33
N ALA E 321 -29.97 8.84 17.09
CA ALA E 321 -30.10 10.04 17.93
C ALA E 321 -30.29 11.30 17.10
N ALA E 322 -29.55 11.41 15.99
CA ALA E 322 -29.72 12.56 15.10
C ALA E 322 -31.10 12.56 14.46
N TYR E 323 -31.57 11.38 14.04
CA TYR E 323 -32.92 11.27 13.47
C TYR E 323 -33.99 11.62 14.49
N LYS E 324 -33.84 11.15 15.73
CA LYS E 324 -34.82 11.44 16.77
C LYS E 324 -34.72 12.88 17.26
N LEU E 325 -33.57 13.53 17.07
CA LEU E 325 -33.44 14.95 17.37
C LEU E 325 -34.16 15.79 16.31
N HIS E 326 -34.00 15.44 15.03
CA HIS E 326 -34.63 16.23 13.99
C HIS E 326 -36.13 15.99 13.92
N HIS E 327 -36.57 14.73 14.06
CA HIS E 327 -37.98 14.39 13.95
C HIS E 327 -38.38 13.49 15.12
N LYS E 328 -39.66 13.54 15.49
CA LYS E 328 -40.16 12.81 16.64
C LYS E 328 -40.60 11.40 16.27
N THR E 329 -39.73 10.65 15.59
CA THR E 329 -40.02 9.29 15.15
C THR E 329 -38.70 8.58 14.90
N LEU E 330 -38.53 7.39 15.47
CA LEU E 330 -37.34 6.60 15.22
C LEU E 330 -37.37 6.01 13.80
N PRO E 331 -36.20 5.81 13.18
CA PRO E 331 -36.17 5.16 11.87
C PRO E 331 -36.67 3.73 11.91
N ALA E 332 -37.29 3.31 10.81
CA ALA E 332 -37.79 1.95 10.66
C ALA E 332 -37.23 1.27 9.42
N ARG E 333 -36.48 1.97 8.60
CA ARG E 333 -36.00 1.48 7.31
C ARG E 333 -34.53 1.81 7.12
N VAL E 334 -33.70 1.50 8.12
CA VAL E 334 -32.28 1.86 8.07
C VAL E 334 -31.59 1.05 6.98
N PHE E 335 -31.01 1.75 6.03
CA PHE E 335 -30.32 1.17 4.87
C PHE E 335 -28.83 1.44 5.03
N ILE E 336 -28.04 0.38 5.03
CA ILE E 336 -26.59 0.51 5.05
C ILE E 336 -26.07 0.36 3.63
N LEU E 337 -25.16 1.25 3.22
CA LEU E 337 -24.66 1.31 1.86
C LEU E 337 -23.14 1.42 1.91
N LYS E 338 -22.46 0.29 1.86
CA LYS E 338 -21.01 0.25 2.01
C LYS E 338 -20.34 0.15 0.64
N THR E 339 -19.12 0.69 0.56
CA THR E 339 -18.27 0.54 -0.62
C THR E 339 -17.50 -0.77 -0.63
N SER E 340 -17.58 -1.56 0.43
CA SER E 340 -16.91 -2.84 0.52
C SER E 340 -17.86 -3.87 1.13
N ARG E 341 -17.42 -5.12 1.14
CA ARG E 341 -18.25 -6.18 1.67
C ARG E 341 -18.35 -6.08 3.19
N PHE E 342 -19.50 -6.49 3.72
CA PHE E 342 -19.77 -6.41 5.15
C PHE E 342 -19.00 -7.50 5.88
N LYS E 343 -18.14 -7.10 6.81
CA LYS E 343 -17.53 -8.07 7.70
C LYS E 343 -18.54 -8.55 8.73
N ASP E 344 -18.21 -9.68 9.38
CA ASP E 344 -19.14 -10.27 10.34
C ASP E 344 -19.30 -9.42 11.58
N GLU E 345 -18.19 -8.83 12.07
CA GLU E 345 -18.25 -8.02 13.29
C GLU E 345 -19.06 -6.75 13.08
N GLU E 346 -18.84 -6.07 11.96
CA GLU E 346 -19.56 -4.83 11.67
C GLU E 346 -21.04 -5.10 11.45
N ALA E 347 -21.37 -6.14 10.68
CA ALA E 347 -22.76 -6.50 10.45
C ALA E 347 -23.45 -6.89 11.74
N ASP E 348 -22.77 -7.68 12.60
CA ASP E 348 -23.35 -8.07 13.88
C ASP E 348 -23.55 -6.87 14.79
N GLY E 349 -22.63 -5.90 14.75
CA GLY E 349 -22.83 -4.66 15.49
C GLY E 349 -24.03 -3.87 15.01
N ILE E 350 -24.25 -3.83 13.70
CA ILE E 350 -25.40 -3.12 13.16
C ILE E 350 -26.71 -3.81 13.55
N ILE E 351 -26.74 -5.15 13.50
CA ILE E 351 -27.94 -5.88 13.95
C ILE E 351 -28.18 -5.68 15.44
N ALA E 352 -27.10 -5.67 16.23
CA ALA E 352 -27.24 -5.46 17.68
C ALA E 352 -27.77 -4.06 17.99
N ALA E 353 -27.31 -3.06 17.24
CA ALA E 353 -27.82 -1.70 17.43
C ALA E 353 -29.27 -1.57 16.99
N LEU E 354 -29.64 -2.20 15.88
CA LEU E 354 -30.98 -2.03 15.34
C LEU E 354 -32.01 -2.95 16.00
N ASP E 355 -31.57 -3.95 16.77
CA ASP E 355 -32.51 -4.77 17.51
C ASP E 355 -33.16 -4.00 18.65
N GLU E 356 -32.53 -2.93 19.12
CA GLU E 356 -33.09 -2.03 20.11
C GLU E 356 -34.27 -1.24 19.57
N ALA E 357 -34.29 -0.93 18.28
CA ALA E 357 -35.34 -0.14 17.66
C ALA E 357 -36.59 -0.97 17.45
N GLY E 358 -37.61 -0.34 16.88
CA GLY E 358 -38.93 -0.94 16.78
C GLY E 358 -39.12 -1.84 15.56
N THR E 359 -40.18 -1.59 14.80
CA THR E 359 -40.49 -2.39 13.62
C THR E 359 -39.42 -2.18 12.56
N GLU E 360 -38.68 -3.23 12.25
CA GLU E 360 -37.49 -3.15 11.42
C GLU E 360 -37.74 -3.76 10.06
N LEU E 361 -37.45 -2.98 9.02
CA LEU E 361 -37.38 -3.46 7.65
C LEU E 361 -35.96 -3.28 7.13
N ARG E 362 -34.99 -3.60 7.99
CA ARG E 362 -33.58 -3.30 7.74
C ARG E 362 -33.05 -4.11 6.57
N ASP E 363 -32.25 -3.44 5.73
CA ASP E 363 -31.62 -4.07 4.58
C ASP E 363 -30.20 -3.55 4.44
N LEU E 364 -29.32 -4.42 3.96
CA LEU E 364 -27.92 -4.11 3.77
C LEU E 364 -27.53 -4.42 2.33
N VAL E 365 -26.68 -3.58 1.73
CA VAL E 365 -26.26 -3.76 0.36
C VAL E 365 -24.76 -3.46 0.26
N TRP E 366 -24.03 -4.38 -0.36
CA TRP E 366 -22.65 -4.17 -0.77
C TRP E 366 -22.65 -3.55 -2.16
N VAL E 367 -21.85 -2.51 -2.35
CA VAL E 367 -21.56 -1.96 -3.68
C VAL E 367 -20.04 -1.94 -3.86
N GLN E 368 -19.56 -2.69 -4.84
CA GLN E 368 -18.13 -2.77 -5.14
C GLN E 368 -17.87 -2.12 -6.49
N GLU E 369 -16.87 -1.24 -6.54
CA GLU E 369 -16.56 -0.52 -7.75
C GLU E 369 -15.73 -1.38 -8.71
N SER E 370 -15.90 -1.09 -10.00
CA SER E 370 -15.08 -1.64 -11.10
C SER E 370 -15.19 -3.16 -11.18
N TYR E 371 -16.39 -3.62 -11.53
CA TYR E 371 -16.55 -5.00 -11.97
C TYR E 371 -16.26 -5.09 -13.46
N THR E 372 -16.04 -6.33 -13.94
CA THR E 372 -15.51 -6.55 -15.27
C THR E 372 -16.49 -7.29 -16.19
N ALA E 373 -17.77 -7.33 -15.83
CA ALA E 373 -18.77 -8.06 -16.61
C ALA E 373 -19.66 -7.03 -17.31
N ARG E 374 -19.44 -6.82 -18.60
CA ARG E 374 -20.21 -5.82 -19.34
C ARG E 374 -21.53 -6.46 -19.75
N ILE E 375 -22.49 -6.45 -18.82
CA ILE E 375 -23.77 -7.07 -19.09
C ILE E 375 -24.58 -6.19 -20.04
N LEU E 376 -25.56 -6.82 -20.70
CA LEU E 376 -26.54 -6.18 -21.58
C LEU E 376 -25.86 -5.45 -22.74
N ARG E 377 -25.23 -6.25 -23.61
CA ARG E 377 -24.55 -5.72 -24.80
C ARG E 377 -25.57 -5.43 -25.90
N ASP E 378 -26.42 -4.44 -25.64
CA ASP E 378 -27.44 -4.01 -26.58
C ASP E 378 -27.20 -2.60 -27.09
N GLY E 379 -27.09 -1.61 -26.20
CA GLY E 379 -26.69 -0.29 -26.62
C GLY E 379 -27.59 0.88 -26.25
N ASN E 380 -27.93 1.69 -27.25
CA ASN E 380 -28.55 3.00 -27.06
C ASN E 380 -30.06 3.00 -27.30
N TYR E 381 -30.53 2.31 -28.33
CA TYR E 381 -31.96 2.28 -28.66
C TYR E 381 -32.79 1.60 -27.56
N PRO E 382 -32.30 0.56 -26.87
CA PRO E 382 -32.84 0.31 -25.53
C PRO E 382 -32.09 1.12 -24.48
N VAL E 383 -32.78 1.36 -23.36
CA VAL E 383 -32.21 2.18 -22.29
C VAL E 383 -31.09 1.40 -21.60
N LEU E 384 -29.93 2.04 -21.46
CA LEU E 384 -28.81 1.44 -20.74
C LEU E 384 -28.60 2.04 -19.37
N ARG E 385 -29.17 3.21 -19.09
CA ARG E 385 -29.13 3.79 -17.75
C ARG E 385 -30.10 3.03 -16.85
N GLY E 386 -29.62 2.59 -15.70
CA GLY E 386 -30.45 1.84 -14.78
C GLY E 386 -30.68 0.42 -15.23
N THR E 387 -29.59 -0.31 -15.51
CA THR E 387 -29.64 -1.71 -15.93
C THR E 387 -28.85 -2.54 -14.94
N PHE E 388 -29.42 -3.68 -14.54
CA PHE E 388 -28.68 -4.61 -13.69
C PHE E 388 -29.16 -6.02 -13.99
N VAL E 389 -28.33 -7.00 -13.62
CA VAL E 389 -28.59 -8.40 -13.91
C VAL E 389 -28.57 -9.17 -12.59
N ASP E 390 -29.63 -9.93 -12.33
CA ASP E 390 -29.69 -10.81 -11.17
C ASP E 390 -28.73 -11.97 -11.39
N LEU E 391 -27.55 -11.89 -10.81
CA LEU E 391 -26.53 -12.92 -10.95
C LEU E 391 -26.67 -14.01 -9.89
N HIS E 392 -27.89 -14.54 -9.76
CA HIS E 392 -28.24 -15.59 -8.81
C HIS E 392 -27.86 -15.22 -7.38
N GLY E 393 -28.25 -14.01 -6.97
CA GLY E 393 -27.95 -13.52 -5.65
C GLY E 393 -27.36 -12.13 -5.65
N LYS E 394 -26.58 -11.82 -6.67
CA LYS E 394 -25.97 -10.50 -6.81
C LYS E 394 -26.71 -9.70 -7.87
N GLY E 395 -26.57 -8.39 -7.79
CA GLY E 395 -27.36 -7.48 -8.60
C GLY E 395 -26.54 -6.45 -9.34
N LEU E 396 -25.39 -6.87 -9.90
CA LEU E 396 -24.41 -6.06 -10.60
C LEU E 396 -25.04 -5.00 -11.51
N LEU E 397 -24.71 -3.73 -11.25
CA LEU E 397 -25.50 -2.61 -11.71
C LEU E 397 -24.62 -1.48 -12.22
N TYR E 398 -25.05 -0.87 -13.33
CA TYR E 398 -24.57 0.45 -13.73
C TYR E 398 -25.75 1.34 -14.07
N THR E 399 -25.70 2.57 -13.57
CA THR E 399 -26.73 3.57 -13.80
C THR E 399 -26.37 4.54 -14.92
N SER E 400 -25.12 4.56 -15.36
CA SER E 400 -24.68 5.45 -16.43
C SER E 400 -24.84 4.75 -17.77
N GLY E 401 -25.35 5.49 -18.75
CA GLY E 401 -25.59 4.91 -20.06
C GLY E 401 -26.37 5.86 -20.94
N SER E 402 -27.15 5.30 -21.86
CA SER E 402 -27.96 6.09 -22.75
C SER E 402 -29.20 6.61 -22.06
N MET E 403 -29.68 7.77 -22.50
CA MET E 403 -30.83 8.40 -21.89
C MET E 403 -31.96 8.55 -22.89
N PRO E 404 -33.20 8.26 -22.48
CA PRO E 404 -34.34 8.41 -23.42
C PRO E 404 -34.74 9.86 -23.62
N TYR E 405 -34.74 10.66 -22.54
CA TYR E 405 -35.18 12.04 -22.65
C TYR E 405 -34.12 12.94 -23.27
N TYR E 406 -32.84 12.65 -23.02
CA TYR E 406 -31.76 13.42 -23.63
C TYR E 406 -31.74 13.22 -25.14
N GLY E 407 -31.97 11.99 -25.60
CA GLY E 407 -31.91 11.67 -27.00
C GLY E 407 -30.55 11.22 -27.50
N THR E 408 -29.53 11.25 -26.65
CA THR E 408 -28.19 10.83 -27.04
C THR E 408 -27.43 10.35 -25.81
N TYR E 409 -26.32 9.67 -26.05
CA TYR E 409 -25.44 9.26 -24.96
C TYR E 409 -24.60 10.44 -24.53
N PRO E 410 -24.70 10.90 -23.27
CA PRO E 410 -23.98 12.10 -22.87
C PRO E 410 -22.51 11.86 -22.54
N GLY E 411 -22.12 10.63 -22.26
CA GLY E 411 -20.73 10.36 -21.93
C GLY E 411 -19.85 10.25 -23.15
N LYS E 412 -18.55 10.22 -22.90
CA LYS E 412 -17.55 10.06 -23.95
C LYS E 412 -16.81 8.73 -23.84
N TYR E 413 -17.16 7.89 -22.88
CA TYR E 413 -16.50 6.61 -22.68
C TYR E 413 -17.55 5.55 -22.39
N ASP E 414 -17.12 4.30 -22.39
CA ASP E 414 -18.03 3.20 -22.08
C ASP E 414 -18.32 3.18 -20.58
N PRO E 415 -19.55 2.84 -20.18
CA PRO E 415 -19.88 2.79 -18.75
C PRO E 415 -19.20 1.64 -18.03
N ASN E 416 -18.98 1.82 -16.73
CA ASN E 416 -18.40 0.80 -15.87
C ASN E 416 -19.33 0.58 -14.67
N PRO E 417 -19.61 -0.67 -14.32
CA PRO E 417 -20.64 -0.94 -13.31
C PRO E 417 -20.17 -1.08 -11.88
N LEU E 418 -21.14 -1.38 -11.01
CA LEU E 418 -20.94 -1.58 -9.58
C LEU E 418 -21.55 -2.92 -9.20
N LEU E 419 -20.98 -3.54 -8.16
CA LEU E 419 -21.37 -4.88 -7.76
C LEU E 419 -22.35 -4.80 -6.58
N LEU E 420 -23.65 -4.88 -6.88
CA LEU E 420 -24.71 -4.82 -5.87
C LEU E 420 -24.91 -6.22 -5.28
N CYS E 421 -24.54 -6.40 -4.02
CA CYS E 421 -24.62 -7.71 -3.35
C CYS E 421 -25.32 -7.58 -2.00
N PRO E 422 -26.57 -8.00 -1.90
CA PRO E 422 -27.25 -7.95 -0.60
C PRO E 422 -26.64 -8.94 0.39
N HIS E 423 -26.64 -8.53 1.66
CA HIS E 423 -26.16 -9.39 2.73
C HIS E 423 -27.21 -10.47 3.02
N HIS E 424 -26.79 -11.53 3.70
CA HIS E 424 -27.70 -12.66 3.92
C HIS E 424 -28.78 -12.36 4.95
N THR E 425 -28.60 -11.33 5.77
CA THR E 425 -29.62 -10.94 6.74
C THR E 425 -30.60 -9.93 6.19
N SER E 426 -30.42 -9.46 4.96
CA SER E 426 -31.37 -8.54 4.37
C SER E 426 -32.67 -9.28 4.03
N GLU E 427 -33.80 -8.63 4.33
CA GLU E 427 -35.11 -9.25 4.20
C GLU E 427 -35.87 -8.78 2.96
N SER E 428 -35.15 -8.35 1.92
CA SER E 428 -35.79 -7.86 0.71
C SER E 428 -35.05 -8.39 -0.50
N THR E 429 -35.76 -8.43 -1.63
CA THR E 429 -35.22 -8.95 -2.87
C THR E 429 -34.20 -7.96 -3.46
N VAL E 430 -33.39 -8.46 -4.41
CA VAL E 430 -32.34 -7.65 -5.00
C VAL E 430 -32.92 -6.53 -5.86
N ALA E 431 -34.08 -6.77 -6.47
CA ALA E 431 -34.73 -5.74 -7.28
C ALA E 431 -35.18 -4.56 -6.43
N GLN E 432 -35.70 -4.83 -5.22
CA GLN E 432 -36.12 -3.75 -4.33
C GLN E 432 -34.94 -2.90 -3.88
N LEU E 433 -33.81 -3.54 -3.58
CA LEU E 433 -32.62 -2.81 -3.17
C LEU E 433 -32.01 -2.03 -4.34
N ALA E 434 -32.08 -2.59 -5.55
CA ALA E 434 -31.65 -1.85 -6.73
C ALA E 434 -32.53 -0.64 -6.97
N GLU E 435 -33.84 -0.79 -6.77
CA GLU E 435 -34.76 0.33 -6.91
C GLU E 435 -34.46 1.41 -5.87
N GLU E 436 -34.15 1.01 -4.63
CA GLU E 436 -33.84 1.99 -3.60
C GLU E 436 -32.53 2.71 -3.87
N ILE E 437 -31.54 2.01 -4.44
CA ILE E 437 -30.31 2.68 -4.87
C ILE E 437 -30.59 3.65 -6.02
N PHE E 438 -31.43 3.23 -6.97
CA PHE E 438 -31.78 4.10 -8.09
C PHE E 438 -32.63 5.30 -7.68
N SER E 439 -33.30 5.23 -6.53
CA SER E 439 -34.08 6.38 -6.06
C SER E 439 -33.21 7.49 -5.51
N LEU E 440 -31.95 7.21 -5.22
CA LEU E 440 -31.02 8.21 -4.68
C LEU E 440 -30.26 8.93 -5.81
N THR E 441 -30.98 9.40 -6.83
CA THR E 441 -30.35 9.95 -8.03
C THR E 441 -30.30 11.46 -8.07
N LYS E 442 -31.46 12.11 -8.18
CA LYS E 442 -31.51 13.54 -8.45
C LYS E 442 -31.76 14.30 -7.15
N VAL E 443 -30.85 14.07 -6.20
CA VAL E 443 -30.86 14.81 -4.95
C VAL E 443 -29.49 15.42 -4.76
N ASN E 444 -28.63 15.33 -5.78
CA ASN E 444 -27.33 15.96 -5.73
C ASN E 444 -27.48 17.47 -5.80
N TRP E 445 -27.16 18.16 -4.70
CA TRP E 445 -27.22 19.61 -4.67
C TRP E 445 -25.95 20.25 -5.22
N ASN E 446 -24.98 19.45 -5.63
CA ASN E 446 -23.81 19.92 -6.37
C ASN E 446 -24.05 19.97 -7.86
N SER E 447 -25.28 19.67 -8.31
CA SER E 447 -25.59 19.59 -9.72
C SER E 447 -27.08 19.83 -9.94
N THR E 448 -27.45 20.03 -11.21
CA THR E 448 -28.85 20.24 -11.57
C THR E 448 -29.23 19.46 -12.82
N GLN E 449 -28.61 18.30 -13.01
CA GLN E 449 -28.93 17.48 -14.17
C GLN E 449 -29.37 16.09 -13.77
N MET E 450 -29.80 15.30 -14.74
CA MET E 450 -30.26 13.93 -14.47
C MET E 450 -29.20 12.94 -14.96
N ASN E 451 -28.33 12.50 -14.05
CA ASN E 451 -27.42 11.39 -14.32
C ASN E 451 -26.94 10.82 -12.99
N GLN E 452 -26.45 9.58 -13.04
CA GLN E 452 -25.97 8.88 -11.85
C GLN E 452 -24.91 7.86 -12.24
N ARG E 453 -23.82 7.84 -11.49
CA ARG E 453 -23.04 6.63 -11.34
C ARG E 453 -22.82 6.24 -9.89
N LEU E 454 -23.04 7.16 -8.94
CA LEU E 454 -22.95 6.88 -7.52
C LEU E 454 -24.14 7.56 -6.85
N PRO E 455 -24.93 6.84 -6.06
CA PRO E 455 -26.01 7.47 -5.31
C PRO E 455 -25.45 8.34 -4.19
N ILE E 456 -26.26 9.30 -3.74
CA ILE E 456 -25.78 10.35 -2.84
C ILE E 456 -25.30 9.90 -1.46
N PRO E 457 -25.69 8.77 -0.87
CA PRO E 457 -24.92 8.29 0.29
C PRO E 457 -23.51 7.83 -0.05
N ILE E 458 -23.24 7.49 -1.31
CA ILE E 458 -21.89 7.19 -1.75
C ILE E 458 -21.28 8.33 -2.55
N ARG E 459 -22.11 9.08 -3.27
CA ARG E 459 -21.62 10.28 -3.94
C ARG E 459 -21.20 11.35 -2.93
N ALA E 460 -21.96 11.50 -1.85
CA ALA E 460 -21.68 12.45 -0.79
C ALA E 460 -20.52 12.02 0.09
N ALA E 461 -20.10 10.76 -0.01
CA ALA E 461 -18.92 10.30 0.73
C ALA E 461 -17.68 11.06 0.29
N ARG E 462 -17.56 11.32 -1.01
CA ARG E 462 -16.45 12.09 -1.54
C ARG E 462 -16.43 13.50 -0.97
N LYS E 463 -17.59 14.14 -0.90
CA LYS E 463 -17.67 15.51 -0.41
C LYS E 463 -17.42 15.59 1.10
N VAL E 464 -17.98 14.65 1.86
CA VAL E 464 -17.77 14.64 3.30
C VAL E 464 -16.32 14.35 3.66
N GLY E 465 -15.70 13.37 2.99
CA GLY E 465 -14.30 13.11 3.21
C GLY E 465 -13.40 14.21 2.69
N GLU E 466 -13.88 14.97 1.71
CA GLU E 466 -13.15 16.15 1.25
C GLU E 466 -13.14 17.24 2.31
N VAL E 467 -14.28 17.47 2.95
CA VAL E 467 -14.35 18.55 3.94
C VAL E 467 -13.76 18.11 5.27
N LEU E 468 -14.16 16.95 5.78
CA LEU E 468 -13.71 16.47 7.09
C LEU E 468 -12.29 15.91 7.10
N LYS E 469 -11.53 16.08 6.02
CA LYS E 469 -10.12 15.68 6.03
C LYS E 469 -9.29 16.65 6.87
N TYR E 470 -9.74 17.90 7.01
CA TYR E 470 -8.94 18.94 7.64
C TYR E 470 -9.52 19.45 8.94
N VAL E 471 -10.65 18.93 9.40
CA VAL E 471 -11.22 19.33 10.69
C VAL E 471 -10.42 18.65 11.79
N GLY E 472 -9.87 19.46 12.70
CA GLY E 472 -8.96 18.95 13.70
C GLY E 472 -9.66 18.19 14.81
N GLU E 473 -8.85 17.54 15.64
CA GLU E 473 -9.36 16.76 16.75
C GLU E 473 -9.92 17.66 17.84
N GLY E 474 -11.00 17.21 18.46
CA GLY E 474 -11.63 17.96 19.53
C GLY E 474 -12.47 19.14 19.07
N GLU E 475 -12.73 19.26 17.78
CA GLU E 475 -13.53 20.35 17.24
C GLU E 475 -14.91 19.81 16.87
N VAL E 476 -15.95 20.54 17.27
CA VAL E 476 -17.31 20.13 16.95
C VAL E 476 -17.58 20.38 15.48
N ILE E 477 -18.13 19.37 14.80
CA ILE E 477 -18.47 19.47 13.39
C ILE E 477 -19.96 19.72 13.26
N SER E 478 -20.39 20.13 12.07
CA SER E 478 -21.77 20.47 11.80
C SER E 478 -22.44 19.34 11.02
N ALA E 479 -23.65 18.98 11.42
CA ALA E 479 -24.44 18.00 10.70
C ALA E 479 -25.21 18.59 9.52
N ASP E 480 -25.20 19.91 9.38
CA ASP E 480 -25.85 20.55 8.24
C ASP E 480 -25.04 20.28 6.97
N TYR E 481 -25.72 19.85 5.92
CA TYR E 481 -25.07 19.50 4.67
C TYR E 481 -24.62 20.72 3.86
N ARG E 482 -24.99 21.93 4.30
CA ARG E 482 -24.60 23.15 3.60
C ARG E 482 -23.10 23.39 3.63
N LYS E 483 -22.39 22.83 4.59
CA LYS E 483 -20.96 23.07 4.75
C LYS E 483 -20.10 22.11 3.95
N TYR E 484 -20.70 21.31 3.08
CA TYR E 484 -19.97 20.28 2.34
C TYR E 484 -20.02 20.50 0.84
N ILE E 485 -21.20 20.77 0.28
CA ILE E 485 -21.30 21.11 -1.13
C ILE E 485 -22.13 22.36 -1.30
N GLY F 161 -38.37 -10.27 -27.78
CA GLY F 161 -37.28 -10.43 -26.85
C GLY F 161 -36.01 -9.75 -27.32
N GLU F 162 -35.67 -8.62 -26.70
CA GLU F 162 -34.48 -7.85 -27.06
C GLU F 162 -33.28 -8.36 -26.27
N ASP F 163 -32.92 -9.61 -26.52
CA ASP F 163 -31.85 -10.25 -25.77
C ASP F 163 -30.49 -9.69 -26.18
N ALA F 164 -29.60 -9.60 -25.19
CA ALA F 164 -28.25 -9.09 -25.39
C ALA F 164 -27.26 -10.08 -24.81
N LEU F 165 -26.03 -10.02 -25.32
CA LEU F 165 -25.01 -10.98 -24.93
C LEU F 165 -24.31 -10.54 -23.65
N ILE F 166 -23.92 -11.52 -22.84
CA ILE F 166 -23.06 -11.30 -21.69
C ILE F 166 -21.69 -11.86 -22.03
N ASN F 167 -20.65 -11.23 -21.48
CA ASN F 167 -19.27 -11.64 -21.76
C ASN F 167 -18.75 -12.66 -20.75
N MET F 168 -19.63 -13.51 -20.22
CA MET F 168 -19.25 -14.59 -19.31
C MET F 168 -19.39 -15.93 -20.02
N LEU F 169 -18.47 -16.84 -19.75
CA LEU F 169 -18.43 -18.13 -20.43
C LEU F 169 -18.69 -19.26 -19.44
N PRO F 170 -19.83 -19.95 -19.54
CA PRO F 170 -20.11 -21.07 -18.63
C PRO F 170 -19.16 -22.23 -18.85
N LEU F 171 -18.91 -22.98 -17.78
CA LEU F 171 -18.01 -24.12 -17.83
C LEU F 171 -18.79 -25.40 -17.57
N THR F 172 -18.53 -26.41 -18.39
CA THR F 172 -19.06 -27.75 -18.19
C THR F 172 -17.90 -28.66 -17.78
N LEU F 173 -18.02 -29.26 -16.60
CA LEU F 173 -16.92 -29.99 -16.00
C LEU F 173 -17.32 -31.45 -15.76
N PRO F 174 -16.39 -32.39 -15.92
CA PRO F 174 -16.70 -33.79 -15.62
C PRO F 174 -16.64 -34.05 -14.12
N ASN F 175 -16.99 -35.29 -13.75
CA ASN F 175 -17.01 -35.68 -12.35
C ASN F 175 -15.68 -36.29 -11.92
N GLU F 176 -14.59 -35.59 -12.21
CA GLU F 176 -13.25 -36.04 -11.84
C GLU F 176 -12.41 -34.79 -11.54
N MET F 177 -11.74 -34.78 -10.40
CA MET F 177 -10.96 -33.61 -10.02
C MET F 177 -9.52 -33.95 -9.69
N TYR F 178 -9.29 -35.15 -9.12
CA TYR F 178 -7.97 -35.63 -8.74
C TYR F 178 -7.28 -34.68 -7.75
N ILE F 179 -7.89 -34.53 -6.59
CA ILE F 179 -7.31 -33.72 -5.53
C ILE F 179 -6.15 -34.47 -4.90
N ALA F 180 -5.03 -33.77 -4.69
CA ALA F 180 -3.86 -34.36 -4.05
C ALA F 180 -3.14 -33.26 -3.27
N SER F 181 -2.03 -33.63 -2.64
CA SER F 181 -1.29 -32.71 -1.80
C SER F 181 0.19 -33.01 -1.90
N THR F 182 0.96 -32.05 -2.42
CA THR F 182 2.41 -32.15 -2.50
C THR F 182 3.00 -30.77 -2.22
N THR F 183 4.23 -30.76 -1.71
CA THR F 183 4.91 -29.51 -1.36
C THR F 183 5.47 -28.88 -2.63
N TYR F 184 4.71 -27.96 -3.22
CA TYR F 184 5.13 -27.28 -4.43
C TYR F 184 4.45 -25.91 -4.49
N GLU F 185 5.14 -24.95 -5.09
CA GLU F 185 4.61 -23.59 -5.23
C GLU F 185 5.29 -22.88 -6.38
N PRO F 186 4.53 -22.33 -7.34
CA PRO F 186 5.10 -21.63 -8.50
C PRO F 186 5.67 -20.27 -8.15
N ILE F 193 7.38 -24.45 -12.37
CA ILE F 193 6.91 -25.14 -13.57
C ILE F 193 8.04 -25.97 -14.16
N LEU F 194 8.12 -27.24 -13.75
CA LEU F 194 9.12 -28.15 -14.31
C LEU F 194 8.75 -28.51 -15.74
N ASN F 195 9.76 -28.89 -16.52
CA ASN F 195 9.55 -29.12 -17.94
C ASN F 195 10.55 -30.15 -18.46
N GLY F 196 10.19 -30.77 -19.58
CA GLY F 196 11.09 -31.68 -20.26
C GLY F 196 10.71 -33.15 -20.17
N ASP F 197 9.42 -33.45 -19.99
CA ASP F 197 8.96 -34.82 -19.82
C ASP F 197 7.99 -35.28 -20.90
N GLY F 198 6.93 -34.50 -21.13
CA GLY F 198 5.94 -34.88 -22.12
C GLY F 198 5.19 -33.71 -22.71
N PRO F 199 3.86 -33.69 -22.53
CA PRO F 199 3.04 -32.61 -23.07
C PRO F 199 3.30 -31.29 -22.34
N LYS F 200 3.06 -30.18 -23.02
CA LYS F 200 3.26 -28.88 -22.40
C LYS F 200 2.40 -28.73 -21.15
N ARG F 201 1.53 -29.71 -20.88
CA ARG F 201 0.77 -29.63 -19.64
C ARG F 201 1.61 -30.02 -18.43
N PHE F 202 2.87 -29.61 -18.39
CA PHE F 202 3.68 -29.78 -17.18
C PHE F 202 3.59 -28.57 -16.26
N ASP F 203 2.37 -28.13 -15.97
CA ASP F 203 2.18 -26.88 -15.25
C ASP F 203 1.81 -27.16 -13.79
N TRP F 204 2.41 -26.39 -12.89
CA TRP F 204 2.15 -26.53 -11.46
C TRP F 204 0.79 -25.94 -11.12
N VAL F 205 -0.27 -26.70 -11.29
CA VAL F 205 -1.61 -26.24 -10.95
C VAL F 205 -1.75 -26.37 -9.43
N ILE F 206 -1.38 -25.32 -8.71
CA ILE F 206 -1.04 -25.40 -7.29
C ILE F 206 -2.02 -24.55 -6.49
N ASN F 207 -2.61 -25.16 -5.47
CA ASN F 207 -3.52 -24.48 -4.55
C ASN F 207 -2.77 -24.02 -3.31
N GLY F 208 -3.50 -23.58 -2.30
CA GLY F 208 -2.88 -23.14 -1.06
C GLY F 208 -2.36 -24.26 -0.19
N GLY F 209 -1.29 -24.92 -0.65
CA GLY F 209 -0.67 -26.00 0.09
C GLY F 209 -0.99 -27.38 -0.42
N THR F 210 -1.98 -27.53 -1.29
CA THR F 210 -2.37 -28.82 -1.84
C THR F 210 -2.12 -28.82 -3.35
N PHE F 211 -1.50 -29.90 -3.84
CA PHE F 211 -1.29 -30.11 -5.27
C PHE F 211 -2.57 -30.70 -5.86
N TRP F 212 -3.56 -29.83 -6.02
CA TRP F 212 -4.87 -30.24 -6.55
C TRP F 212 -4.89 -29.81 -8.01
N SER F 213 -4.64 -30.78 -8.90
CA SER F 213 -4.57 -30.60 -10.33
C SER F 213 -5.96 -30.86 -10.94
N PHE F 214 -6.00 -31.09 -12.25
CA PHE F 214 -7.24 -31.38 -12.96
C PHE F 214 -7.08 -32.75 -13.62
N HIS F 215 -7.94 -33.05 -14.60
CA HIS F 215 -8.15 -34.39 -15.15
C HIS F 215 -6.85 -35.10 -15.52
N ASP F 216 -6.84 -36.42 -15.30
CA ASP F 216 -5.64 -37.23 -15.40
C ASP F 216 -5.75 -38.22 -16.56
N PRO F 217 -5.09 -37.97 -17.68
CA PRO F 217 -5.11 -38.97 -18.77
C PRO F 217 -4.26 -40.18 -18.48
N ARG F 218 -3.09 -40.00 -17.88
CA ARG F 218 -2.22 -41.11 -17.50
C ARG F 218 -2.52 -41.51 -16.05
N THR F 219 -1.65 -42.33 -15.46
CA THR F 219 -1.87 -42.80 -14.10
C THR F 219 -1.63 -41.70 -13.08
N SER F 220 -0.62 -40.87 -13.30
CA SER F 220 -0.26 -39.81 -12.38
C SER F 220 -0.59 -38.45 -12.98
N ALA F 221 -1.13 -37.56 -12.15
CA ALA F 221 -1.61 -36.27 -12.61
C ALA F 221 -0.47 -35.38 -13.10
N CYS F 222 -0.82 -34.45 -13.99
CA CYS F 222 0.09 -33.51 -14.66
C CYS F 222 1.21 -34.24 -15.40
N SER F 223 2.41 -34.23 -14.83
CA SER F 223 3.59 -34.84 -15.45
C SER F 223 4.35 -35.67 -14.43
N GLU F 224 3.60 -36.56 -13.75
CA GLU F 224 4.06 -37.49 -12.69
C GLU F 224 4.86 -36.78 -11.58
N ILE F 225 4.60 -35.49 -11.39
CA ILE F 225 5.21 -34.74 -10.31
C ILE F 225 4.43 -34.94 -8.99
N VAL F 226 3.10 -35.04 -9.07
CA VAL F 226 2.26 -35.17 -7.89
C VAL F 226 2.44 -36.57 -7.28
N ASP F 227 2.04 -36.69 -6.02
CA ASP F 227 2.06 -37.98 -5.34
C ASP F 227 1.03 -38.92 -5.97
N ILE F 228 1.48 -40.12 -6.31
CA ILE F 228 0.63 -41.06 -7.04
C ILE F 228 -0.49 -41.58 -6.14
N ASP F 229 -0.16 -41.96 -4.92
CA ASP F 229 -1.14 -42.54 -4.00
C ASP F 229 -1.82 -41.48 -3.12
N GLN F 230 -2.24 -40.38 -3.73
CA GLN F 230 -2.95 -39.35 -2.99
C GLN F 230 -4.11 -38.74 -3.77
N VAL F 231 -4.48 -39.30 -4.92
CA VAL F 231 -5.57 -38.74 -5.71
C VAL F 231 -6.91 -39.05 -5.05
N GLU F 232 -7.89 -38.18 -5.29
CA GLU F 232 -9.21 -38.31 -4.68
C GLU F 232 -10.29 -38.73 -5.66
N ALA F 233 -10.37 -38.05 -6.81
CA ALA F 233 -11.36 -38.30 -7.86
C ALA F 233 -12.78 -38.15 -7.33
N ILE F 234 -13.10 -36.94 -6.89
CA ILE F 234 -14.40 -36.62 -6.33
C ILE F 234 -15.26 -35.99 -7.42
N ASN F 235 -16.57 -35.92 -7.18
CA ASN F 235 -17.50 -35.35 -8.13
C ASN F 235 -17.34 -33.83 -8.19
N THR F 236 -17.95 -33.24 -9.23
CA THR F 236 -17.79 -31.80 -9.48
C THR F 236 -18.45 -30.95 -8.39
N LYS F 237 -19.59 -31.39 -7.87
CA LYS F 237 -20.33 -30.60 -6.90
C LYS F 237 -19.65 -30.52 -5.54
N GLU F 238 -18.64 -31.35 -5.27
CA GLU F 238 -18.01 -31.36 -3.97
C GLU F 238 -17.14 -30.13 -3.75
N LEU F 239 -16.31 -29.78 -4.73
CA LEU F 239 -15.33 -28.71 -4.56
C LEU F 239 -15.59 -27.49 -5.42
N ALA F 240 -16.23 -27.64 -6.59
CA ALA F 240 -16.54 -26.47 -7.41
C ALA F 240 -17.62 -25.61 -6.78
N LEU F 241 -18.48 -26.21 -5.97
CA LEU F 241 -19.52 -25.46 -5.26
C LEU F 241 -19.11 -25.32 -3.80
N HIS F 242 -18.97 -24.07 -3.35
CA HIS F 242 -18.54 -23.79 -1.99
C HIS F 242 -19.05 -22.42 -1.58
N ASP F 243 -19.31 -22.27 -0.28
CA ASP F 243 -19.78 -21.01 0.26
C ASP F 243 -18.65 -20.08 0.70
N ASP F 244 -17.44 -20.60 0.83
CA ASP F 244 -16.30 -19.78 1.24
C ASP F 244 -15.74 -19.05 0.02
N ILE F 245 -15.45 -17.76 0.20
CA ILE F 245 -14.92 -16.96 -0.91
C ILE F 245 -13.47 -17.34 -1.21
N ASP F 246 -12.74 -17.85 -0.21
CA ASP F 246 -11.35 -18.24 -0.43
C ASP F 246 -11.25 -19.47 -1.33
N GLU F 247 -12.18 -20.42 -1.16
CA GLU F 247 -12.25 -21.56 -2.06
C GLU F 247 -12.58 -21.14 -3.48
N GLN F 248 -13.48 -20.17 -3.64
CA GLN F 248 -13.81 -19.65 -4.96
C GLN F 248 -12.61 -18.97 -5.61
N ASN F 249 -11.83 -18.22 -4.83
CA ASN F 249 -10.63 -17.58 -5.38
C ASN F 249 -9.58 -18.62 -5.79
N ARG F 250 -9.40 -19.67 -4.98
CA ARG F 250 -8.45 -20.72 -5.31
C ARG F 250 -8.87 -21.47 -6.57
N PHE F 251 -10.17 -21.78 -6.69
CA PHE F 251 -10.69 -22.41 -7.90
C PHE F 251 -10.56 -21.50 -9.11
N SER F 252 -10.73 -20.20 -8.93
CA SER F 252 -10.56 -19.24 -10.02
C SER F 252 -9.12 -19.23 -10.51
N HIS F 253 -8.17 -19.21 -9.58
CA HIS F 253 -6.75 -19.23 -9.96
C HIS F 253 -6.38 -20.53 -10.65
N LEU F 254 -6.93 -21.65 -10.18
CA LEU F 254 -6.66 -22.94 -10.82
C LEU F 254 -7.25 -23.00 -12.23
N LEU F 255 -8.47 -22.46 -12.42
CA LEU F 255 -9.04 -22.42 -13.76
C LEU F 255 -8.25 -21.50 -14.69
N ARG F 256 -7.72 -20.39 -14.16
CA ARG F 256 -6.88 -19.52 -14.98
C ARG F 256 -5.59 -20.21 -15.38
N GLN F 257 -4.98 -20.96 -14.46
CA GLN F 257 -3.75 -21.68 -14.80
C GLN F 257 -4.01 -22.81 -15.79
N THR F 258 -5.17 -23.46 -15.72
CA THR F 258 -5.49 -24.46 -16.73
C THR F 258 -5.82 -23.83 -18.07
N LEU F 259 -6.43 -22.63 -18.07
CA LEU F 259 -6.82 -21.99 -19.33
C LEU F 259 -5.62 -21.43 -20.08
N ARG F 260 -4.70 -20.78 -19.36
CA ARG F 260 -3.55 -20.15 -20.00
C ARG F 260 -2.65 -21.17 -20.68
N TYR F 261 -2.43 -22.31 -20.03
CA TYR F 261 -1.56 -23.36 -20.54
C TYR F 261 -2.32 -24.47 -21.23
N GLN F 262 -3.44 -24.16 -21.87
CA GLN F 262 -4.20 -25.11 -22.68
C GLN F 262 -4.04 -24.85 -24.17
N THR F 263 -4.11 -23.60 -24.60
CA THR F 263 -3.93 -23.21 -25.99
C THR F 263 -2.63 -22.44 -26.18
N ASP F 264 -1.58 -22.85 -25.46
CA ASP F 264 -0.31 -22.14 -25.48
C ASP F 264 0.48 -22.33 -26.78
N SER F 265 0.06 -23.26 -27.65
CA SER F 265 0.72 -23.43 -28.93
C SER F 265 0.43 -22.29 -29.90
N ASP F 266 -0.68 -21.57 -29.71
CA ASP F 266 -1.01 -20.46 -30.58
C ASP F 266 -1.50 -19.22 -29.83
N LEU F 267 -1.61 -19.26 -28.51
CA LEU F 267 -1.97 -18.09 -27.71
C LEU F 267 -0.91 -17.89 -26.64
N GLY F 268 -0.44 -16.65 -26.51
CA GLY F 268 0.52 -16.31 -25.49
C GLY F 268 -0.11 -15.50 -24.37
N TRP F 269 0.57 -15.41 -23.23
CA TRP F 269 0.07 -14.67 -22.07
C TRP F 269 1.09 -13.63 -21.67
N ASP F 270 0.62 -12.40 -21.40
CA ASP F 270 1.53 -11.37 -20.90
C ASP F 270 1.17 -10.98 -19.47
N LYS F 271 2.21 -10.72 -18.68
CA LYS F 271 2.03 -10.46 -17.25
C LYS F 271 1.44 -9.08 -16.99
N ASP F 272 1.61 -8.14 -17.90
CA ASP F 272 0.95 -6.85 -17.80
C ASP F 272 -0.35 -6.88 -18.59
N HIS F 273 -1.40 -6.30 -18.01
CA HIS F 273 -2.76 -6.12 -18.56
C HIS F 273 -3.49 -7.47 -18.54
N LYS F 274 -2.78 -8.56 -18.23
CA LYS F 274 -3.33 -9.90 -18.01
C LYS F 274 -4.12 -10.41 -19.21
N ALA F 275 -3.41 -10.59 -20.32
CA ALA F 275 -4.06 -10.89 -21.59
C ALA F 275 -3.50 -12.15 -22.25
N LEU F 276 -4.41 -12.90 -22.88
CA LEU F 276 -4.09 -14.01 -23.78
C LEU F 276 -4.21 -13.51 -25.21
N TYR F 277 -3.08 -13.20 -25.82
CA TYR F 277 -2.99 -12.63 -27.16
C TYR F 277 -2.66 -13.72 -28.18
N PHE F 278 -2.86 -13.38 -29.46
CA PHE F 278 -2.49 -14.29 -30.52
C PHE F 278 -0.98 -14.33 -30.70
N ARG F 279 -0.47 -15.49 -31.09
CA ARG F 279 0.96 -15.68 -31.27
C ARG F 279 1.37 -15.32 -32.69
N ALA F 280 2.59 -14.83 -32.83
CA ALA F 280 3.17 -14.50 -34.13
C ALA F 280 4.18 -15.58 -34.49
N ILE F 281 4.00 -16.18 -35.67
CA ILE F 281 4.92 -17.23 -36.12
C ILE F 281 6.28 -16.65 -36.47
N GLU F 282 6.30 -15.49 -37.09
CA GLU F 282 7.53 -14.83 -37.51
C GLU F 282 7.29 -13.32 -37.48
N ARG F 283 8.11 -12.58 -38.19
CA ARG F 283 7.88 -11.15 -38.40
C ARG F 283 7.09 -10.94 -39.69
N GLU F 284 6.33 -9.83 -39.74
CA GLU F 284 5.47 -9.44 -40.86
C GLU F 284 4.45 -10.55 -41.17
N VAL F 285 3.58 -10.77 -40.18
CA VAL F 285 2.70 -11.94 -40.18
C VAL F 285 1.51 -11.72 -41.11
N SER F 286 1.13 -12.77 -41.83
CA SER F 286 0.00 -12.74 -42.74
C SER F 286 -0.99 -13.84 -42.38
N ARG F 287 -1.34 -13.92 -41.10
CA ARG F 287 -2.14 -15.02 -40.55
C ARG F 287 -3.46 -14.51 -39.98
N ASN F 288 -4.20 -13.73 -40.77
CA ASN F 288 -5.51 -13.26 -40.36
C ASN F 288 -6.45 -14.45 -40.15
N PHE F 289 -7.27 -14.37 -39.10
CA PHE F 289 -7.98 -15.55 -38.61
C PHE F 289 -9.39 -15.59 -39.18
N ALA F 290 -9.72 -16.69 -39.85
CA ALA F 290 -11.03 -16.88 -40.46
C ALA F 290 -11.75 -18.03 -39.76
N TYR F 291 -12.98 -17.80 -39.33
CA TYR F 291 -13.77 -18.83 -38.68
C TYR F 291 -15.17 -18.84 -39.29
N THR F 292 -15.83 -19.99 -39.21
CA THR F 292 -17.15 -20.16 -39.80
C THR F 292 -18.25 -19.74 -38.83
N SER F 293 -19.28 -19.11 -39.36
CA SER F 293 -20.46 -18.71 -38.60
C SER F 293 -21.70 -19.27 -39.29
N SER F 294 -22.87 -18.90 -38.76
CA SER F 294 -24.12 -19.40 -39.32
C SER F 294 -24.45 -18.72 -40.65
N LYS F 295 -24.14 -17.42 -40.77
CA LYS F 295 -24.45 -16.68 -41.98
C LYS F 295 -23.39 -16.93 -43.06
N LYS F 296 -22.15 -16.57 -42.78
CA LYS F 296 -21.05 -16.75 -43.71
C LYS F 296 -19.75 -16.78 -42.91
N LYS F 297 -18.65 -17.02 -43.61
CA LYS F 297 -17.34 -17.06 -42.98
C LYS F 297 -16.92 -15.66 -42.56
N THR F 298 -16.48 -15.52 -41.31
CA THR F 298 -16.10 -14.22 -40.76
C THR F 298 -14.60 -14.21 -40.54
N ASP F 299 -13.94 -13.21 -41.10
CA ASP F 299 -12.49 -13.02 -40.98
C ASP F 299 -12.19 -11.87 -40.04
N ALA F 300 -11.04 -11.96 -39.37
CA ALA F 300 -10.58 -10.92 -38.47
C ALA F 300 -9.10 -10.70 -38.70
N ASN F 301 -8.69 -9.43 -38.71
CA ASN F 301 -7.30 -9.05 -38.91
C ASN F 301 -6.55 -9.09 -37.57
N VAL F 302 -6.29 -10.32 -37.12
CA VAL F 302 -5.62 -10.54 -35.84
C VAL F 302 -4.10 -10.41 -35.94
N VAL F 303 -3.57 -10.08 -37.12
CA VAL F 303 -2.13 -9.99 -37.32
C VAL F 303 -1.78 -8.63 -37.93
N SER F 304 -2.57 -7.61 -37.60
CA SER F 304 -2.46 -6.31 -38.28
C SER F 304 -1.12 -5.64 -38.00
N VAL F 305 -0.50 -5.15 -39.07
CA VAL F 305 0.82 -4.51 -39.03
C VAL F 305 0.70 -3.15 -39.71
N PHE F 306 1.27 -2.12 -39.08
CA PHE F 306 1.26 -0.77 -39.62
C PHE F 306 2.65 -0.34 -40.04
N VAL F 318 3.19 -4.07 -35.28
CA VAL F 318 2.24 -5.17 -35.30
C VAL F 318 1.42 -5.19 -34.01
N ARG F 319 0.12 -5.38 -34.14
CA ARG F 319 -0.77 -5.56 -33.01
C ARG F 319 -1.70 -6.74 -33.28
N HIS F 320 -2.14 -7.38 -32.21
CA HIS F 320 -3.00 -8.56 -32.32
C HIS F 320 -4.27 -8.38 -31.49
N HIS F 321 -5.01 -9.47 -31.32
CA HIS F 321 -6.22 -9.46 -30.49
C HIS F 321 -5.97 -10.28 -29.22
N ALA F 322 -6.66 -9.88 -28.15
CA ALA F 322 -6.47 -10.51 -26.84
C ALA F 322 -7.79 -10.49 -26.09
N PHE F 323 -7.74 -10.94 -24.84
CA PHE F 323 -8.83 -10.82 -23.89
C PHE F 323 -8.26 -10.98 -22.49
N SER F 324 -8.90 -10.32 -21.52
CA SER F 324 -8.45 -10.55 -20.15
C SER F 324 -9.45 -11.47 -19.44
N PRO F 325 -8.97 -12.55 -18.82
CA PRO F 325 -9.86 -13.49 -18.15
C PRO F 325 -10.04 -13.23 -16.67
N ARG F 326 -11.22 -13.61 -16.18
CA ARG F 326 -11.53 -13.59 -14.76
C ARG F 326 -12.51 -14.72 -14.48
N PHE F 327 -12.52 -15.21 -13.25
CA PHE F 327 -13.42 -16.30 -12.88
C PHE F 327 -14.15 -15.98 -11.59
N GLU F 328 -15.41 -16.38 -11.51
CA GLU F 328 -16.19 -16.33 -10.28
C GLU F 328 -17.32 -17.34 -10.41
N LEU F 329 -18.00 -17.61 -9.30
CA LEU F 329 -18.88 -18.77 -9.23
C LEU F 329 -20.33 -18.41 -9.58
N MET F 330 -20.86 -17.33 -9.00
CA MET F 330 -22.22 -16.83 -9.26
C MET F 330 -23.31 -17.85 -8.90
N ALA F 331 -23.03 -18.73 -7.94
CA ALA F 331 -23.96 -19.61 -7.23
C ALA F 331 -24.64 -20.68 -8.08
N ASP F 332 -24.39 -20.74 -9.38
CA ASP F 332 -25.02 -21.77 -10.22
C ASP F 332 -24.07 -22.46 -11.18
N GLN F 333 -22.94 -21.86 -11.54
CA GLN F 333 -22.01 -22.41 -12.53
C GLN F 333 -20.59 -21.98 -12.11
N TRP F 334 -19.67 -21.96 -13.06
CA TRP F 334 -18.32 -21.46 -12.81
C TRP F 334 -17.84 -20.57 -13.95
N TYR F 335 -18.64 -19.53 -14.26
CA TYR F 335 -18.46 -18.72 -15.46
C TYR F 335 -17.08 -18.07 -15.56
N LEU F 336 -16.56 -18.03 -16.79
CA LEU F 336 -15.36 -17.27 -17.14
C LEU F 336 -15.76 -15.97 -17.83
N ILE F 337 -15.35 -14.84 -17.27
CA ILE F 337 -15.60 -13.53 -17.85
C ILE F 337 -14.40 -13.14 -18.69
N ILE F 338 -14.65 -12.71 -19.91
CA ILE F 338 -13.62 -12.32 -20.86
C ILE F 338 -13.82 -10.84 -21.20
N THR F 339 -12.73 -10.08 -21.20
CA THR F 339 -12.80 -8.70 -21.67
C THR F 339 -12.08 -8.62 -23.01
N PRO F 340 -12.78 -8.45 -24.12
CA PRO F 340 -12.15 -8.47 -25.46
C PRO F 340 -11.38 -7.19 -25.80
N THR F 341 -10.16 -7.12 -25.30
CA THR F 341 -9.28 -5.99 -25.57
C THR F 341 -8.31 -6.31 -26.71
N TYR F 342 -8.02 -5.30 -27.51
CA TYR F 342 -6.95 -5.42 -28.49
C TYR F 342 -5.59 -5.44 -27.78
N TYR F 343 -4.61 -6.08 -28.42
CA TYR F 343 -3.28 -6.16 -27.84
C TYR F 343 -2.57 -4.80 -27.90
N TYR F 344 -2.44 -4.25 -29.11
CA TYR F 344 -2.04 -2.86 -29.40
C TYR F 344 -0.59 -2.51 -29.04
N THR F 345 0.16 -3.43 -28.45
CA THR F 345 1.48 -3.11 -27.93
C THR F 345 2.35 -4.37 -28.03
N THR F 346 3.67 -4.18 -27.88
CA THR F 346 4.69 -5.22 -27.68
C THR F 346 4.77 -6.10 -28.92
N ASN F 347 4.36 -7.38 -28.86
CA ASN F 347 4.51 -8.41 -29.89
C ASN F 347 5.97 -8.74 -30.20
N GLY F 348 6.18 -9.81 -30.96
CA GLY F 348 7.52 -10.40 -31.08
C GLY F 348 8.47 -9.68 -32.01
N TYR F 349 7.97 -8.75 -32.82
CA TYR F 349 8.85 -8.03 -33.74
C TYR F 349 9.79 -7.09 -32.99
N ALA F 350 9.24 -6.39 -31.99
CA ALA F 350 10.04 -5.50 -31.17
C ALA F 350 9.57 -5.73 -29.75
N PRO F 351 10.51 -5.95 -28.81
CA PRO F 351 10.05 -6.28 -27.45
C PRO F 351 8.94 -5.38 -26.90
N HIS F 352 9.20 -4.08 -26.75
CA HIS F 352 8.21 -3.21 -26.12
C HIS F 352 7.94 -1.89 -26.85
N GLN F 353 8.31 -1.81 -28.11
CA GLN F 353 8.06 -0.61 -28.90
C GLN F 353 8.37 0.66 -28.10
N PHE F 354 9.40 0.61 -27.26
CA PHE F 354 9.81 1.77 -26.49
C PHE F 354 8.66 2.46 -25.77
N ALA F 355 7.85 1.70 -25.05
CA ALA F 355 6.76 2.29 -24.25
C ALA F 355 5.97 3.32 -25.06
N ALA F 356 5.31 2.83 -26.11
CA ALA F 356 4.49 3.69 -26.98
C ALA F 356 3.35 2.90 -27.60
N PRO F 357 2.24 2.75 -26.88
CA PRO F 357 1.03 2.21 -27.49
C PRO F 357 0.40 3.20 -28.46
N LEU F 358 -0.50 2.68 -29.29
CA LEU F 358 -1.30 3.50 -30.19
C LEU F 358 -2.75 3.01 -30.13
N LEU F 359 -3.59 3.73 -29.41
CA LEU F 359 -4.97 3.33 -29.22
C LEU F 359 -5.84 4.57 -28.99
N ALA F 360 -7.13 4.41 -29.23
CA ALA F 360 -8.08 5.49 -29.00
C ALA F 360 -9.35 5.07 -28.26
N GLY F 361 -9.61 3.77 -28.10
CA GLY F 361 -10.82 3.31 -27.43
C GLY F 361 -12.08 3.62 -28.19
N LYS F 362 -12.05 3.51 -29.52
CA LYS F 362 -13.19 3.88 -30.36
C LYS F 362 -14.16 2.71 -30.47
N LYS F 363 -14.97 2.55 -29.43
CA LYS F 363 -16.04 1.57 -29.40
C LYS F 363 -17.37 2.27 -29.63
N ARG F 364 -18.36 1.51 -30.07
CA ARG F 364 -19.63 2.06 -30.53
C ARG F 364 -20.77 1.74 -29.58
N LEU F 365 -21.62 2.72 -29.34
CA LEU F 365 -22.86 2.57 -28.58
C LEU F 365 -24.01 2.79 -29.55
N ASP F 366 -24.53 1.70 -30.10
CA ASP F 366 -25.56 1.73 -31.13
C ASP F 366 -26.43 0.49 -30.93
N LYS F 367 -27.18 0.11 -31.96
CA LYS F 367 -27.99 -1.11 -31.89
C LYS F 367 -27.11 -2.36 -31.77
N SER F 368 -25.89 -2.31 -32.31
CA SER F 368 -24.92 -3.37 -32.16
C SER F 368 -23.62 -2.77 -31.61
N ALA F 369 -22.61 -3.63 -31.44
CA ALA F 369 -21.34 -3.19 -30.89
C ALA F 369 -20.23 -4.06 -31.46
N ALA F 370 -18.99 -3.76 -31.06
CA ALA F 370 -17.83 -4.54 -31.47
C ALA F 370 -17.23 -5.38 -30.36
N LEU F 371 -17.47 -5.02 -29.08
CA LEU F 371 -17.04 -5.87 -27.98
C LEU F 371 -17.82 -7.18 -27.95
N ARG F 372 -19.13 -7.10 -28.17
CA ARG F 372 -19.94 -8.30 -28.36
C ARG F 372 -19.48 -9.09 -29.57
N GLY F 373 -19.14 -8.38 -30.65
CA GLY F 373 -18.49 -8.95 -31.81
C GLY F 373 -17.24 -9.72 -31.43
N GLN F 374 -16.26 -9.06 -30.80
CA GLN F 374 -14.99 -9.70 -30.48
C GLN F 374 -15.14 -10.82 -29.45
N VAL F 375 -16.20 -10.79 -28.63
CA VAL F 375 -16.51 -11.96 -27.82
C VAL F 375 -16.96 -13.12 -28.70
N ILE F 376 -17.79 -12.84 -29.70
CA ILE F 376 -18.30 -13.90 -30.58
C ILE F 376 -17.19 -14.47 -31.46
N MET F 377 -16.36 -13.61 -32.06
CA MET F 377 -15.29 -14.10 -32.94
C MET F 377 -14.05 -14.55 -32.17
N TRP F 378 -14.18 -14.91 -30.91
CA TRP F 378 -13.10 -15.61 -30.20
C TRP F 378 -13.58 -17.02 -29.94
N HIS F 379 -13.17 -17.95 -30.81
CA HIS F 379 -13.46 -19.36 -30.66
C HIS F 379 -12.20 -20.17 -30.35
N ARG F 380 -11.15 -19.50 -29.90
CA ARG F 380 -9.83 -20.12 -29.76
C ARG F 380 -9.61 -20.76 -28.40
N PHE F 381 -10.55 -20.66 -27.47
CA PHE F 381 -10.42 -21.39 -26.21
C PHE F 381 -11.09 -22.76 -26.27
N LEU F 382 -11.95 -22.99 -27.26
CA LEU F 382 -12.66 -24.26 -27.40
C LEU F 382 -11.72 -25.35 -27.89
N TYR F 400 -12.01 -31.97 -19.19
CA TYR F 400 -11.68 -30.95 -20.18
C TYR F 400 -12.45 -29.67 -19.91
N LEU F 401 -11.77 -28.54 -20.04
CA LEU F 401 -12.41 -27.23 -19.85
C LEU F 401 -13.28 -26.95 -21.07
N MET F 402 -14.47 -27.54 -21.07
CA MET F 402 -15.41 -27.42 -22.19
C MET F 402 -16.29 -26.21 -21.93
N PHE F 403 -15.91 -25.08 -22.52
CA PHE F 403 -16.66 -23.84 -22.33
C PHE F 403 -17.99 -23.89 -23.08
N GLY F 404 -19.06 -23.60 -22.38
CA GLY F 404 -20.35 -23.46 -23.02
C GLY F 404 -20.49 -22.11 -23.69
N GLU F 405 -21.58 -21.96 -24.43
CA GLU F 405 -21.86 -20.69 -25.08
C GLU F 405 -22.21 -19.63 -24.04
N PRO F 406 -21.81 -18.38 -24.25
CA PRO F 406 -22.23 -17.31 -23.35
C PRO F 406 -23.74 -17.18 -23.34
N PRO F 407 -24.34 -16.79 -22.19
CA PRO F 407 -25.78 -17.01 -21.95
C PRO F 407 -26.72 -16.36 -22.95
N SER F 408 -26.68 -15.02 -23.05
CA SER F 408 -27.47 -14.23 -24.00
C SER F 408 -28.97 -14.50 -23.87
N ILE F 409 -29.43 -14.71 -22.64
CA ILE F 409 -30.85 -14.91 -22.36
C ILE F 409 -31.33 -13.66 -21.64
N HIS F 410 -31.94 -12.75 -22.39
CA HIS F 410 -32.40 -11.48 -21.84
C HIS F 410 -33.71 -11.09 -22.50
N LEU F 411 -34.43 -10.16 -21.86
CA LEU F 411 -35.64 -9.59 -22.40
C LEU F 411 -35.48 -8.12 -22.75
N ASP F 412 -35.02 -7.30 -21.79
CA ASP F 412 -34.69 -5.88 -21.97
C ASP F 412 -35.89 -5.07 -22.46
N VAL F 413 -36.93 -5.04 -21.63
CA VAL F 413 -38.13 -4.28 -21.95
C VAL F 413 -37.85 -2.78 -21.86
#